data_8EIS
#
_entry.id   8EIS
#
_cell.length_a   1.00
_cell.length_b   1.00
_cell.length_c   1.00
_cell.angle_alpha   90.00
_cell.angle_beta   90.00
_cell.angle_gamma   90.00
#
_symmetry.space_group_name_H-M   'P 1'
#
loop_
_entity.id
_entity.type
_entity.pdbx_description
1 polymer 'Octopus sensory receptor'
2 non-polymer 2-acetamido-2-deoxy-beta-D-glucopyranose
3 non-polymer "2-[2-[(1~{S},2~{S},4~{S},5'~{R},6~{R},7~{S},8~{R},9~{S},12~{S},13~{R},16~{S})-5',7,9,13-tetramethylspiro[5-oxapentacyclo[10.8.0.0^{2,9}.0^{4,8}.0^{13,18}]icos-18-ene-6,2'-oxane]-16-yl]oxyethyl]propane-1,3-diol"
#
_entity_poly.entity_id   1
_entity_poly.type   'polypeptide(L)'
_entity_poly.pdbx_seq_one_letter_code
;TPTYGDERLLREKLLTNYSKSIRPVINLTKVVDVTALLYLQTLYDLDFVNNFIMARYYLGLIWIDEKLTWNPLDYNNITS
IYLPKDKIWTPPIKMCNSMDKSEENDGVGELMLTYTGWINMWSFRLLHTYCQINAYTYPFDEHTCEIYLCVALHTINHTR
IKELIYEDSKFTQNYKWDINVSGKVNGTDELFSYAFAPMYLRRKLTVGIIAMLIPTVMMTILTIFVFLLPPESGEKVSLA
TTIFLSNVLYLVQIDKTTPTNTKYPSLLMLYLMLLSMLSGIATLGSVVISKLYVIQSPSLRKSNPSDQNMNKSHTNKVAD
ISTISKVQSDLPIREKPNEKRIYCISDYIRLDDIFLKLSIATSVIISMIFTCLLFIPLE
;
_entity_poly.pdbx_strand_id   A,B,C,D,E
#
# COMPACT_ATOMS: atom_id res chain seq x y z
N THR A 1 -38.33 36.34 -8.93
CA THR A 1 -37.10 35.58 -8.79
C THR A 1 -37.36 34.11 -9.09
N PRO A 2 -36.33 33.40 -9.57
CA PRO A 2 -36.50 31.97 -9.83
C PRO A 2 -36.69 31.21 -8.53
N THR A 3 -37.43 30.12 -8.61
CA THR A 3 -37.79 29.32 -7.45
C THR A 3 -37.38 27.87 -7.67
N TYR A 4 -37.63 27.05 -6.64
CA TYR A 4 -37.34 25.62 -6.72
C TYR A 4 -38.13 24.96 -7.84
N GLY A 5 -39.41 25.31 -7.98
CA GLY A 5 -40.22 24.72 -9.02
C GLY A 5 -39.75 25.10 -10.41
N ASP A 6 -39.28 26.34 -10.57
CA ASP A 6 -38.75 26.76 -11.87
C ASP A 6 -37.56 25.92 -12.28
N GLU A 7 -36.63 25.69 -11.35
CA GLU A 7 -35.48 24.86 -11.69
C GLU A 7 -35.88 23.40 -11.88
N ARG A 8 -36.89 22.93 -11.16
CA ARG A 8 -37.37 21.58 -11.41
C ARG A 8 -37.92 21.45 -12.82
N LEU A 9 -38.71 22.44 -13.28
CA LEU A 9 -39.20 22.43 -14.64
C LEU A 9 -38.06 22.48 -15.65
N LEU A 10 -37.08 23.35 -15.41
CA LEU A 10 -35.96 23.46 -16.34
C LEU A 10 -35.21 22.14 -16.46
N ARG A 11 -34.84 21.54 -15.33
CA ARG A 11 -34.13 20.28 -15.37
C ARG A 11 -34.96 19.18 -15.99
N GLU A 12 -36.29 19.23 -15.82
CA GLU A 12 -37.14 18.25 -16.48
C GLU A 12 -37.10 18.41 -18.00
N LYS A 13 -37.10 19.65 -18.49
CA LYS A 13 -37.13 19.85 -19.93
C LYS A 13 -35.75 19.56 -20.55
N LEU A 14 -34.68 19.89 -19.86
CA LEU A 14 -33.35 19.76 -20.44
C LEU A 14 -33.02 18.31 -20.79
N LEU A 15 -33.37 17.38 -19.90
CA LEU A 15 -32.97 15.99 -20.02
C LEU A 15 -33.98 15.13 -20.75
N THR A 16 -35.02 15.72 -21.32
CA THR A 16 -36.14 14.94 -21.85
C THR A 16 -35.71 13.99 -22.96
N ASN A 17 -35.19 14.50 -24.06
CA ASN A 17 -34.74 13.68 -25.19
C ASN A 17 -33.23 13.69 -25.31
N TYR A 18 -32.54 13.66 -24.17
CA TYR A 18 -31.10 13.74 -24.11
C TYR A 18 -30.51 12.36 -23.95
N SER A 19 -29.48 12.05 -24.73
CA SER A 19 -28.76 10.79 -24.64
C SER A 19 -27.36 11.07 -24.12
N LYS A 20 -27.03 10.51 -22.96
CA LYS A 20 -25.75 10.73 -22.33
C LYS A 20 -24.59 10.16 -23.15
N SER A 21 -24.85 9.17 -24.00
CA SER A 21 -23.79 8.52 -24.75
C SER A 21 -23.63 9.06 -26.16
N ILE A 22 -24.49 9.96 -26.61
CA ILE A 22 -24.34 10.59 -27.91
C ILE A 22 -23.58 11.89 -27.73
N ARG A 23 -22.63 12.11 -28.60
CA ARG A 23 -21.81 13.31 -28.55
C ARG A 23 -22.66 14.54 -28.81
N PRO A 24 -22.56 15.59 -28.00
CA PRO A 24 -23.60 16.62 -27.94
C PRO A 24 -23.50 17.69 -29.02
N VAL A 25 -23.76 17.29 -30.26
CA VAL A 25 -23.74 18.21 -31.40
C VAL A 25 -24.99 17.95 -32.23
N ILE A 26 -25.58 19.02 -32.76
CA ILE A 26 -26.75 18.87 -33.62
C ILE A 26 -26.38 18.04 -34.85
N ASN A 27 -25.30 18.42 -35.51
CA ASN A 27 -24.80 17.71 -36.67
C ASN A 27 -23.60 16.87 -36.24
N LEU A 28 -23.66 15.57 -36.51
CA LEU A 28 -22.62 14.68 -36.04
C LEU A 28 -21.28 14.92 -36.72
N THR A 29 -21.25 15.73 -37.77
CA THR A 29 -20.00 16.06 -38.44
C THR A 29 -19.17 17.11 -37.70
N LYS A 30 -19.74 17.76 -36.70
CA LYS A 30 -19.03 18.78 -35.94
C LYS A 30 -18.22 18.16 -34.81
N VAL A 31 -17.10 18.80 -34.48
CA VAL A 31 -16.27 18.36 -33.38
C VAL A 31 -16.68 19.12 -32.12
N VAL A 32 -16.40 18.52 -30.98
CA VAL A 32 -16.55 19.21 -29.69
C VAL A 32 -15.15 19.61 -29.26
N ASP A 33 -14.89 20.91 -29.21
CA ASP A 33 -13.60 21.43 -28.81
C ASP A 33 -13.58 21.63 -27.30
N VAL A 34 -12.69 20.92 -26.63
CA VAL A 34 -12.56 20.96 -25.19
C VAL A 34 -11.32 21.77 -24.86
N THR A 35 -11.45 22.73 -23.95
CA THR A 35 -10.30 23.44 -23.44
C THR A 35 -10.04 22.99 -22.01
N ALA A 36 -8.82 22.52 -21.76
CA ALA A 36 -8.42 21.98 -20.47
C ALA A 36 -7.57 23.00 -19.73
N LEU A 37 -7.74 23.05 -18.42
CA LEU A 37 -7.00 23.96 -17.55
C LEU A 37 -6.45 23.14 -16.39
N LEU A 38 -5.14 23.02 -16.33
CA LEU A 38 -4.47 22.23 -15.31
C LEU A 38 -3.69 23.16 -14.39
N TYR A 39 -4.09 23.21 -13.12
CA TYR A 39 -3.42 24.06 -12.14
C TYR A 39 -2.78 23.18 -11.08
N LEU A 40 -1.47 23.29 -10.91
CA LEU A 40 -0.82 22.60 -9.81
C LEU A 40 -1.25 23.22 -8.49
N GLN A 41 -1.67 22.38 -7.55
CA GLN A 41 -1.94 22.86 -6.19
C GLN A 41 -0.71 22.68 -5.31
N THR A 42 -0.27 21.44 -5.12
CA THR A 42 0.97 21.16 -4.41
C THR A 42 1.72 20.05 -5.12
N LEU A 43 3.03 20.13 -5.07
CA LEU A 43 3.91 19.08 -5.58
C LEU A 43 4.33 18.25 -4.38
N TYR A 44 3.74 17.07 -4.22
CA TYR A 44 3.99 16.27 -3.05
C TYR A 44 5.42 15.77 -3.02
N ASP A 45 5.88 15.16 -4.10
CA ASP A 45 7.22 14.59 -4.09
C ASP A 45 7.69 14.34 -5.50
N LEU A 46 9.00 14.13 -5.64
CA LEU A 46 9.63 13.77 -6.91
C LEU A 46 10.50 12.56 -6.61
N ASP A 47 9.93 11.37 -6.77
CA ASP A 47 10.56 10.12 -6.38
C ASP A 47 11.59 9.71 -7.41
N PHE A 48 12.87 9.73 -7.02
CA PHE A 48 13.95 9.45 -7.94
C PHE A 48 14.07 7.96 -8.25
N VAL A 49 13.94 7.11 -7.23
CA VAL A 49 14.17 5.69 -7.45
C VAL A 49 13.06 5.09 -8.32
N ASN A 50 11.82 5.56 -8.14
CA ASN A 50 10.72 5.10 -8.97
C ASN A 50 10.52 5.93 -10.22
N ASN A 51 11.29 7.01 -10.40
CA ASN A 51 11.15 7.86 -11.59
C ASN A 51 9.76 8.46 -11.69
N PHE A 52 9.14 8.79 -10.57
CA PHE A 52 7.79 9.32 -10.56
C PHE A 52 7.79 10.72 -9.99
N ILE A 53 6.72 11.45 -10.24
CA ILE A 53 6.44 12.69 -9.53
C ILE A 53 5.00 12.64 -9.07
N MET A 54 4.80 12.84 -7.77
CA MET A 54 3.48 12.82 -7.15
C MET A 54 3.05 14.25 -6.89
N ALA A 55 1.90 14.63 -7.44
CA ALA A 55 1.41 15.99 -7.25
C ALA A 55 -0.10 15.99 -7.22
N ARG A 56 -0.66 17.12 -6.85
CA ARG A 56 -2.09 17.36 -6.82
C ARG A 56 -2.41 18.48 -7.79
N TYR A 57 -3.44 18.29 -8.62
CA TYR A 57 -3.83 19.26 -9.62
C TYR A 57 -5.31 19.53 -9.53
N TYR A 58 -5.69 20.70 -10.00
CA TYR A 58 -7.08 21.08 -10.18
C TYR A 58 -7.28 21.18 -11.68
N LEU A 59 -8.08 20.28 -12.22
CA LEU A 59 -8.28 20.14 -13.66
C LEU A 59 -9.68 20.56 -14.02
N GLY A 60 -9.79 21.48 -14.99
CA GLY A 60 -11.07 21.95 -15.43
C GLY A 60 -11.25 21.82 -16.93
N LEU A 61 -12.31 21.17 -17.35
CA LEU A 61 -12.64 21.01 -18.76
C LEU A 61 -13.80 21.93 -19.10
N ILE A 62 -13.68 22.65 -20.19
CA ILE A 62 -14.72 23.56 -20.64
C ILE A 62 -15.09 23.21 -22.07
N TRP A 63 -16.39 23.06 -22.33
CA TRP A 63 -16.85 22.77 -23.67
C TRP A 63 -18.26 23.30 -23.82
N ILE A 64 -18.88 23.03 -24.98
CA ILE A 64 -20.21 23.54 -25.28
C ILE A 64 -21.12 22.38 -25.66
N ASP A 65 -22.28 22.32 -25.01
CA ASP A 65 -23.36 21.39 -25.35
C ASP A 65 -24.46 22.14 -26.09
N GLU A 66 -24.85 21.61 -27.25
CA GLU A 66 -25.87 22.24 -28.06
C GLU A 66 -27.27 21.69 -27.78
N LYS A 67 -27.38 20.54 -27.13
CA LYS A 67 -28.64 20.01 -26.66
C LYS A 67 -29.12 20.65 -25.36
N LEU A 68 -28.25 21.35 -24.65
CA LEU A 68 -28.57 21.82 -23.31
C LEU A 68 -28.60 23.35 -23.24
N THR A 69 -29.26 23.99 -24.20
CA THR A 69 -29.47 25.43 -24.17
C THR A 69 -30.92 25.72 -23.80
N TRP A 70 -31.14 26.93 -23.29
CA TRP A 70 -32.49 27.35 -22.93
C TRP A 70 -32.55 28.86 -22.89
N ASN A 71 -33.77 29.39 -22.89
CA ASN A 71 -34.00 30.81 -22.82
C ASN A 71 -34.30 31.19 -21.38
N PRO A 72 -33.43 31.94 -20.69
CA PRO A 72 -33.67 32.21 -19.26
C PRO A 72 -34.95 32.96 -18.98
N LEU A 73 -35.51 33.68 -19.96
CA LEU A 73 -36.75 34.40 -19.72
C LEU A 73 -37.94 33.47 -19.60
N ASP A 74 -37.83 32.23 -20.08
CA ASP A 74 -38.91 31.27 -19.93
C ASP A 74 -38.87 30.51 -18.61
N TYR A 75 -37.87 30.77 -17.78
CA TYR A 75 -37.70 30.06 -16.52
C TYR A 75 -37.37 31.03 -15.40
N ASN A 76 -38.04 32.18 -15.40
CA ASN A 76 -37.86 33.19 -14.36
C ASN A 76 -36.40 33.60 -14.25
N ASN A 77 -35.71 33.64 -15.39
CA ASN A 77 -34.37 34.23 -15.45
C ASN A 77 -33.32 33.34 -14.80
N ILE A 78 -33.44 32.03 -14.96
CA ILE A 78 -32.39 31.10 -14.55
C ILE A 78 -31.33 31.07 -15.64
N THR A 79 -30.10 31.42 -15.29
CA THR A 79 -29.03 31.52 -16.27
C THR A 79 -28.00 30.41 -16.18
N SER A 80 -27.99 29.65 -15.09
CA SER A 80 -27.05 28.55 -14.96
C SER A 80 -27.57 27.57 -13.92
N ILE A 81 -27.31 26.29 -14.16
CA ILE A 81 -27.68 25.22 -13.23
C ILE A 81 -26.46 24.35 -13.00
N TYR A 82 -26.60 23.46 -12.01
CA TYR A 82 -25.56 22.49 -11.69
C TYR A 82 -26.15 21.10 -11.82
N LEU A 83 -25.52 20.26 -12.64
CA LEU A 83 -26.02 18.94 -12.91
C LEU A 83 -25.03 17.89 -12.41
N PRO A 84 -25.51 16.69 -12.06
CA PRO A 84 -24.57 15.60 -11.77
C PRO A 84 -23.81 15.20 -13.01
N LYS A 85 -22.51 14.98 -12.83
CA LYS A 85 -21.63 14.73 -13.98
C LYS A 85 -22.03 13.47 -14.74
N ASP A 86 -22.74 12.54 -14.13
CA ASP A 86 -23.04 11.26 -14.75
C ASP A 86 -24.38 11.24 -15.48
N LYS A 87 -25.08 12.37 -15.55
CA LYS A 87 -26.32 12.47 -16.30
C LYS A 87 -26.10 13.05 -17.69
N ILE A 88 -24.92 13.59 -17.97
CA ILE A 88 -24.66 14.39 -19.16
C ILE A 88 -23.43 13.81 -19.85
N TRP A 89 -23.32 14.08 -21.14
CA TRP A 89 -22.11 13.74 -21.87
C TRP A 89 -20.94 14.55 -21.33
N THR A 90 -19.79 13.89 -21.20
CA THR A 90 -18.59 14.50 -20.67
C THR A 90 -17.44 14.03 -21.55
N PRO A 91 -16.51 14.91 -21.91
CA PRO A 91 -15.42 14.49 -22.79
C PRO A 91 -14.61 13.39 -22.15
N PRO A 92 -14.18 12.39 -22.93
CA PRO A 92 -13.42 11.27 -22.38
C PRO A 92 -11.92 11.55 -22.30
N ILE A 93 -11.56 12.55 -21.52
CA ILE A 93 -10.16 12.95 -21.35
C ILE A 93 -9.54 12.06 -20.29
N LYS A 94 -8.31 11.61 -20.54
CA LYS A 94 -7.58 10.75 -19.62
C LYS A 94 -6.22 11.35 -19.35
N MET A 95 -5.70 11.07 -18.15
CA MET A 95 -4.31 11.38 -17.83
C MET A 95 -3.49 10.16 -18.21
N CYS A 96 -3.23 10.03 -19.50
CA CYS A 96 -2.68 8.81 -20.08
C CYS A 96 -1.16 8.74 -20.02
N ASN A 97 -0.57 9.45 -19.07
CA ASN A 97 0.84 9.33 -18.73
C ASN A 97 1.01 9.15 -17.22
N SER A 98 -0.08 9.00 -16.48
CA SER A 98 -0.10 9.09 -15.04
C SER A 98 -0.92 7.95 -14.47
N MET A 99 -0.67 7.66 -13.20
CA MET A 99 -1.57 6.86 -12.38
C MET A 99 -2.43 7.82 -11.58
N ASP A 100 -3.74 7.75 -11.77
CA ASP A 100 -4.70 8.64 -11.13
C ASP A 100 -5.11 8.02 -9.80
N LYS A 101 -4.48 8.48 -8.72
CA LYS A 101 -4.70 7.93 -7.39
C LYS A 101 -5.75 8.71 -6.60
N SER A 102 -6.66 9.36 -7.29
CA SER A 102 -7.73 10.12 -6.63
C SER A 102 -8.76 9.17 -6.04
N GLU A 103 -9.39 9.61 -4.96
CA GLU A 103 -10.48 8.87 -4.34
C GLU A 103 -11.82 9.44 -4.77
N GLU A 104 -12.89 8.70 -4.46
CA GLU A 104 -14.23 9.21 -4.65
C GLU A 104 -14.57 10.30 -3.63
N ASN A 105 -13.82 10.37 -2.53
CA ASN A 105 -14.02 11.41 -1.54
C ASN A 105 -13.50 12.76 -2.02
N ASP A 106 -12.56 12.76 -2.95
CA ASP A 106 -12.05 13.97 -3.57
C ASP A 106 -12.68 14.21 -4.95
N GLY A 107 -13.75 13.50 -5.26
CA GLY A 107 -14.44 13.64 -6.54
C GLY A 107 -15.62 14.57 -6.43
N VAL A 108 -15.60 15.63 -7.23
CA VAL A 108 -16.68 16.62 -7.18
C VAL A 108 -17.99 16.00 -7.65
N GLY A 109 -17.96 15.31 -8.78
CA GLY A 109 -19.17 14.67 -9.28
C GLY A 109 -20.28 15.64 -9.61
N GLU A 110 -19.95 16.75 -10.27
CA GLU A 110 -20.96 17.74 -10.60
C GLU A 110 -20.35 18.78 -11.53
N LEU A 111 -21.17 19.32 -12.43
CA LEU A 111 -20.71 20.29 -13.40
C LEU A 111 -21.69 21.45 -13.48
N MET A 112 -21.22 22.58 -13.98
CA MET A 112 -22.02 23.79 -14.11
C MET A 112 -22.34 24.01 -15.58
N LEU A 113 -23.63 24.17 -15.88
CA LEU A 113 -24.12 24.40 -17.23
C LEU A 113 -24.74 25.78 -17.31
N THR A 114 -24.44 26.49 -18.39
CA THR A 114 -24.96 27.84 -18.62
C THR A 114 -25.99 27.80 -19.73
N TYR A 115 -26.86 28.80 -19.74
CA TYR A 115 -27.98 28.80 -20.68
C TYR A 115 -27.52 28.86 -22.14
N THR A 116 -26.28 29.26 -22.38
CA THR A 116 -25.73 29.29 -23.73
C THR A 116 -25.19 27.94 -24.18
N GLY A 117 -25.19 26.94 -23.31
CA GLY A 117 -24.66 25.63 -23.63
C GLY A 117 -23.30 25.33 -23.05
N TRP A 118 -22.63 26.31 -22.45
CA TRP A 118 -21.26 26.13 -22.00
C TRP A 118 -21.21 25.36 -20.69
N ILE A 119 -20.38 24.34 -20.63
CA ILE A 119 -20.17 23.52 -19.44
C ILE A 119 -18.76 23.76 -18.93
N ASN A 120 -18.67 24.03 -17.63
CA ASN A 120 -17.44 24.00 -16.85
C ASN A 120 -17.48 22.79 -15.94
N MET A 121 -16.42 21.99 -15.95
CA MET A 121 -16.35 20.81 -15.08
C MET A 121 -14.98 20.80 -14.43
N TRP A 122 -14.94 21.01 -13.11
CA TRP A 122 -13.70 21.10 -12.37
C TRP A 122 -13.56 19.92 -11.41
N SER A 123 -12.33 19.52 -11.15
CA SER A 123 -12.07 18.37 -10.29
C SER A 123 -10.68 18.47 -9.70
N PHE A 124 -10.47 17.76 -8.60
CA PHE A 124 -9.16 17.58 -8.00
C PHE A 124 -8.65 16.20 -8.37
N ARG A 125 -7.43 16.13 -8.88
CA ARG A 125 -6.81 14.85 -9.20
C ARG A 125 -5.41 14.76 -8.62
N LEU A 126 -5.16 13.69 -7.88
CA LEU A 126 -3.84 13.36 -7.39
C LEU A 126 -3.18 12.41 -8.38
N LEU A 127 -2.06 12.82 -8.95
CA LEU A 127 -1.43 12.11 -10.04
C LEU A 127 -0.03 11.64 -9.65
N HIS A 128 0.28 10.40 -10.03
CA HIS A 128 1.62 9.82 -9.97
C HIS A 128 2.07 9.71 -11.42
N THR A 129 2.79 10.72 -11.91
CA THR A 129 3.11 10.78 -13.33
C THR A 129 4.57 10.43 -13.56
N TYR A 130 4.81 9.56 -14.54
CA TYR A 130 6.14 9.04 -14.81
C TYR A 130 7.03 10.12 -15.40
N CYS A 131 8.25 10.21 -14.89
CA CYS A 131 9.21 11.21 -15.33
C CYS A 131 10.55 10.54 -15.56
N GLN A 132 11.24 10.94 -16.62
CA GLN A 132 12.60 10.50 -16.89
C GLN A 132 13.53 11.43 -16.13
N ILE A 133 14.05 10.95 -15.01
CA ILE A 133 14.75 11.80 -14.05
C ILE A 133 16.24 11.68 -14.33
N ASN A 134 16.83 12.76 -14.84
CA ASN A 134 18.24 12.80 -15.22
C ASN A 134 19.05 13.37 -14.06
N ALA A 135 19.68 12.50 -13.29
CA ALA A 135 20.49 12.89 -12.14
C ALA A 135 21.94 13.17 -12.50
N TYR A 136 22.19 13.58 -13.74
CA TYR A 136 23.55 13.77 -14.21
C TYR A 136 24.28 14.84 -13.39
N THR A 137 23.62 15.97 -13.15
CA THR A 137 24.24 17.10 -12.46
C THR A 137 23.85 17.16 -10.99
N TYR A 138 23.63 16.02 -10.37
CA TYR A 138 23.23 16.00 -8.97
C TYR A 138 24.33 16.63 -8.12
N PRO A 139 23.97 17.43 -7.09
CA PRO A 139 22.65 17.85 -6.65
C PRO A 139 22.18 19.16 -7.28
N PHE A 140 22.88 19.63 -8.30
CA PHE A 140 22.43 20.81 -9.07
C PHE A 140 21.65 20.39 -10.30
N ASP A 141 20.64 19.54 -10.10
CA ASP A 141 19.97 18.88 -11.20
C ASP A 141 18.65 19.56 -11.55
N GLU A 142 18.29 19.50 -12.83
CA GLU A 142 17.05 20.03 -13.35
C GLU A 142 16.33 18.92 -14.09
N HIS A 143 15.01 18.90 -13.98
CA HIS A 143 14.19 17.86 -14.59
C HIS A 143 13.01 18.48 -15.30
N THR A 144 12.49 17.77 -16.29
CA THR A 144 11.29 18.16 -17.01
C THR A 144 10.33 16.99 -16.98
N CYS A 145 9.16 17.20 -16.39
CA CYS A 145 8.12 16.19 -16.34
C CYS A 145 6.94 16.65 -17.18
N GLU A 146 6.52 15.83 -18.12
CA GLU A 146 5.42 16.18 -19.02
C GLU A 146 4.16 15.47 -18.54
N ILE A 147 3.14 16.24 -18.20
CA ILE A 147 1.85 15.69 -17.78
C ILE A 147 0.94 15.71 -19.00
N TYR A 148 0.46 14.54 -19.39
CA TYR A 148 -0.28 14.37 -20.64
C TYR A 148 -1.78 14.33 -20.40
N LEU A 149 -2.53 15.00 -21.26
CA LEU A 149 -3.97 14.82 -21.40
C LEU A 149 -4.25 14.30 -22.80
N CYS A 150 -5.18 13.38 -22.93
CA CYS A 150 -5.50 12.83 -24.24
C CYS A 150 -6.95 12.39 -24.27
N VAL A 151 -7.54 12.48 -25.46
CA VAL A 151 -8.89 11.98 -25.69
C VAL A 151 -8.82 10.46 -25.78
N ALA A 152 -9.60 9.78 -24.95
CA ALA A 152 -9.43 8.35 -24.73
C ALA A 152 -9.49 7.53 -26.01
N LEU A 153 -10.66 7.50 -26.65
CA LEU A 153 -10.91 6.58 -27.76
C LEU A 153 -11.32 7.27 -29.05
N HIS A 154 -11.77 8.51 -28.99
CA HIS A 154 -12.42 9.14 -30.13
C HIS A 154 -11.42 9.80 -31.05
N THR A 155 -11.78 9.88 -32.32
CA THR A 155 -10.93 10.48 -33.33
C THR A 155 -10.95 11.99 -33.21
N ILE A 156 -9.94 12.64 -33.79
CA ILE A 156 -9.90 14.09 -33.80
C ILE A 156 -11.07 14.69 -34.55
N ASN A 157 -11.81 13.88 -35.31
CA ASN A 157 -13.02 14.33 -35.99
C ASN A 157 -14.24 14.33 -35.08
N HIS A 158 -14.13 13.77 -33.88
CA HIS A 158 -15.24 13.76 -32.93
C HIS A 158 -14.96 14.67 -31.73
N THR A 159 -13.86 14.45 -31.04
CA THR A 159 -13.51 15.25 -29.87
C THR A 159 -12.06 15.70 -29.98
N ARG A 160 -11.82 16.95 -29.63
CA ARG A 160 -10.52 17.58 -29.79
C ARG A 160 -10.19 18.35 -28.52
N ILE A 161 -8.90 18.37 -28.17
CA ILE A 161 -8.40 19.26 -27.14
C ILE A 161 -8.00 20.55 -27.84
N LYS A 162 -8.88 21.54 -27.80
CA LYS A 162 -8.58 22.81 -28.46
C LYS A 162 -7.32 23.43 -27.90
N GLU A 163 -7.13 23.35 -26.59
CA GLU A 163 -6.11 24.14 -25.92
C GLU A 163 -5.89 23.57 -24.53
N LEU A 164 -4.71 23.82 -23.99
CA LEU A 164 -4.36 23.37 -22.64
C LEU A 164 -3.65 24.53 -21.96
N ILE A 165 -4.24 25.02 -20.88
CA ILE A 165 -3.69 26.13 -20.11
C ILE A 165 -3.19 25.54 -18.80
N TYR A 166 -1.89 25.58 -18.57
CA TYR A 166 -1.31 25.06 -17.35
C TYR A 166 -0.69 26.18 -16.55
N GLU A 167 -0.88 26.15 -15.24
CA GLU A 167 -0.35 27.18 -14.36
C GLU A 167 -0.01 26.55 -13.02
N ASP A 168 0.57 27.36 -12.13
CA ASP A 168 0.83 26.98 -10.75
C ASP A 168 -0.07 27.84 -9.87
N SER A 169 -0.88 27.19 -9.05
CA SER A 169 -1.78 27.94 -8.18
C SER A 169 -1.04 28.68 -7.08
N LYS A 170 0.19 28.27 -6.76
CA LYS A 170 0.99 28.87 -5.71
C LYS A 170 0.36 28.67 -4.33
N PHE A 171 -0.47 27.64 -4.19
CA PHE A 171 -1.14 27.40 -2.91
C PHE A 171 -0.12 27.10 -1.81
N THR A 172 0.91 26.31 -2.13
CA THR A 172 1.98 26.01 -1.20
C THR A 172 3.32 26.31 -1.86
N GLN A 173 4.30 26.62 -1.03
CA GLN A 173 5.68 26.79 -1.49
C GLN A 173 6.46 25.54 -1.12
N ASN A 174 7.41 25.16 -1.98
CA ASN A 174 7.99 23.83 -1.88
C ASN A 174 9.25 23.81 -1.01
N TYR A 175 10.14 24.79 -1.18
CA TYR A 175 11.37 24.87 -0.38
C TYR A 175 12.40 23.81 -0.77
N LYS A 176 12.05 22.90 -1.66
CA LYS A 176 12.98 21.88 -2.13
C LYS A 176 13.16 21.92 -3.63
N TRP A 177 12.09 22.14 -4.38
CA TRP A 177 12.15 22.28 -5.83
C TRP A 177 11.61 23.63 -6.24
N ASP A 178 12.28 24.26 -7.19
CA ASP A 178 11.75 25.42 -7.89
C ASP A 178 10.92 24.90 -9.04
N ILE A 179 9.61 25.10 -8.96
CA ILE A 179 8.67 24.62 -9.97
C ILE A 179 8.39 25.74 -10.95
N ASN A 180 8.41 25.40 -12.23
CA ASN A 180 8.07 26.33 -13.30
C ASN A 180 7.14 25.56 -14.23
N VAL A 181 5.85 25.77 -14.06
CA VAL A 181 4.84 25.17 -14.93
C VAL A 181 3.82 26.25 -15.24
N SER A 182 3.96 26.89 -16.39
CA SER A 182 3.08 27.98 -16.78
C SER A 182 3.12 28.10 -18.28
N GLY A 183 1.95 28.11 -18.91
CA GLY A 183 1.90 28.23 -20.35
C GLY A 183 0.54 27.87 -20.89
N LYS A 184 0.49 27.83 -22.22
CA LYS A 184 -0.77 27.64 -22.94
C LYS A 184 -0.41 27.05 -24.30
N VAL A 185 -0.82 25.83 -24.56
CA VAL A 185 -0.40 25.08 -25.75
C VAL A 185 -1.62 24.54 -26.47
N ASN A 186 -1.63 24.66 -27.79
CA ASN A 186 -2.67 24.02 -28.57
C ASN A 186 -2.54 22.51 -28.49
N GLY A 187 -3.66 21.82 -28.66
CA GLY A 187 -3.63 20.38 -28.69
C GLY A 187 -3.03 19.84 -29.97
N THR A 188 -2.46 18.64 -29.88
CA THR A 188 -1.84 17.97 -31.01
C THR A 188 -2.80 16.92 -31.55
N ASP A 189 -3.11 17.01 -32.84
CA ASP A 189 -4.12 16.16 -33.48
C ASP A 189 -3.41 15.17 -34.40
N GLU A 190 -3.07 14.00 -33.86
CA GLU A 190 -2.44 12.92 -34.61
C GLU A 190 -3.22 11.64 -34.35
N LEU A 191 -4.32 11.44 -35.08
CA LEU A 191 -5.15 10.25 -34.99
C LEU A 191 -5.95 10.21 -33.69
N PHE A 192 -5.65 11.12 -32.77
CA PHE A 192 -6.40 11.35 -31.55
C PHE A 192 -5.74 12.53 -30.86
N SER A 193 -6.52 13.36 -30.20
CA SER A 193 -6.02 14.63 -29.72
C SER A 193 -5.39 14.47 -28.35
N TYR A 194 -4.25 15.13 -28.16
CA TYR A 194 -3.57 15.12 -26.87
C TYR A 194 -2.76 16.39 -26.73
N ALA A 195 -2.25 16.60 -25.52
CA ALA A 195 -1.42 17.74 -25.19
C ALA A 195 -0.67 17.40 -23.93
N PHE A 196 0.35 18.20 -23.60
CA PHE A 196 1.02 17.98 -22.34
C PHE A 196 1.53 19.30 -21.77
N ALA A 197 1.54 19.36 -20.45
CA ALA A 197 2.10 20.47 -19.70
C ALA A 197 3.52 20.14 -19.30
N PRO A 198 4.53 20.93 -19.68
CA PRO A 198 5.89 20.70 -19.19
C PRO A 198 6.12 21.39 -17.85
N MET A 199 6.50 20.61 -16.85
CA MET A 199 6.84 21.10 -15.52
C MET A 199 8.34 21.02 -15.38
N TYR A 200 8.99 22.17 -15.22
CA TYR A 200 10.43 22.24 -15.00
C TYR A 200 10.70 22.34 -13.51
N LEU A 201 11.60 21.49 -13.02
CA LEU A 201 11.87 21.38 -11.60
C LEU A 201 13.36 21.50 -11.38
N ARG A 202 13.78 22.54 -10.68
CA ARG A 202 15.20 22.78 -10.39
C ARG A 202 15.42 22.63 -8.89
N ARG A 203 16.33 21.75 -8.50
CA ARG A 203 16.57 21.57 -7.07
C ARG A 203 17.08 22.86 -6.46
N LYS A 204 16.48 23.25 -5.34
CA LYS A 204 16.89 24.43 -4.61
C LYS A 204 18.11 24.10 -3.76
N LEU A 205 19.08 25.02 -3.74
CA LEU A 205 20.34 24.79 -3.05
C LEU A 205 20.18 25.12 -1.56
N THR A 206 19.41 24.27 -0.89
CA THR A 206 19.31 24.36 0.56
C THR A 206 20.63 23.93 1.19
N VAL A 207 20.93 24.49 2.35
CA VAL A 207 22.19 24.20 3.00
C VAL A 207 22.19 22.80 3.54
N GLY A 208 21.06 22.13 3.56
CA GLY A 208 21.06 20.74 3.91
C GLY A 208 21.87 20.05 2.85
N ILE A 209 21.80 20.50 1.59
CA ILE A 209 22.59 19.92 0.51
C ILE A 209 24.05 20.26 0.71
N ILE A 210 24.34 21.47 1.13
CA ILE A 210 25.72 21.88 1.35
C ILE A 210 26.31 21.02 2.44
N ALA A 211 25.54 20.72 3.45
CA ALA A 211 26.00 19.86 4.52
C ALA A 211 26.34 18.50 4.07
N MET A 212 25.55 17.95 3.19
CA MET A 212 25.80 16.61 2.64
C MET A 212 27.10 16.60 1.88
N LEU A 213 27.38 17.68 1.17
CA LEU A 213 28.62 17.78 0.43
C LEU A 213 29.86 17.89 1.31
N ILE A 214 29.82 18.69 2.43
CA ILE A 214 31.03 18.92 3.23
C ILE A 214 31.83 17.64 3.47
N PRO A 215 31.22 16.54 3.91
CA PRO A 215 32.02 15.32 4.09
C PRO A 215 32.74 14.91 2.82
N THR A 216 32.10 15.05 1.66
CA THR A 216 32.75 14.64 0.41
C THR A 216 34.00 15.45 0.14
N VAL A 217 33.91 16.77 0.24
CA VAL A 217 35.07 17.61 -0.06
C VAL A 217 36.18 17.38 0.96
N MET A 218 35.84 17.35 2.25
CA MET A 218 36.90 17.18 3.22
C MET A 218 37.53 15.81 3.12
N MET A 219 36.75 14.79 2.78
CA MET A 219 37.30 13.46 2.57
C MET A 219 38.19 13.42 1.33
N THR A 220 37.86 14.21 0.30
CA THR A 220 38.78 14.34 -0.82
C THR A 220 40.11 14.91 -0.35
N ILE A 221 40.07 15.96 0.46
CA ILE A 221 41.30 16.55 0.96
C ILE A 221 42.09 15.52 1.78
N LEU A 222 41.40 14.80 2.66
CA LEU A 222 42.06 13.84 3.52
C LEU A 222 42.66 12.69 2.72
N THR A 223 41.95 12.23 1.69
CA THR A 223 42.49 11.21 0.80
C THR A 223 43.73 11.74 0.08
N ILE A 224 43.72 13.00 -0.33
CA ILE A 224 44.88 13.56 -1.01
C ILE A 224 46.09 13.54 -0.09
N PHE A 225 45.92 13.96 1.16
CA PHE A 225 47.05 13.90 2.09
C PHE A 225 47.50 12.47 2.37
N VAL A 226 46.58 11.55 2.62
CA VAL A 226 47.01 10.19 2.95
C VAL A 226 47.74 9.57 1.77
N PHE A 227 47.29 9.85 0.54
CA PHE A 227 48.03 9.43 -0.63
C PHE A 227 49.39 10.12 -0.72
N LEU A 228 49.47 11.36 -0.23
CA LEU A 228 50.72 12.09 -0.20
C LEU A 228 51.57 11.79 1.03
N LEU A 229 51.00 11.09 2.01
CA LEU A 229 51.73 10.81 3.24
C LEU A 229 53.06 10.16 2.92
N PRO A 230 54.11 10.40 3.71
CA PRO A 230 55.42 9.81 3.42
C PRO A 230 55.34 8.30 3.37
N PRO A 231 56.15 7.66 2.52
CA PRO A 231 56.05 6.19 2.40
C PRO A 231 56.20 5.45 3.72
N GLU A 232 57.07 5.91 4.61
CA GLU A 232 57.30 5.26 5.90
C GLU A 232 56.95 6.16 7.08
N SER A 233 55.87 6.93 6.98
CA SER A 233 55.46 7.81 8.07
C SER A 233 55.29 7.03 9.36
N GLY A 234 54.59 5.89 9.29
CA GLY A 234 54.40 5.05 10.45
C GLY A 234 52.96 4.61 10.65
N GLU A 235 52.02 5.49 10.32
CA GLU A 235 50.59 5.20 10.41
C GLU A 235 49.94 5.08 9.05
N LYS A 236 50.71 4.95 7.98
CA LYS A 236 50.17 4.90 6.62
C LYS A 236 49.13 3.82 6.46
N VAL A 237 49.43 2.60 6.92
CA VAL A 237 48.58 1.45 6.65
C VAL A 237 47.19 1.65 7.24
N SER A 238 47.12 1.86 8.55
CA SER A 238 45.82 1.98 9.21
C SER A 238 45.05 3.19 8.72
N LEU A 239 45.74 4.32 8.55
CA LEU A 239 45.09 5.53 8.08
C LEU A 239 44.46 5.31 6.71
N ALA A 240 45.24 4.76 5.77
CA ALA A 240 44.73 4.52 4.43
C ALA A 240 43.59 3.51 4.47
N THR A 241 43.70 2.48 5.31
CA THR A 241 42.63 1.50 5.42
C THR A 241 41.33 2.15 5.84
N THR A 242 41.36 2.96 6.90
CA THR A 242 40.15 3.63 7.37
C THR A 242 39.62 4.60 6.32
N ILE A 243 40.50 5.34 5.65
CA ILE A 243 40.06 6.27 4.62
C ILE A 243 39.36 5.54 3.50
N PHE A 244 39.92 4.42 3.05
CA PHE A 244 39.28 3.65 1.99
C PHE A 244 37.95 3.07 2.46
N LEU A 245 37.87 2.62 3.72
CA LEU A 245 36.61 2.11 4.22
C LEU A 245 35.54 3.19 4.17
N SER A 246 35.87 4.40 4.62
CA SER A 246 34.89 5.48 4.59
C SER A 246 34.51 5.83 3.15
N ASN A 247 35.49 5.84 2.24
CA ASN A 247 35.19 6.13 0.84
C ASN A 247 34.25 5.08 0.25
N VAL A 248 34.48 3.80 0.57
CA VAL A 248 33.62 2.75 0.07
C VAL A 248 32.21 2.91 0.64
N LEU A 249 32.11 3.26 1.92
CA LEU A 249 30.79 3.47 2.52
C LEU A 249 30.05 4.60 1.81
N TYR A 250 30.75 5.71 1.52
CA TYR A 250 30.10 6.81 0.82
C TYR A 250 29.70 6.41 -0.60
N LEU A 251 30.56 5.68 -1.31
CA LEU A 251 30.23 5.26 -2.66
C LEU A 251 29.04 4.33 -2.67
N VAL A 252 28.92 3.48 -1.64
CA VAL A 252 27.77 2.58 -1.55
C VAL A 252 26.51 3.38 -1.23
N GLN A 253 26.60 4.34 -0.31
CA GLN A 253 25.40 5.05 0.11
C GLN A 253 24.87 5.97 -0.98
N ILE A 254 25.76 6.57 -1.78
CA ILE A 254 25.28 7.47 -2.83
C ILE A 254 24.51 6.70 -3.89
N ASP A 255 24.93 5.48 -4.20
CA ASP A 255 24.26 4.70 -5.23
C ASP A 255 22.81 4.42 -4.84
N LYS A 256 22.57 4.14 -3.56
CA LYS A 256 21.23 3.84 -3.10
C LYS A 256 20.29 5.04 -3.21
N THR A 257 20.82 6.25 -3.43
CA THR A 257 20.01 7.44 -3.58
C THR A 257 19.87 7.88 -5.04
N THR A 258 20.93 7.79 -5.82
CA THR A 258 20.86 8.20 -7.21
C THR A 258 20.04 7.20 -8.02
N PRO A 259 19.24 7.66 -8.98
CA PRO A 259 18.43 6.72 -9.77
C PRO A 259 19.29 5.88 -10.71
N THR A 260 18.83 4.66 -10.94
CA THR A 260 19.49 3.74 -11.86
C THR A 260 18.93 3.80 -13.28
N ASN A 261 17.87 4.58 -13.50
CA ASN A 261 17.27 4.76 -14.81
C ASN A 261 17.45 6.22 -15.20
N THR A 262 18.62 6.53 -15.77
CA THR A 262 19.00 7.90 -16.07
C THR A 262 19.63 7.97 -17.45
N LYS A 263 19.41 9.09 -18.14
CA LYS A 263 20.02 9.28 -19.44
C LYS A 263 21.54 9.27 -19.33
N TYR A 264 22.09 9.96 -18.34
CA TYR A 264 23.51 9.98 -18.04
C TYR A 264 23.73 9.77 -16.56
N PRO A 265 24.90 9.31 -16.15
CA PRO A 265 25.16 9.10 -14.72
C PRO A 265 25.36 10.42 -14.00
N SER A 266 25.23 10.36 -12.68
CA SER A 266 25.52 11.52 -11.83
C SER A 266 27.04 11.72 -11.78
N LEU A 267 27.48 12.96 -11.96
CA LEU A 267 28.90 13.25 -11.90
C LEU A 267 29.47 13.01 -10.51
N LEU A 268 28.66 13.23 -9.46
CA LEU A 268 29.15 12.99 -8.11
C LEU A 268 29.48 11.53 -7.89
N MET A 269 28.68 10.62 -8.45
CA MET A 269 28.99 9.20 -8.33
C MET A 269 30.32 8.87 -8.98
N LEU A 270 30.56 9.40 -10.18
CA LEU A 270 31.84 9.16 -10.84
C LEU A 270 32.99 9.75 -10.04
N TYR A 271 32.80 10.94 -9.48
CA TYR A 271 33.85 11.57 -8.68
C TYR A 271 34.20 10.73 -7.46
N LEU A 272 33.17 10.24 -6.75
CA LEU A 272 33.45 9.42 -5.59
C LEU A 272 34.05 8.07 -5.98
N MET A 273 33.66 7.52 -7.13
CA MET A 273 34.29 6.30 -7.62
C MET A 273 35.77 6.52 -7.87
N LEU A 274 36.11 7.64 -8.52
CA LEU A 274 37.51 7.95 -8.77
C LEU A 274 38.27 8.16 -7.46
N LEU A 275 37.65 8.83 -6.49
CA LEU A 275 38.28 9.04 -5.20
C LEU A 275 38.55 7.72 -4.49
N SER A 276 37.58 6.79 -4.53
CA SER A 276 37.79 5.49 -3.93
C SER A 276 38.89 4.72 -4.65
N MET A 277 38.95 4.84 -5.98
CA MET A 277 40.01 4.17 -6.73
C MET A 277 41.37 4.70 -6.33
N LEU A 278 41.49 6.02 -6.17
CA LEU A 278 42.77 6.61 -5.76
C LEU A 278 43.12 6.20 -4.33
N SER A 279 42.13 6.10 -3.45
CA SER A 279 42.40 5.61 -2.11
C SER A 279 42.91 4.17 -2.15
N GLY A 280 42.31 3.33 -2.98
CA GLY A 280 42.78 1.97 -3.12
C GLY A 280 44.20 1.91 -3.67
N ILE A 281 44.51 2.77 -4.64
CA ILE A 281 45.86 2.82 -5.18
C ILE A 281 46.85 3.28 -4.12
N ALA A 282 46.44 4.22 -3.27
CA ALA A 282 47.30 4.65 -2.17
C ALA A 282 47.57 3.50 -1.21
N THR A 283 46.54 2.73 -0.88
CA THR A 283 46.74 1.56 -0.02
C THR A 283 47.66 0.55 -0.68
N LEU A 284 47.51 0.35 -2.00
CA LEU A 284 48.39 -0.55 -2.73
C LEU A 284 49.84 -0.07 -2.67
N GLY A 285 50.05 1.23 -2.85
CA GLY A 285 51.40 1.77 -2.73
C GLY A 285 51.97 1.59 -1.35
N SER A 286 51.15 1.78 -0.31
CA SER A 286 51.59 1.55 1.05
C SER A 286 51.98 0.09 1.25
N VAL A 287 51.20 -0.83 0.69
CA VAL A 287 51.53 -2.26 0.80
C VAL A 287 52.86 -2.54 0.12
N VAL A 288 53.07 -1.98 -1.07
CA VAL A 288 54.32 -2.18 -1.78
C VAL A 288 55.49 -1.63 -0.97
N ILE A 289 55.30 -0.46 -0.37
CA ILE A 289 56.35 0.13 0.47
C ILE A 289 56.67 -0.78 1.63
N SER A 290 55.64 -1.30 2.30
CA SER A 290 55.86 -2.22 3.41
C SER A 290 56.63 -3.46 2.96
N LYS A 291 56.35 -3.93 1.74
CA LYS A 291 57.11 -5.04 1.20
C LYS A 291 58.59 -4.69 1.07
N LEU A 292 58.88 -3.49 0.60
CA LEU A 292 60.26 -3.04 0.45
C LEU A 292 60.83 -2.55 1.77
N THR B 1 -26.63 15.34 -43.90
CA THR B 1 -25.68 14.85 -42.91
C THR B 1 -26.43 14.22 -41.74
N PRO B 2 -25.80 13.26 -41.07
CA PRO B 2 -26.44 12.64 -39.91
C PRO B 2 -26.57 13.64 -38.76
N THR B 3 -27.61 13.47 -37.96
CA THR B 3 -27.92 14.36 -36.87
C THR B 3 -28.04 13.59 -35.56
N TYR B 4 -28.30 14.33 -34.48
CA TYR B 4 -28.44 13.73 -33.17
C TYR B 4 -29.61 12.74 -33.15
N GLY B 5 -30.73 13.12 -33.75
CA GLY B 5 -31.89 12.25 -33.77
C GLY B 5 -31.67 10.98 -34.57
N ASP B 6 -30.90 11.07 -35.65
CA ASP B 6 -30.59 9.88 -36.43
C ASP B 6 -29.82 8.86 -35.60
N GLU B 7 -28.82 9.33 -34.86
CA GLU B 7 -28.06 8.40 -34.02
C GLU B 7 -28.89 7.90 -32.86
N ARG B 8 -29.80 8.73 -32.33
CA ARG B 8 -30.69 8.23 -31.31
C ARG B 8 -31.57 7.10 -31.83
N LEU B 9 -32.11 7.26 -33.04
CA LEU B 9 -32.89 6.18 -33.65
C LEU B 9 -32.03 4.94 -33.86
N LEU B 10 -30.81 5.11 -34.35
CA LEU B 10 -29.95 3.96 -34.61
C LEU B 10 -29.67 3.20 -33.32
N ARG B 11 -29.28 3.92 -32.25
CA ARG B 11 -29.01 3.25 -30.99
C ARG B 11 -30.25 2.61 -30.40
N GLU B 12 -31.42 3.20 -30.66
CA GLU B 12 -32.66 2.57 -30.22
C GLU B 12 -32.89 1.25 -30.93
N LYS B 13 -32.63 1.20 -32.24
CA LYS B 13 -32.90 -0.04 -32.98
C LYS B 13 -31.87 -1.11 -32.67
N LEU B 14 -30.61 -0.72 -32.52
CA LEU B 14 -29.56 -1.73 -32.35
C LEU B 14 -29.77 -2.56 -31.10
N LEU B 15 -30.17 -1.92 -29.99
CA LEU B 15 -30.26 -2.58 -28.70
C LEU B 15 -31.64 -3.13 -28.40
N THR B 16 -32.53 -3.19 -29.39
CA THR B 16 -33.92 -3.54 -29.13
C THR B 16 -34.05 -4.97 -28.59
N ASN B 17 -33.65 -5.98 -29.34
CA ASN B 17 -33.74 -7.38 -28.93
C ASN B 17 -32.35 -7.95 -28.66
N TYR B 18 -31.47 -7.12 -28.11
CA TYR B 18 -30.08 -7.50 -27.88
C TYR B 18 -29.92 -7.95 -26.44
N SER B 19 -29.24 -9.08 -26.25
CA SER B 19 -28.93 -9.60 -24.94
C SER B 19 -27.44 -9.48 -24.69
N LYS B 20 -27.07 -8.72 -23.66
CA LYS B 20 -25.67 -8.51 -23.35
C LYS B 20 -24.94 -9.79 -22.95
N SER B 21 -25.65 -10.78 -22.42
CA SER B 21 -25.03 -11.98 -21.89
C SER B 21 -25.05 -13.15 -22.87
N ILE B 22 -25.62 -12.98 -24.04
CA ILE B 22 -25.60 -14.02 -25.08
C ILE B 22 -24.47 -13.71 -26.04
N ARG B 23 -23.70 -14.73 -26.36
CA ARG B 23 -22.58 -14.58 -27.27
C ARG B 23 -23.09 -14.16 -28.65
N PRO B 24 -22.48 -13.15 -29.30
CA PRO B 24 -23.16 -12.45 -30.40
C PRO B 24 -22.97 -13.11 -31.76
N VAL B 25 -23.61 -14.27 -31.94
CA VAL B 25 -23.57 -15.00 -33.20
C VAL B 25 -24.99 -15.41 -33.54
N ILE B 26 -25.33 -15.37 -34.83
CA ILE B 26 -26.65 -15.81 -35.26
C ILE B 26 -26.85 -17.27 -34.90
N ASN B 27 -25.87 -18.10 -35.22
CA ASN B 27 -25.89 -19.52 -34.91
C ASN B 27 -24.95 -19.78 -33.75
N LEU B 28 -25.44 -20.44 -32.71
CA LEU B 28 -24.63 -20.64 -31.52
C LEU B 28 -23.48 -21.60 -31.73
N THR B 29 -23.43 -22.28 -32.87
CA THR B 29 -22.34 -23.19 -33.18
C THR B 29 -21.09 -22.47 -33.66
N LYS B 30 -21.18 -21.19 -33.98
CA LYS B 30 -20.04 -20.43 -34.49
C LYS B 30 -19.22 -19.85 -33.34
N VAL B 31 -17.91 -19.82 -33.54
CA VAL B 31 -17.00 -19.22 -32.58
C VAL B 31 -16.90 -17.74 -32.88
N VAL B 32 -16.56 -16.96 -31.85
CA VAL B 32 -16.19 -15.56 -32.04
C VAL B 32 -14.69 -15.49 -31.94
N ASP B 33 -14.04 -15.08 -33.03
CA ASP B 33 -12.60 -14.96 -33.08
C ASP B 33 -12.21 -13.54 -32.67
N VAL B 34 -11.53 -13.44 -31.54
CA VAL B 34 -11.04 -12.16 -31.02
C VAL B 34 -9.58 -12.04 -31.39
N THR B 35 -9.20 -10.87 -31.89
CA THR B 35 -7.79 -10.57 -32.11
C THR B 35 -7.36 -9.52 -31.10
N ALA B 36 -6.28 -9.81 -30.38
CA ALA B 36 -5.77 -8.94 -29.32
C ALA B 36 -4.52 -8.23 -29.79
N LEU B 37 -4.38 -6.96 -29.41
CA LEU B 37 -3.24 -6.14 -29.76
C LEU B 37 -2.70 -5.54 -28.47
N LEU B 38 -1.48 -5.89 -28.09
CA LEU B 38 -0.89 -5.46 -26.84
C LEU B 38 0.32 -4.58 -27.16
N TYR B 39 0.25 -3.30 -26.81
CA TYR B 39 1.33 -2.37 -27.07
C TYR B 39 1.89 -1.89 -25.74
N LEU B 40 3.19 -2.09 -25.53
CA LEU B 40 3.81 -1.55 -24.34
C LEU B 40 3.88 -0.04 -24.46
N GLN B 41 3.47 0.67 -23.40
CA GLN B 41 3.65 2.12 -23.37
C GLN B 41 4.95 2.47 -22.64
N THR B 42 5.05 2.12 -21.36
CA THR B 42 6.28 2.29 -20.61
C THR B 42 6.46 1.10 -19.69
N LEU B 43 7.71 0.67 -19.55
CA LEU B 43 8.09 -0.35 -18.59
C LEU B 43 8.50 0.36 -17.31
N TYR B 44 7.63 0.35 -16.31
CA TYR B 44 7.90 1.09 -15.10
C TYR B 44 9.07 0.49 -14.34
N ASP B 45 9.05 -0.81 -14.09
CA ASP B 45 10.09 -1.39 -13.24
C ASP B 45 10.16 -2.88 -13.47
N LEU B 46 11.27 -3.47 -13.02
CA LEU B 46 11.49 -4.91 -13.05
C LEU B 46 12.02 -5.30 -11.68
N ASP B 47 11.11 -5.68 -10.78
CA ASP B 47 11.42 -5.92 -9.38
C ASP B 47 12.03 -7.31 -9.22
N PHE B 48 13.30 -7.35 -8.85
CA PHE B 48 14.03 -8.62 -8.74
C PHE B 48 13.63 -9.39 -7.49
N VAL B 49 13.49 -8.71 -6.36
CA VAL B 49 13.21 -9.41 -5.11
C VAL B 49 11.83 -10.06 -5.17
N ASN B 50 10.87 -9.38 -5.79
CA ASN B 50 9.51 -9.90 -5.89
C ASN B 50 9.27 -10.69 -7.17
N ASN B 51 10.25 -10.79 -8.06
CA ASN B 51 10.10 -11.53 -9.31
C ASN B 51 8.96 -10.97 -10.15
N PHE B 52 8.76 -9.66 -10.15
CA PHE B 52 7.67 -9.05 -10.89
C PHE B 52 8.21 -8.08 -11.91
N ILE B 53 7.38 -7.75 -12.90
CA ILE B 53 7.65 -6.63 -13.79
C ILE B 53 6.40 -5.78 -13.85
N MET B 54 6.56 -4.49 -13.60
CA MET B 54 5.48 -3.53 -13.63
C MET B 54 5.57 -2.71 -14.91
N ALA B 55 4.49 -2.72 -15.69
CA ALA B 55 4.47 -1.97 -16.93
C ALA B 55 3.06 -1.50 -17.21
N ARG B 56 2.97 -0.60 -18.19
CA ARG B 56 1.70 -0.06 -18.67
C ARG B 56 1.54 -0.46 -20.12
N TYR B 57 0.34 -0.94 -20.47
CA TYR B 57 0.06 -1.42 -21.82
C TYR B 57 -1.21 -0.78 -22.33
N TYR B 58 -1.31 -0.73 -23.65
CA TYR B 58 -2.53 -0.35 -24.34
C TYR B 58 -3.00 -1.61 -25.04
N LEU B 59 -4.15 -2.13 -24.60
CA LEU B 59 -4.67 -3.40 -25.07
C LEU B 59 -5.93 -3.16 -25.88
N GLY B 60 -5.97 -3.70 -27.09
CA GLY B 60 -7.12 -3.57 -27.95
C GLY B 60 -7.66 -4.90 -28.41
N LEU B 61 -8.94 -5.12 -28.22
CA LEU B 61 -9.61 -6.33 -28.66
C LEU B 61 -10.50 -5.99 -29.85
N ILE B 62 -10.39 -6.76 -30.92
CA ILE B 62 -11.19 -6.56 -32.11
C ILE B 62 -11.96 -7.83 -32.39
N TRP B 63 -13.27 -7.71 -32.57
CA TRP B 63 -14.09 -8.87 -32.91
C TRP B 63 -15.26 -8.39 -33.77
N ILE B 64 -16.13 -9.31 -34.15
CA ILE B 64 -17.27 -8.99 -35.00
C ILE B 64 -18.55 -9.42 -34.30
N ASP B 65 -19.51 -8.51 -34.24
CA ASP B 65 -20.83 -8.75 -33.68
C ASP B 65 -21.85 -8.83 -34.80
N GLU B 66 -22.60 -9.93 -34.85
CA GLU B 66 -23.57 -10.16 -35.91
C GLU B 66 -24.97 -9.65 -35.59
N LYS B 67 -25.24 -9.31 -34.34
CA LYS B 67 -26.48 -8.65 -33.96
C LYS B 67 -26.45 -7.14 -34.15
N LEU B 68 -25.28 -6.55 -34.35
CA LEU B 68 -25.15 -5.10 -34.33
C LEU B 68 -24.72 -4.54 -35.68
N THR B 69 -25.34 -5.00 -36.76
CA THR B 69 -25.10 -4.47 -38.09
C THR B 69 -26.27 -3.58 -38.50
N TRP B 70 -26.00 -2.66 -39.41
CA TRP B 70 -27.03 -1.79 -39.94
C TRP B 70 -26.62 -1.29 -41.30
N ASN B 71 -27.60 -0.76 -42.04
CA ASN B 71 -27.35 -0.17 -43.35
C ASN B 71 -27.17 1.33 -43.18
N PRO B 72 -25.99 1.89 -43.45
CA PRO B 72 -25.80 3.32 -43.19
C PRO B 72 -26.72 4.22 -44.01
N LEU B 73 -27.25 3.73 -45.13
CA LEU B 73 -28.15 4.57 -45.93
C LEU B 73 -29.51 4.77 -45.27
N ASP B 74 -29.87 3.91 -44.33
CA ASP B 74 -31.14 4.07 -43.61
C ASP B 74 -31.02 5.00 -42.41
N TYR B 75 -29.84 5.54 -42.15
CA TYR B 75 -29.60 6.38 -40.98
C TYR B 75 -28.77 7.59 -41.37
N ASN B 76 -29.05 8.16 -42.54
CA ASN B 76 -28.35 9.35 -43.01
C ASN B 76 -26.83 9.13 -43.03
N ASN B 77 -26.43 7.91 -43.39
CA ASN B 77 -25.04 7.62 -43.68
C ASN B 77 -24.17 7.61 -42.41
N ILE B 78 -24.71 7.07 -41.32
CA ILE B 78 -23.91 6.81 -40.13
C ILE B 78 -23.20 5.48 -40.32
N THR B 79 -21.87 5.49 -40.22
CA THR B 79 -21.06 4.31 -40.47
C THR B 79 -20.42 3.74 -39.22
N SER B 80 -20.41 4.46 -38.10
CA SER B 80 -19.89 3.91 -36.86
C SER B 80 -20.42 4.72 -35.70
N ILE B 81 -20.61 4.05 -34.57
CA ILE B 81 -21.05 4.69 -33.34
C ILE B 81 -20.14 4.24 -32.21
N TYR B 82 -20.28 4.88 -31.06
CA TYR B 82 -19.54 4.54 -29.85
C TYR B 82 -20.53 4.17 -28.77
N LEU B 83 -20.43 2.95 -28.26
CA LEU B 83 -21.35 2.46 -27.25
C LEU B 83 -20.63 2.26 -25.92
N PRO B 84 -21.33 2.41 -24.80
CA PRO B 84 -20.73 2.03 -23.53
C PRO B 84 -20.40 0.55 -23.51
N LYS B 85 -19.24 0.23 -22.93
CA LYS B 85 -18.74 -1.14 -22.97
C LYS B 85 -19.66 -2.10 -22.22
N ASP B 86 -20.46 -1.62 -21.29
CA ASP B 86 -21.26 -2.48 -20.43
C ASP B 86 -22.67 -2.72 -20.96
N LYS B 87 -22.99 -2.22 -22.15
CA LYS B 87 -24.28 -2.50 -22.78
C LYS B 87 -24.22 -3.63 -23.79
N ILE B 88 -23.01 -4.08 -24.14
CA ILE B 88 -22.80 -4.98 -25.26
C ILE B 88 -21.97 -6.16 -24.77
N TRP B 89 -22.07 -7.27 -25.48
CA TRP B 89 -21.21 -8.41 -25.20
C TRP B 89 -19.77 -8.05 -25.53
N THR B 90 -18.86 -8.35 -24.60
CA THR B 90 -17.45 -8.19 -24.83
C THR B 90 -16.77 -9.48 -24.43
N PRO B 91 -15.68 -9.86 -25.10
CA PRO B 91 -15.04 -11.13 -24.82
C PRO B 91 -14.51 -11.18 -23.41
N PRO B 92 -14.60 -12.32 -22.73
CA PRO B 92 -14.10 -12.42 -21.34
C PRO B 92 -12.60 -12.70 -21.28
N ILE B 93 -11.81 -11.78 -21.79
CA ILE B 93 -10.36 -11.93 -21.82
C ILE B 93 -9.79 -11.43 -20.49
N LYS B 94 -8.84 -12.19 -19.96
CA LYS B 94 -8.20 -11.88 -18.69
C LYS B 94 -6.70 -11.91 -18.85
N MET B 95 -6.01 -11.07 -18.08
CA MET B 95 -4.56 -11.15 -17.97
C MET B 95 -4.26 -12.11 -16.83
N CYS B 96 -4.35 -13.40 -17.14
CA CYS B 96 -4.34 -14.47 -16.16
C CYS B 96 -2.95 -14.91 -15.76
N ASN B 97 -1.96 -14.03 -15.91
CA ASN B 97 -0.64 -14.21 -15.37
C ASN B 97 -0.21 -12.99 -14.57
N SER B 98 -1.07 -11.99 -14.45
CA SER B 98 -0.73 -10.65 -13.98
C SER B 98 -1.71 -10.22 -12.90
N MET B 99 -1.28 -9.26 -12.10
CA MET B 99 -2.18 -8.47 -11.27
C MET B 99 -2.52 -7.20 -12.04
N ASP B 100 -3.80 -6.98 -12.28
CA ASP B 100 -4.26 -5.80 -13.03
C ASP B 100 -4.51 -4.68 -12.04
N LYS B 101 -3.56 -3.76 -11.94
CA LYS B 101 -3.63 -2.67 -10.96
C LYS B 101 -4.17 -1.40 -11.57
N SER B 102 -5.04 -1.51 -12.56
CA SER B 102 -5.65 -0.35 -13.19
C SER B 102 -6.76 0.22 -12.31
N GLU B 103 -6.98 1.52 -12.44
CA GLU B 103 -8.08 2.18 -11.76
C GLU B 103 -9.27 2.35 -12.70
N GLU B 104 -10.38 2.81 -12.12
CA GLU B 104 -11.52 3.22 -12.93
C GLU B 104 -11.29 4.58 -13.57
N ASN B 105 -10.33 5.35 -13.06
CA ASN B 105 -9.97 6.62 -13.68
C ASN B 105 -9.17 6.41 -14.97
N ASP B 106 -8.52 5.26 -15.11
CA ASP B 106 -7.79 4.91 -16.32
C ASP B 106 -8.59 3.95 -17.20
N GLY B 107 -9.88 3.79 -16.93
CA GLY B 107 -10.73 2.92 -17.69
C GLY B 107 -11.56 3.67 -18.72
N VAL B 108 -11.40 3.28 -19.98
CA VAL B 108 -12.13 3.98 -21.05
C VAL B 108 -13.61 3.73 -20.94
N GLY B 109 -14.01 2.47 -20.78
CA GLY B 109 -15.43 2.15 -20.67
C GLY B 109 -16.25 2.54 -21.88
N GLU B 110 -15.76 2.26 -23.08
CA GLU B 110 -16.47 2.62 -24.29
C GLU B 110 -15.80 1.92 -25.47
N LEU B 111 -16.61 1.51 -26.45
CA LEU B 111 -16.11 0.79 -27.60
C LEU B 111 -16.70 1.36 -28.87
N MET B 112 -16.01 1.14 -29.98
CA MET B 112 -16.41 1.65 -31.29
C MET B 112 -16.97 0.52 -32.13
N LEU B 113 -18.18 0.70 -32.62
CA LEU B 113 -18.87 -0.28 -33.43
C LEU B 113 -19.06 0.27 -34.84
N THR B 114 -18.76 -0.54 -35.84
CA THR B 114 -18.90 -0.18 -37.24
C THR B 114 -20.13 -0.83 -37.82
N TYR B 115 -20.63 -0.27 -38.92
CA TYR B 115 -21.89 -0.74 -39.49
C TYR B 115 -21.80 -2.18 -39.96
N THR B 116 -20.59 -2.70 -40.19
CA THR B 116 -20.42 -4.08 -40.61
C THR B 116 -20.42 -5.06 -39.44
N GLY B 117 -20.46 -4.57 -38.21
CA GLY B 117 -20.46 -5.41 -37.03
C GLY B 117 -19.14 -5.49 -36.30
N TRP B 118 -18.11 -4.79 -36.77
CA TRP B 118 -16.79 -4.90 -36.17
C TRP B 118 -16.66 -3.97 -34.98
N ILE B 119 -16.21 -4.52 -33.85
CA ILE B 119 -15.98 -3.77 -32.63
C ILE B 119 -14.49 -3.68 -32.38
N ASN B 120 -14.01 -2.46 -32.11
CA ASN B 120 -12.70 -2.18 -31.55
C ASN B 120 -12.90 -1.72 -30.10
N MET B 121 -12.19 -2.32 -29.17
CA MET B 121 -12.28 -1.93 -27.77
C MET B 121 -10.87 -1.78 -27.22
N TRP B 122 -10.48 -0.55 -26.89
CA TRP B 122 -9.13 -0.26 -26.43
C TRP B 122 -9.16 0.18 -24.98
N SER B 123 -8.08 -0.12 -24.27
CA SER B 123 -8.00 0.22 -22.85
C SER B 123 -6.54 0.34 -22.44
N PHE B 124 -6.31 1.08 -21.36
CA PHE B 124 -5.00 1.13 -20.72
C PHE B 124 -5.03 0.22 -19.51
N ARG B 125 -4.02 -0.63 -19.39
CA ARG B 125 -3.90 -1.50 -18.22
C ARG B 125 -2.50 -1.45 -17.64
N LEU B 126 -2.45 -1.27 -16.32
CA LEU B 126 -1.20 -1.32 -15.58
C LEU B 126 -1.08 -2.71 -14.97
N LEU B 127 -0.05 -3.45 -15.37
CA LEU B 127 0.09 -4.85 -15.02
C LEU B 127 1.34 -5.08 -14.19
N HIS B 128 1.17 -5.85 -13.12
CA HIS B 128 2.25 -6.44 -12.33
C HIS B 128 2.29 -7.91 -12.73
N THR B 129 3.15 -8.25 -13.68
CA THR B 129 3.15 -9.61 -14.21
C THR B 129 4.35 -10.39 -13.67
N TYR B 130 4.08 -11.60 -13.21
CA TYR B 130 5.09 -12.44 -12.58
C TYR B 130 6.11 -12.89 -13.61
N CYS B 131 7.38 -12.83 -13.24
CA CYS B 131 8.49 -13.20 -14.11
C CYS B 131 9.47 -14.04 -13.31
N GLN B 132 10.01 -15.07 -13.96
CA GLN B 132 11.09 -15.87 -13.39
C GLN B 132 12.39 -15.19 -13.76
N ILE B 133 12.98 -14.49 -12.80
CA ILE B 133 14.10 -13.60 -13.04
C ILE B 133 15.39 -14.36 -12.75
N ASN B 134 16.14 -14.68 -13.81
CA ASN B 134 17.37 -15.46 -13.70
C ASN B 134 18.55 -14.49 -13.62
N ALA B 135 19.05 -14.27 -12.41
CA ALA B 135 20.18 -13.38 -12.16
C ALA B 135 21.52 -14.09 -12.28
N TYR B 136 21.59 -15.15 -13.08
CA TYR B 136 22.81 -15.94 -13.16
C TYR B 136 23.99 -15.12 -13.66
N THR B 137 23.77 -14.30 -14.69
CA THR B 137 24.83 -13.53 -15.32
C THR B 137 24.81 -12.07 -14.90
N TYR B 138 24.41 -11.79 -13.67
CA TYR B 138 24.35 -10.41 -13.22
C TYR B 138 25.74 -9.80 -13.25
N PRO B 139 25.88 -8.52 -13.66
CA PRO B 139 24.88 -7.58 -14.15
C PRO B 139 24.71 -7.60 -15.67
N PHE B 140 25.25 -8.61 -16.35
CA PHE B 140 25.03 -8.79 -17.78
C PHE B 140 23.88 -9.77 -18.02
N ASP B 141 22.73 -9.51 -17.41
CA ASP B 141 21.66 -10.50 -17.35
C ASP B 141 20.57 -10.20 -18.36
N GLU B 142 19.96 -11.28 -18.86
CA GLU B 142 18.84 -11.22 -19.79
C GLU B 142 17.67 -11.96 -19.18
N HIS B 143 16.47 -11.45 -19.38
CA HIS B 143 15.27 -12.05 -18.84
C HIS B 143 14.18 -12.10 -19.89
N THR B 144 13.26 -13.04 -19.73
CA THR B 144 12.10 -13.18 -20.59
C THR B 144 10.86 -13.22 -19.71
N CYS B 145 9.97 -12.26 -19.88
CA CYS B 145 8.71 -12.20 -19.16
C CYS B 145 7.59 -12.44 -20.16
N GLU B 146 6.74 -13.42 -19.88
CA GLU B 146 5.63 -13.76 -20.76
C GLU B 146 4.36 -13.16 -20.20
N ILE B 147 3.72 -12.29 -20.98
CA ILE B 147 2.45 -11.68 -20.58
C ILE B 147 1.34 -12.48 -21.24
N TYR B 148 0.46 -13.05 -20.42
CA TYR B 148 -0.56 -13.99 -20.88
C TYR B 148 -1.91 -13.31 -21.05
N LEU B 149 -2.59 -13.65 -22.14
CA LEU B 149 -4.00 -13.35 -22.33
C LEU B 149 -4.72 -14.68 -22.45
N CYS B 150 -5.90 -14.78 -21.85
CA CYS B 150 -6.65 -16.02 -21.93
C CYS B 150 -8.14 -15.73 -21.84
N VAL B 151 -8.93 -16.56 -22.51
CA VAL B 151 -10.38 -16.49 -22.38
C VAL B 151 -10.78 -17.11 -21.05
N ALA B 152 -11.53 -16.35 -20.26
CA ALA B 152 -11.73 -16.67 -18.85
C ALA B 152 -12.33 -18.05 -18.63
N LEU B 153 -13.58 -18.24 -19.07
CA LEU B 153 -14.34 -19.43 -18.72
C LEU B 153 -14.81 -20.25 -19.91
N HIS B 154 -14.83 -19.68 -21.10
CA HIS B 154 -15.50 -20.29 -22.24
C HIS B 154 -14.58 -21.25 -22.98
N THR B 155 -15.19 -22.25 -23.59
CA THR B 155 -14.46 -23.24 -24.35
C THR B 155 -13.99 -22.65 -25.67
N ILE B 156 -12.98 -23.28 -26.28
CA ILE B 156 -12.50 -22.84 -27.58
C ILE B 156 -13.57 -22.97 -28.65
N ASN B 157 -14.69 -23.62 -28.34
CA ASN B 157 -15.81 -23.70 -29.26
C ASN B 157 -16.73 -22.50 -29.19
N HIS B 158 -16.54 -21.62 -28.21
CA HIS B 158 -17.33 -20.41 -28.06
C HIS B 158 -16.54 -19.16 -28.37
N THR B 159 -15.40 -18.97 -27.69
CA THR B 159 -14.57 -17.79 -27.87
C THR B 159 -13.13 -18.22 -28.04
N ARG B 160 -12.45 -17.58 -28.97
CA ARG B 160 -11.10 -17.94 -29.36
C ARG B 160 -10.27 -16.68 -29.54
N ILE B 161 -9.01 -16.74 -29.10
CA ILE B 161 -8.05 -15.70 -29.41
C ILE B 161 -7.44 -16.07 -30.76
N LYS B 162 -7.94 -15.42 -31.81
CA LYS B 162 -7.43 -15.72 -33.15
C LYS B 162 -5.96 -15.40 -33.26
N GLU B 163 -5.53 -14.29 -32.66
CA GLU B 163 -4.20 -13.77 -32.90
C GLU B 163 -3.85 -12.79 -31.79
N LEU B 164 -2.57 -12.71 -31.47
CA LEU B 164 -2.08 -11.73 -30.51
C LEU B 164 -0.94 -10.99 -31.19
N ILE B 165 -1.14 -9.70 -31.43
CA ILE B 165 -0.15 -8.83 -32.03
C ILE B 165 0.40 -7.96 -30.92
N TYR B 166 1.68 -8.10 -30.62
CA TYR B 166 2.30 -7.36 -29.53
C TYR B 166 3.49 -6.56 -30.04
N GLU B 167 3.59 -5.31 -29.60
CA GLU B 167 4.62 -4.40 -30.06
C GLU B 167 5.05 -3.52 -28.90
N ASP B 168 6.04 -2.68 -29.17
CA ASP B 168 6.46 -1.63 -28.25
C ASP B 168 6.09 -0.30 -28.86
N SER B 169 5.33 0.51 -28.13
CA SER B 169 4.90 1.80 -28.66
C SER B 169 6.06 2.78 -28.79
N LYS B 170 7.15 2.56 -28.07
CA LYS B 170 8.31 3.46 -28.07
C LYS B 170 7.96 4.83 -27.50
N PHE B 171 6.91 4.90 -26.67
CA PHE B 171 6.51 6.17 -26.09
C PHE B 171 7.62 6.75 -25.23
N THR B 172 8.28 5.91 -24.43
CA THR B 172 9.41 6.32 -23.61
C THR B 172 10.58 5.40 -23.86
N GLN B 173 11.78 5.93 -23.65
CA GLN B 173 13.00 5.12 -23.68
C GLN B 173 13.42 4.84 -22.25
N ASN B 174 14.01 3.67 -22.03
CA ASN B 174 14.16 3.20 -20.66
C ASN B 174 15.51 3.55 -20.04
N TYR B 175 16.60 3.43 -20.80
CA TYR B 175 17.93 3.78 -20.31
C TYR B 175 18.48 2.79 -19.30
N LYS B 176 17.67 1.82 -18.88
CA LYS B 176 18.11 0.80 -17.95
C LYS B 176 17.95 -0.61 -18.50
N TRP B 177 16.90 -0.84 -19.27
CA TRP B 177 16.65 -2.12 -19.90
C TRP B 177 16.49 -1.91 -21.40
N ASP B 178 17.05 -2.84 -22.17
CA ASP B 178 16.77 -2.94 -23.60
C ASP B 178 15.57 -3.87 -23.74
N ILE B 179 14.43 -3.33 -24.14
CA ILE B 179 13.19 -4.07 -24.29
C ILE B 179 13.09 -4.54 -25.73
N ASN B 180 12.66 -5.79 -25.90
CA ASN B 180 12.41 -6.37 -27.21
C ASN B 180 11.09 -7.14 -27.07
N VAL B 181 10.01 -6.52 -27.51
CA VAL B 181 8.70 -7.14 -27.50
C VAL B 181 8.01 -6.76 -28.81
N SER B 182 8.06 -7.65 -29.78
CA SER B 182 7.51 -7.36 -31.10
C SER B 182 7.25 -8.67 -31.81
N GLY B 183 6.02 -8.89 -32.24
CA GLY B 183 5.68 -10.15 -32.86
C GLY B 183 4.18 -10.32 -32.96
N LYS B 184 3.80 -11.52 -33.39
CA LYS B 184 2.43 -11.82 -33.78
C LYS B 184 2.28 -13.34 -33.71
N VAL B 185 1.47 -13.83 -32.80
CA VAL B 185 1.38 -15.26 -32.53
C VAL B 185 -0.09 -15.69 -32.56
N ASN B 186 -0.34 -16.84 -33.18
CA ASN B 186 -1.68 -17.42 -33.12
C ASN B 186 -2.00 -17.87 -31.70
N GLY B 187 -3.28 -17.84 -31.35
CA GLY B 187 -3.69 -18.30 -30.05
C GLY B 187 -3.57 -19.80 -29.90
N THR B 188 -3.36 -20.24 -28.67
CA THR B 188 -3.24 -21.66 -28.34
C THR B 188 -4.57 -22.16 -27.81
N ASP B 189 -5.12 -23.19 -28.47
CA ASP B 189 -6.44 -23.71 -28.16
C ASP B 189 -6.30 -25.06 -27.48
N GLU B 190 -6.23 -25.05 -26.15
CA GLU B 190 -6.12 -26.27 -25.34
C GLU B 190 -7.18 -26.18 -24.23
N LEU B 191 -8.41 -26.57 -24.57
CA LEU B 191 -9.53 -26.59 -23.63
C LEU B 191 -9.99 -25.17 -23.29
N PHE B 192 -9.24 -24.17 -23.71
CA PHE B 192 -9.58 -22.76 -23.60
C PHE B 192 -8.45 -22.01 -24.27
N SER B 193 -8.78 -20.89 -24.90
CA SER B 193 -7.82 -20.23 -25.76
C SER B 193 -6.98 -19.25 -24.96
N TYR B 194 -5.68 -19.25 -25.23
CA TYR B 194 -4.77 -18.30 -24.60
C TYR B 194 -3.61 -18.03 -25.53
N ALA B 195 -2.82 -17.03 -25.16
CA ALA B 195 -1.63 -16.65 -25.91
C ALA B 195 -0.75 -15.85 -24.96
N PHE B 196 0.50 -15.63 -25.35
CA PHE B 196 1.35 -14.78 -24.53
C PHE B 196 2.35 -14.04 -25.39
N ALA B 197 2.69 -12.85 -24.93
CA ALA B 197 3.72 -12.00 -25.53
C ALA B 197 5.03 -12.21 -24.80
N PRO B 198 6.10 -12.62 -25.47
CA PRO B 198 7.41 -12.70 -24.81
C PRO B 198 8.13 -11.35 -24.86
N MET B 199 8.44 -10.81 -23.70
CA MET B 199 9.17 -9.57 -23.55
C MET B 199 10.59 -9.93 -23.13
N TYR B 200 11.56 -9.60 -23.97
CA TYR B 200 12.96 -9.86 -23.66
C TYR B 200 13.60 -8.58 -23.14
N LEU B 201 14.29 -8.69 -22.01
CA LEU B 201 14.85 -7.53 -21.32
C LEU B 201 16.32 -7.79 -21.07
N ARG B 202 17.18 -7.00 -21.70
CA ARG B 202 18.63 -7.08 -21.51
C ARG B 202 19.10 -5.87 -20.73
N ARG B 203 19.74 -6.09 -19.58
CA ARG B 203 20.19 -4.96 -18.80
C ARG B 203 21.22 -4.16 -19.59
N LYS B 204 21.04 -2.85 -19.62
CA LYS B 204 21.95 -1.98 -20.34
C LYS B 204 23.19 -1.72 -19.51
N LEU B 205 24.35 -1.73 -20.15
CA LEU B 205 25.63 -1.57 -19.47
C LEU B 205 25.91 -0.08 -19.25
N THR B 206 25.11 0.52 -18.36
CA THR B 206 25.37 1.88 -17.92
C THR B 206 26.61 1.90 -17.04
N VAL B 207 27.39 2.98 -17.16
CA VAL B 207 28.63 3.07 -16.40
C VAL B 207 28.38 3.19 -14.91
N GLY B 208 27.13 3.33 -14.49
CA GLY B 208 26.82 3.28 -13.09
C GLY B 208 27.01 1.83 -12.68
N ILE B 209 26.73 0.86 -13.56
CA ILE B 209 27.01 -0.56 -13.26
C ILE B 209 28.51 -0.75 -13.20
N ILE B 210 29.23 -0.14 -14.13
CA ILE B 210 30.69 -0.26 -14.15
C ILE B 210 31.27 0.36 -12.89
N ALA B 211 30.70 1.46 -12.43
CA ALA B 211 31.16 2.10 -11.18
C ALA B 211 30.96 1.12 -10.04
N MET B 212 29.85 0.40 -10.04
CA MET B 212 29.60 -0.64 -9.02
C MET B 212 30.66 -1.74 -9.12
N LEU B 213 31.07 -2.09 -10.33
CA LEU B 213 32.15 -3.09 -10.50
C LEU B 213 33.51 -2.65 -9.94
N ILE B 214 33.86 -1.36 -10.10
CA ILE B 214 35.17 -0.85 -9.63
C ILE B 214 35.65 -1.34 -8.23
N PRO B 215 34.80 -1.24 -7.18
CA PRO B 215 35.22 -1.72 -5.85
C PRO B 215 35.49 -3.20 -5.84
N THR B 216 34.68 -4.00 -6.53
CA THR B 216 34.87 -5.46 -6.51
C THR B 216 36.24 -5.83 -7.10
N VAL B 217 36.56 -5.29 -8.27
CA VAL B 217 37.81 -5.67 -8.92
C VAL B 217 39.01 -5.18 -8.11
N MET B 218 38.97 -3.92 -7.66
CA MET B 218 40.13 -3.43 -6.93
C MET B 218 40.29 -4.16 -5.61
N MET B 219 39.18 -4.54 -4.96
CA MET B 219 39.27 -5.33 -3.75
C MET B 219 39.80 -6.71 -4.03
N THR B 220 39.49 -7.29 -5.18
CA THR B 220 40.13 -8.55 -5.57
C THR B 220 41.63 -8.38 -5.63
N ILE B 221 42.09 -7.31 -6.28
CA ILE B 221 43.52 -7.07 -6.39
C ILE B 221 44.15 -6.93 -5.01
N LEU B 222 43.51 -6.13 -4.15
CA LEU B 222 44.05 -5.87 -2.83
C LEU B 222 44.09 -7.15 -1.99
N THR B 223 43.04 -7.97 -2.09
CA THR B 223 43.04 -9.24 -1.36
C THR B 223 44.14 -10.15 -1.87
N ILE B 224 44.40 -10.13 -3.18
CA ILE B 224 45.50 -10.94 -3.71
C ILE B 224 46.82 -10.51 -3.10
N PHE B 225 47.08 -9.20 -3.05
CA PHE B 225 48.32 -8.76 -2.40
C PHE B 225 48.37 -9.12 -0.92
N VAL B 226 47.30 -8.88 -0.17
CA VAL B 226 47.36 -9.12 1.27
C VAL B 226 47.58 -10.60 1.54
N PHE B 227 46.94 -11.47 0.74
CA PHE B 227 47.24 -12.89 0.83
C PHE B 227 48.68 -13.18 0.43
N LEU B 228 49.24 -12.36 -0.47
CA LEU B 228 50.64 -12.50 -0.86
C LEU B 228 51.59 -11.75 0.06
N LEU B 229 51.07 -10.92 0.96
CA LEU B 229 51.93 -10.13 1.82
C LEU B 229 52.91 -11.04 2.56
N PRO B 230 54.13 -10.57 2.84
CA PRO B 230 55.10 -11.43 3.53
C PRO B 230 54.56 -11.91 4.86
N PRO B 231 54.93 -13.12 5.29
CA PRO B 231 54.37 -13.66 6.54
C PRO B 231 54.58 -12.75 7.75
N GLU B 232 55.73 -12.09 7.84
CA GLU B 232 56.04 -11.21 8.95
C GLU B 232 56.24 -9.76 8.53
N SER B 233 55.45 -9.27 7.58
CA SER B 233 55.58 -7.89 7.12
C SER B 233 55.48 -6.91 8.29
N GLY B 234 54.47 -7.11 9.15
CA GLY B 234 54.29 -6.27 10.32
C GLY B 234 52.88 -5.78 10.49
N GLU B 235 52.19 -5.50 9.38
CA GLU B 235 50.81 -5.06 9.39
C GLU B 235 49.84 -6.10 8.84
N LYS B 236 50.30 -7.35 8.70
CA LYS B 236 49.47 -8.40 8.11
C LYS B 236 48.14 -8.54 8.82
N VAL B 237 48.15 -8.61 10.15
CA VAL B 237 46.96 -8.94 10.93
C VAL B 237 45.87 -7.91 10.71
N SER B 238 46.17 -6.65 10.99
CA SER B 238 45.16 -5.60 10.90
C SER B 238 44.67 -5.44 9.46
N LEU B 239 45.60 -5.44 8.51
CA LEU B 239 45.22 -5.28 7.11
C LEU B 239 44.27 -6.39 6.67
N ALA B 240 44.64 -7.65 6.95
CA ALA B 240 43.79 -8.77 6.57
C ALA B 240 42.45 -8.70 7.28
N THR B 241 42.44 -8.29 8.55
CA THR B 241 41.19 -8.19 9.28
C THR B 241 40.25 -7.18 8.63
N THR B 242 40.75 -5.97 8.35
CA THR B 242 39.92 -4.96 7.74
C THR B 242 39.45 -5.38 6.35
N ILE B 243 40.32 -6.03 5.57
CA ILE B 243 39.94 -6.42 4.23
C ILE B 243 38.88 -7.51 4.27
N PHE B 244 39.01 -8.46 5.19
CA PHE B 244 37.97 -9.47 5.35
C PHE B 244 36.66 -8.83 5.80
N LEU B 245 36.72 -7.84 6.68
CA LEU B 245 35.49 -7.16 7.08
C LEU B 245 34.80 -6.52 5.88
N SER B 246 35.58 -5.84 5.04
CA SER B 246 35.00 -5.24 3.84
C SER B 246 34.43 -6.29 2.91
N ASN B 247 35.13 -7.42 2.77
CA ASN B 247 34.64 -8.49 1.91
C ASN B 247 33.32 -9.05 2.42
N VAL B 248 33.22 -9.24 3.74
CA VAL B 248 31.97 -9.74 4.33
C VAL B 248 30.86 -8.73 4.10
N LEU B 249 31.16 -7.44 4.24
CA LEU B 249 30.14 -6.43 4.00
C LEU B 249 29.64 -6.48 2.57
N TYR B 250 30.55 -6.62 1.60
CA TYR B 250 30.14 -6.71 0.20
C TYR B 250 29.32 -7.96 -0.05
N LEU B 251 29.75 -9.10 0.50
CA LEU B 251 29.02 -10.34 0.29
C LEU B 251 27.62 -10.25 0.90
N VAL B 252 27.48 -9.56 2.01
CA VAL B 252 26.18 -9.38 2.63
C VAL B 252 25.32 -8.46 1.77
N GLN B 253 25.90 -7.37 1.27
CA GLN B 253 25.10 -6.39 0.54
C GLN B 253 24.64 -6.92 -0.82
N ILE B 254 25.47 -7.73 -1.48
CA ILE B 254 25.07 -8.24 -2.79
C ILE B 254 23.89 -9.19 -2.65
N ASP B 255 23.83 -9.96 -1.57
CA ASP B 255 22.73 -10.91 -1.39
C ASP B 255 21.40 -10.18 -1.28
N LYS B 256 21.39 -9.05 -0.57
CA LYS B 256 20.15 -8.30 -0.40
C LYS B 256 19.62 -7.73 -1.71
N THR B 257 20.41 -7.72 -2.77
CA THR B 257 19.99 -7.22 -4.07
C THR B 257 19.66 -8.34 -5.05
N THR B 258 20.44 -9.42 -5.05
CA THR B 258 20.19 -10.50 -5.98
C THR B 258 18.95 -11.29 -5.54
N PRO B 259 18.14 -11.76 -6.49
CA PRO B 259 16.93 -12.51 -6.11
C PRO B 259 17.25 -13.87 -5.55
N THR B 260 16.41 -14.31 -4.61
CA THR B 260 16.55 -15.62 -3.98
C THR B 260 15.73 -16.70 -4.69
N ASN B 261 14.94 -16.33 -5.69
CA ASN B 261 14.14 -17.26 -6.47
C ASN B 261 14.66 -17.22 -7.90
N THR B 262 15.70 -18.00 -8.17
CA THR B 262 16.39 -17.96 -9.46
C THR B 262 16.69 -19.38 -9.91
N LYS B 263 16.67 -19.58 -11.23
CA LYS B 263 17.00 -20.88 -11.79
C LYS B 263 18.43 -21.27 -11.43
N TYR B 264 19.36 -20.35 -11.57
CA TYR B 264 20.76 -20.54 -11.20
C TYR B 264 21.24 -19.33 -10.40
N PRO B 265 22.28 -19.49 -9.59
CA PRO B 265 22.80 -18.37 -8.81
C PRO B 265 23.53 -17.37 -9.67
N SER B 266 23.68 -16.16 -9.15
CA SER B 266 24.50 -15.14 -9.81
C SER B 266 25.97 -15.50 -9.67
N LEU B 267 26.71 -15.41 -10.78
CA LEU B 267 28.13 -15.72 -10.74
C LEU B 267 28.89 -14.73 -9.88
N LEU B 268 28.44 -13.48 -9.82
CA LEU B 268 29.12 -12.49 -9.00
C LEU B 268 29.05 -12.85 -7.52
N MET B 269 27.90 -13.39 -7.09
CA MET B 269 27.79 -13.83 -5.70
C MET B 269 28.78 -14.94 -5.39
N LEU B 270 28.90 -15.93 -6.29
CA LEU B 270 29.87 -16.99 -6.07
C LEU B 270 31.29 -16.46 -6.05
N TYR B 271 31.60 -15.52 -6.95
CA TYR B 271 32.93 -14.94 -7.00
C TYR B 271 33.27 -14.23 -5.69
N LEU B 272 32.34 -13.42 -5.19
CA LEU B 272 32.60 -12.71 -3.94
C LEU B 272 32.67 -13.67 -2.76
N MET B 273 31.87 -14.75 -2.79
CA MET B 273 31.98 -15.77 -1.74
C MET B 273 33.36 -16.40 -1.74
N LEU B 274 33.86 -16.76 -2.92
CA LEU B 274 35.20 -17.35 -3.02
C LEU B 274 36.25 -16.36 -2.55
N LEU B 275 36.11 -15.08 -2.92
CA LEU B 275 37.08 -14.08 -2.50
C LEU B 275 37.08 -13.92 -0.98
N SER B 276 35.89 -13.92 -0.36
CA SER B 276 35.82 -13.83 1.09
C SER B 276 36.44 -15.06 1.74
N MET B 277 36.22 -16.24 1.15
CA MET B 277 36.84 -17.45 1.68
C MET B 277 38.36 -17.35 1.63
N LEU B 278 38.90 -16.85 0.51
CA LEU B 278 40.34 -16.69 0.41
C LEU B 278 40.87 -15.65 1.38
N SER B 279 40.11 -14.58 1.62
CA SER B 279 40.52 -13.61 2.62
C SER B 279 40.56 -14.25 4.01
N GLY B 280 39.56 -15.06 4.33
CA GLY B 280 39.57 -15.76 5.60
C GLY B 280 40.74 -16.71 5.72
N ILE B 281 41.07 -17.40 4.64
CA ILE B 281 42.22 -18.31 4.65
C ILE B 281 43.51 -17.52 4.84
N ALA B 282 43.60 -16.33 4.24
CA ALA B 282 44.78 -15.49 4.44
C ALA B 282 44.90 -15.05 5.90
N THR B 283 43.77 -14.68 6.52
CA THR B 283 43.81 -14.32 7.94
C THR B 283 44.21 -15.52 8.78
N LEU B 284 43.71 -16.71 8.43
CA LEU B 284 44.10 -17.93 9.14
C LEU B 284 45.60 -18.18 9.02
N GLY B 285 46.15 -18.01 7.82
CA GLY B 285 47.59 -18.16 7.65
C GLY B 285 48.37 -17.15 8.45
N SER B 286 47.88 -15.91 8.51
CA SER B 286 48.54 -14.90 9.33
C SER B 286 48.51 -15.29 10.80
N VAL B 287 47.38 -15.83 11.26
CA VAL B 287 47.29 -16.28 12.65
C VAL B 287 48.29 -17.39 12.91
N VAL B 288 48.38 -18.35 12.00
CA VAL B 288 49.32 -19.45 12.16
C VAL B 288 50.75 -18.92 12.20
N ILE B 289 51.07 -17.96 11.33
CA ILE B 289 52.41 -17.37 11.33
C ILE B 289 52.69 -16.70 12.67
N SER B 290 51.72 -15.94 13.19
CA SER B 290 51.90 -15.29 14.48
C SER B 290 52.14 -16.32 15.58
N LYS B 291 51.47 -17.48 15.48
CA LYS B 291 51.72 -18.54 16.43
C LYS B 291 53.17 -19.01 16.36
N LEU B 292 53.70 -19.16 15.15
CA LEU B 292 55.07 -19.60 14.97
C LEU B 292 56.05 -18.43 15.16
N THR C 1 -29.92 -26.21 -35.93
CA THR C 1 -28.97 -25.78 -34.93
C THR C 1 -29.57 -24.70 -34.04
N PRO C 2 -29.12 -24.61 -32.80
CA PRO C 2 -29.63 -23.56 -31.91
C PRO C 2 -29.20 -22.19 -32.40
N THR C 3 -30.03 -21.20 -32.12
CA THR C 3 -29.82 -19.84 -32.60
C THR C 3 -29.85 -18.87 -31.43
N TYR C 4 -29.63 -17.60 -31.74
CA TYR C 4 -29.66 -16.54 -30.73
C TYR C 4 -31.03 -16.44 -30.09
N GLY C 5 -32.09 -16.53 -30.88
CA GLY C 5 -33.43 -16.44 -30.34
C GLY C 5 -33.78 -17.61 -29.43
N ASP C 6 -33.28 -18.81 -29.77
CA ASP C 6 -33.53 -19.96 -28.92
C ASP C 6 -32.92 -19.77 -27.54
N GLU C 7 -31.69 -19.28 -27.48
CA GLU C 7 -31.07 -19.05 -26.17
C GLU C 7 -31.74 -17.89 -25.45
N ARG C 8 -32.23 -16.89 -26.18
CA ARG C 8 -32.99 -15.83 -25.53
C ARG C 8 -34.24 -16.38 -24.87
N LEU C 9 -34.96 -17.25 -25.58
CA LEU C 9 -36.15 -17.89 -25.00
C LEU C 9 -35.79 -18.72 -23.79
N LEU C 10 -34.72 -19.50 -23.89
CA LEU C 10 -34.32 -20.35 -22.76
C LEU C 10 -34.00 -19.51 -21.54
N ARG C 11 -33.19 -18.47 -21.71
CA ARG C 11 -32.84 -17.62 -20.57
C ARG C 11 -34.05 -16.89 -20.03
N GLU C 12 -35.02 -16.58 -20.88
CA GLU C 12 -36.25 -15.97 -20.39
C GLU C 12 -37.04 -16.94 -19.51
N LYS C 13 -37.11 -18.21 -19.92
CA LYS C 13 -37.89 -19.17 -19.15
C LYS C 13 -37.19 -19.55 -17.85
N LEU C 14 -35.87 -19.69 -17.88
CA LEU C 14 -35.16 -20.18 -16.69
C LEU C 14 -35.33 -19.25 -15.51
N LEU C 15 -35.27 -17.94 -15.74
CA LEU C 15 -35.23 -16.96 -14.67
C LEU C 15 -36.61 -16.42 -14.32
N THR C 16 -37.69 -17.03 -14.82
CA THR C 16 -39.01 -16.45 -14.66
C THR C 16 -39.44 -16.35 -13.20
N ASN C 17 -39.55 -17.48 -12.51
CA ASN C 17 -39.98 -17.51 -11.11
C ASN C 17 -38.82 -17.89 -10.19
N TYR C 18 -37.62 -17.39 -10.51
CA TYR C 18 -36.41 -17.75 -9.81
C TYR C 18 -36.06 -16.66 -8.82
N SER C 19 -35.74 -17.05 -7.58
CA SER C 19 -35.31 -16.13 -6.54
C SER C 19 -33.84 -16.38 -6.25
N LYS C 20 -33.01 -15.37 -6.49
CA LYS C 20 -31.58 -15.51 -6.30
C LYS C 20 -31.21 -15.78 -4.84
N SER C 21 -32.03 -15.34 -3.90
CA SER C 21 -31.71 -15.46 -2.48
C SER C 21 -32.28 -16.71 -1.83
N ILE C 22 -33.08 -17.50 -2.55
CA ILE C 22 -33.57 -18.77 -2.02
C ILE C 22 -32.63 -19.87 -2.45
N ARG C 23 -32.28 -20.72 -1.51
CA ARG C 23 -31.40 -21.84 -1.78
C ARG C 23 -32.05 -22.77 -2.79
N PRO C 24 -31.33 -23.23 -3.82
CA PRO C 24 -31.98 -23.80 -5.02
C PRO C 24 -32.32 -25.27 -4.89
N VAL C 25 -33.28 -25.57 -4.01
CA VAL C 25 -33.78 -26.93 -3.83
C VAL C 25 -35.29 -26.89 -3.88
N ILE C 26 -35.89 -27.93 -4.46
CA ILE C 26 -37.34 -28.02 -4.49
C ILE C 26 -37.88 -28.11 -3.07
N ASN C 27 -37.31 -29.00 -2.27
CA ASN C 27 -37.68 -29.17 -0.88
C ASN C 27 -36.62 -28.52 0.00
N LEU C 28 -37.04 -27.64 0.90
CA LEU C 28 -36.09 -26.89 1.70
C LEU C 28 -35.38 -27.74 2.73
N THR C 29 -35.77 -29.00 2.89
CA THR C 29 -35.08 -29.90 3.81
C THR C 29 -33.79 -30.48 3.21
N LYS C 30 -33.59 -30.37 1.92
CA LYS C 30 -32.42 -30.94 1.25
C LYS C 30 -31.24 -29.97 1.31
N VAL C 31 -30.06 -30.53 1.51
CA VAL C 31 -28.84 -29.74 1.52
C VAL C 31 -28.34 -29.62 0.09
N VAL C 32 -27.58 -28.56 -0.17
CA VAL C 32 -26.87 -28.42 -1.44
C VAL C 32 -25.41 -28.77 -1.16
N ASP C 33 -24.94 -29.85 -1.80
CA ASP C 33 -23.57 -30.30 -1.65
C ASP C 33 -22.71 -29.62 -2.68
N VAL C 34 -21.74 -28.84 -2.21
CA VAL C 34 -20.81 -28.12 -3.07
C VAL C 34 -19.49 -28.87 -3.03
N THR C 35 -18.91 -29.10 -4.20
CA THR C 35 -17.56 -29.65 -4.28
C THR C 35 -16.63 -28.55 -4.77
N ALA C 36 -15.55 -28.32 -4.02
CA ALA C 36 -14.59 -27.27 -4.30
C ALA C 36 -13.32 -27.85 -4.87
N LEU C 37 -12.72 -27.13 -5.82
CA LEU C 37 -11.46 -27.54 -6.44
C LEU C 37 -10.52 -26.36 -6.37
N LEU C 38 -9.40 -26.53 -5.68
CA LEU C 38 -8.42 -25.46 -5.48
C LEU C 38 -7.13 -25.87 -6.16
N TYR C 39 -6.74 -25.13 -7.18
CA TYR C 39 -5.49 -25.40 -7.89
C TYR C 39 -4.54 -24.24 -7.67
N LEU C 40 -3.34 -24.53 -7.20
CA LEU C 40 -2.32 -23.48 -7.13
C LEU C 40 -1.86 -23.15 -8.54
N GLN C 41 -1.80 -21.86 -8.86
CA GLN C 41 -1.17 -21.43 -10.10
C GLN C 41 0.30 -21.09 -9.87
N THR C 42 0.55 -20.07 -9.05
CA THR C 42 1.91 -19.72 -8.66
C THR C 42 1.91 -19.35 -7.19
N LEU C 43 3.00 -19.71 -6.52
CA LEU C 43 3.25 -19.31 -5.14
C LEU C 43 4.14 -18.08 -5.21
N TYR C 44 3.55 -16.91 -4.98
CA TYR C 44 4.30 -15.67 -5.12
C TYR C 44 5.37 -15.55 -4.05
N ASP C 45 5.02 -15.75 -2.79
CA ASP C 45 5.99 -15.52 -1.73
C ASP C 45 5.56 -16.25 -0.47
N LEU C 46 6.50 -16.37 0.47
CA LEU C 46 6.25 -16.92 1.79
C LEU C 46 6.91 -15.96 2.77
N ASP C 47 6.15 -14.95 3.21
CA ASP C 47 6.67 -13.87 4.03
C ASP C 47 6.86 -14.36 5.46
N PHE C 48 8.12 -14.44 5.89
CA PHE C 48 8.44 -14.95 7.22
C PHE C 48 8.11 -13.95 8.31
N VAL C 49 8.44 -12.68 8.11
CA VAL C 49 8.25 -11.70 9.16
C VAL C 49 6.77 -11.49 9.43
N ASN C 50 5.94 -11.52 8.38
CA ASN C 50 4.50 -11.37 8.54
C ASN C 50 3.79 -12.69 8.74
N ASN C 51 4.48 -13.81 8.65
CA ASN C 51 3.85 -15.13 8.82
C ASN C 51 2.75 -15.37 7.79
N PHE C 52 2.93 -14.85 6.59
CA PHE C 52 1.92 -15.00 5.55
C PHE C 52 2.49 -15.78 4.38
N ILE C 53 1.61 -16.32 3.55
CA ILE C 53 2.00 -16.88 2.27
C ILE C 53 1.11 -16.26 1.21
N MET C 54 1.72 -15.72 0.17
CA MET C 54 1.02 -15.04 -0.91
C MET C 54 1.04 -15.96 -2.13
N ALA C 55 -0.15 -16.29 -2.63
CA ALA C 55 -0.23 -17.21 -3.76
C ALA C 55 -1.46 -16.88 -4.59
N ARG C 56 -1.49 -17.45 -5.78
CA ARG C 56 -2.60 -17.32 -6.71
C ARG C 56 -3.21 -18.70 -6.93
N TYR C 57 -4.53 -18.78 -6.87
CA TYR C 57 -5.23 -20.04 -7.00
C TYR C 57 -6.34 -19.91 -8.03
N TYR C 58 -6.74 -21.05 -8.55
CA TYR C 58 -7.91 -21.17 -9.42
C TYR C 58 -8.90 -22.02 -8.64
N LEU C 59 -10.01 -21.41 -8.25
CA LEU C 59 -11.00 -22.04 -7.38
C LEU C 59 -12.27 -22.29 -8.17
N GLY C 60 -12.71 -23.54 -8.17
CA GLY C 60 -13.94 -23.91 -8.83
C GLY C 60 -14.93 -24.57 -7.91
N LEU C 61 -16.15 -24.07 -7.90
CA LEU C 61 -17.23 -24.63 -7.11
C LEU C 61 -18.21 -25.31 -8.04
N ILE C 62 -18.60 -26.54 -7.72
CA ILE C 62 -19.55 -27.29 -8.52
C ILE C 62 -20.72 -27.67 -7.63
N TRP C 63 -21.93 -27.37 -8.09
CA TRP C 63 -23.12 -27.77 -7.34
C TRP C 63 -24.24 -28.02 -8.34
N ILE C 64 -25.44 -28.30 -7.83
CA ILE C 64 -26.59 -28.61 -8.67
C ILE C 64 -27.75 -27.72 -8.27
N ASP C 65 -28.34 -27.05 -9.26
CA ASP C 65 -29.53 -26.24 -9.09
C ASP C 65 -30.74 -26.99 -9.65
N GLU C 66 -31.76 -27.17 -8.83
CA GLU C 66 -32.95 -27.90 -9.23
C GLU C 66 -34.02 -27.01 -9.85
N LYS C 67 -33.90 -25.69 -9.72
CA LYS C 67 -34.77 -24.75 -10.42
C LYS C 67 -34.32 -24.48 -11.85
N LEU C 68 -33.12 -24.91 -12.23
CA LEU C 68 -32.53 -24.47 -13.50
C LEU C 68 -32.26 -25.65 -14.42
N THR C 69 -33.22 -26.54 -14.57
CA THR C 69 -33.13 -27.63 -15.53
C THR C 69 -34.04 -27.37 -16.70
N TRP C 70 -33.73 -28.00 -17.84
CA TRP C 70 -34.57 -27.86 -19.02
C TRP C 70 -34.33 -29.07 -19.92
N ASN C 71 -35.24 -29.24 -20.87
CA ASN C 71 -35.13 -30.30 -21.85
C ASN C 71 -34.47 -29.74 -23.10
N PRO C 72 -33.27 -30.16 -23.48
CA PRO C 72 -32.61 -29.54 -24.64
C PRO C 72 -33.38 -29.68 -25.93
N LEU C 73 -34.26 -30.69 -26.05
CA LEU C 73 -35.02 -30.86 -27.28
C LEU C 73 -36.06 -29.77 -27.47
N ASP C 74 -36.46 -29.07 -26.41
CA ASP C 74 -37.42 -27.98 -26.53
C ASP C 74 -36.76 -26.66 -26.90
N TYR C 75 -35.43 -26.63 -27.03
CA TYR C 75 -34.71 -25.40 -27.30
C TYR C 75 -33.65 -25.64 -28.37
N ASN C 76 -34.00 -26.42 -29.39
CA ASN C 76 -33.09 -26.70 -30.50
C ASN C 76 -31.78 -27.28 -30.01
N ASN C 77 -31.86 -28.10 -28.96
CA ASN C 77 -30.71 -28.91 -28.53
C ASN C 77 -29.64 -28.05 -27.85
N ILE C 78 -30.05 -27.07 -27.05
CA ILE C 78 -29.12 -26.32 -26.22
C ILE C 78 -28.90 -27.10 -24.93
N THR C 79 -27.65 -27.48 -24.67
CA THR C 79 -27.31 -28.30 -23.52
C THR C 79 -26.61 -27.56 -22.41
N SER C 80 -26.11 -26.34 -22.65
CA SER C 80 -25.52 -25.56 -21.59
C SER C 80 -25.52 -24.10 -21.98
N ILE C 81 -25.61 -23.24 -20.97
CA ILE C 81 -25.55 -21.79 -21.16
C ILE C 81 -24.59 -21.21 -20.13
N TYR C 82 -24.29 -19.92 -20.30
CA TYR C 82 -23.43 -19.19 -19.38
C TYR C 82 -24.22 -18.00 -18.84
N LEU C 83 -24.37 -17.95 -17.52
CA LEU C 83 -25.15 -16.91 -16.87
C LEU C 83 -24.25 -16.01 -16.03
N PRO C 84 -24.60 -14.74 -15.89
CA PRO C 84 -23.87 -13.90 -14.94
C PRO C 84 -24.00 -14.43 -13.53
N LYS C 85 -22.90 -14.38 -12.79
CA LYS C 85 -22.86 -14.98 -11.47
C LYS C 85 -23.82 -14.33 -10.49
N ASP C 86 -24.22 -13.09 -10.74
CA ASP C 86 -25.05 -12.34 -9.80
C ASP C 86 -26.54 -12.46 -10.07
N LYS C 87 -26.95 -13.24 -11.06
CA LYS C 87 -28.35 -13.50 -11.32
C LYS C 87 -28.86 -14.79 -10.69
N ILE C 88 -27.95 -15.61 -10.15
CA ILE C 88 -28.26 -16.95 -9.71
C ILE C 88 -27.74 -17.12 -8.29
N TRP C 89 -28.34 -18.08 -7.58
CA TRP C 89 -27.82 -18.45 -6.28
C TRP C 89 -26.45 -19.11 -6.44
N THR C 90 -25.49 -18.67 -5.65
CA THR C 90 -24.17 -19.29 -5.62
C THR C 90 -23.83 -19.58 -4.16
N PRO C 91 -23.11 -20.66 -3.89
CA PRO C 91 -22.82 -21.01 -2.50
C PRO C 91 -22.03 -19.92 -1.82
N PRO C 92 -22.29 -19.64 -0.55
CA PRO C 92 -21.57 -18.58 0.16
C PRO C 92 -20.24 -19.07 0.75
N ILE C 93 -19.34 -19.51 -0.12
CA ILE C 93 -18.04 -20.02 0.30
C ILE C 93 -17.10 -18.85 0.50
N LYS C 94 -16.38 -18.87 1.61
CA LYS C 94 -15.42 -17.84 1.97
C LYS C 94 -14.06 -18.47 2.21
N MET C 95 -13.02 -17.70 1.95
CA MET C 95 -11.66 -18.10 2.30
C MET C 95 -11.36 -17.48 3.67
N CYS C 96 -11.88 -18.13 4.70
CA CYS C 96 -11.95 -17.57 6.05
C CYS C 96 -10.68 -17.76 6.86
N ASN C 97 -9.56 -17.90 6.17
CA ASN C 97 -8.23 -17.90 6.78
C ASN C 97 -7.29 -16.98 6.02
N SER C 98 -7.80 -16.24 5.03
CA SER C 98 -6.99 -15.54 4.05
C SER C 98 -7.51 -14.12 3.89
N MET C 99 -6.63 -13.23 3.44
CA MET C 99 -7.02 -11.96 2.85
C MET C 99 -7.15 -12.18 1.35
N ASP C 100 -8.33 -11.97 0.81
CA ASP C 100 -8.60 -12.13 -0.60
C ASP C 100 -8.29 -10.81 -1.30
N LYS C 101 -7.12 -10.73 -1.93
CA LYS C 101 -6.63 -9.50 -2.53
C LYS C 101 -6.87 -9.45 -4.03
N SER C 102 -7.91 -10.14 -4.50
CA SER C 102 -8.24 -10.15 -5.92
C SER C 102 -8.88 -8.82 -6.32
N GLU C 103 -8.69 -8.44 -7.57
CA GLU C 103 -9.36 -7.28 -8.14
C GLU C 103 -10.64 -7.70 -8.86
N GLU C 104 -11.43 -6.70 -9.23
CA GLU C 104 -12.55 -6.95 -10.13
C GLU C 104 -12.09 -7.20 -11.56
N ASN C 105 -10.86 -6.81 -11.88
CA ASN C 105 -10.29 -7.12 -13.19
C ASN C 105 -9.92 -8.58 -13.32
N ASP C 106 -9.69 -9.26 -12.20
CA ASP C 106 -9.38 -10.68 -12.17
C ASP C 106 -10.60 -11.52 -11.80
N GLY C 107 -11.79 -10.92 -11.83
CA GLY C 107 -13.02 -11.61 -11.49
C GLY C 107 -13.78 -12.02 -12.73
N VAL C 108 -14.04 -13.32 -12.85
CA VAL C 108 -14.72 -13.84 -14.03
C VAL C 108 -16.15 -13.32 -14.09
N GLY C 109 -16.89 -13.44 -12.99
CA GLY C 109 -18.26 -12.96 -12.96
C GLY C 109 -19.17 -13.67 -13.93
N GLU C 110 -19.07 -15.00 -14.01
CA GLU C 110 -19.91 -15.77 -14.92
C GLU C 110 -19.77 -17.23 -14.57
N LEU C 111 -20.86 -17.98 -14.75
CA LEU C 111 -20.88 -19.40 -14.44
C LEU C 111 -21.54 -20.17 -15.56
N MET C 112 -21.24 -21.46 -15.64
CA MET C 112 -21.76 -22.34 -16.68
C MET C 112 -22.81 -23.26 -16.09
N LEU C 113 -23.98 -23.28 -16.70
CA LEU C 113 -25.08 -24.12 -16.27
C LEU C 113 -25.38 -25.15 -17.35
N THR C 114 -25.61 -26.40 -16.94
CA THR C 114 -25.93 -27.49 -17.85
C THR C 114 -27.40 -27.83 -17.73
N TYR C 115 -27.93 -28.49 -18.77
CA TYR C 115 -29.36 -28.77 -18.81
C TYR C 115 -29.80 -29.67 -17.67
N THR C 116 -28.89 -30.43 -17.08
CA THR C 116 -29.21 -31.27 -15.93
C THR C 116 -29.25 -30.49 -14.62
N GLY C 117 -28.85 -29.23 -14.63
CA GLY C 117 -28.85 -28.41 -13.45
C GLY C 117 -27.50 -28.20 -12.81
N TRP C 118 -26.44 -28.77 -13.35
CA TRP C 118 -25.12 -28.68 -12.74
C TRP C 118 -24.44 -27.37 -13.10
N ILE C 119 -23.98 -26.65 -12.08
CA ILE C 119 -23.27 -25.38 -12.25
C ILE C 119 -21.80 -25.60 -11.92
N ASN C 120 -20.93 -25.13 -12.80
CA ASN C 120 -19.50 -24.95 -12.58
C ASN C 120 -19.22 -23.47 -12.50
N MET C 121 -18.56 -23.04 -11.43
CA MET C 121 -18.20 -21.63 -11.26
C MET C 121 -16.71 -21.56 -10.95
N TRP C 122 -15.93 -20.97 -11.84
CA TRP C 122 -14.49 -20.89 -11.68
C TRP C 122 -14.04 -19.46 -11.52
N SER C 123 -12.97 -19.26 -10.76
CA SER C 123 -12.47 -17.92 -10.50
C SER C 123 -10.99 -17.98 -10.18
N PHE C 124 -10.31 -16.86 -10.39
CA PHE C 124 -8.93 -16.67 -9.97
C PHE C 124 -8.94 -15.88 -8.67
N ARG C 125 -8.20 -16.36 -7.67
CA ARG C 125 -8.12 -15.69 -6.38
C ARG C 125 -6.69 -15.52 -5.94
N LEU C 126 -6.32 -14.29 -5.62
CA LEU C 126 -5.02 -13.99 -5.04
C LEU C 126 -5.19 -13.90 -3.53
N LEU C 127 -4.52 -14.80 -2.81
CA LEU C 127 -4.73 -14.98 -1.38
C LEU C 127 -3.46 -14.73 -0.59
N HIS C 128 -3.60 -13.94 0.46
CA HIS C 128 -2.58 -13.74 1.49
C HIS C 128 -3.06 -14.52 2.70
N THR C 129 -2.60 -15.76 2.86
CA THR C 129 -3.15 -16.63 3.87
C THR C 129 -2.16 -16.80 5.01
N TYR C 130 -2.67 -16.73 6.24
CA TYR C 130 -1.85 -16.75 7.43
C TYR C 130 -1.26 -18.13 7.65
N CYS C 131 0.04 -18.19 7.85
CA CYS C 131 0.75 -19.44 8.08
C CYS C 131 1.57 -19.33 9.35
N GLN C 132 1.66 -20.42 10.08
CA GLN C 132 2.47 -20.48 11.29
C GLN C 132 3.84 -20.99 10.88
N ILE C 133 4.80 -20.08 10.79
CA ILE C 133 6.08 -20.35 10.14
C ILE C 133 7.10 -20.74 11.20
N ASN C 134 7.49 -22.01 11.21
CA ASN C 134 8.41 -22.56 12.20
C ASN C 134 9.81 -22.56 11.60
N ALA C 135 10.62 -21.56 11.96
CA ALA C 135 11.98 -21.43 11.47
C ALA C 135 12.99 -22.16 12.35
N TYR C 136 12.55 -23.22 13.02
CA TYR C 136 13.43 -23.93 13.96
C TYR C 136 14.65 -24.49 13.25
N THR C 137 14.45 -25.13 12.10
CA THR C 137 15.52 -25.80 11.37
C THR C 137 16.05 -24.97 10.21
N TYR C 138 16.03 -23.65 10.35
CA TYR C 138 16.49 -22.79 9.27
C TYR C 138 17.96 -23.07 8.97
N PRO C 139 18.38 -23.06 7.70
CA PRO C 139 17.61 -22.89 6.46
C PRO C 139 17.12 -24.20 5.85
N PHE C 140 17.17 -25.29 6.61
CA PHE C 140 16.58 -26.56 6.18
C PHE C 140 15.17 -26.72 6.74
N ASP C 141 14.33 -25.71 6.52
CA ASP C 141 13.05 -25.63 7.21
C ASP C 141 11.91 -26.10 6.32
N GLU C 142 10.91 -26.70 6.96
CA GLU C 142 9.69 -27.16 6.33
C GLU C 142 8.51 -26.48 7.00
N HIS C 143 7.51 -26.12 6.22
CA HIS C 143 6.34 -25.43 6.73
C HIS C 143 5.08 -26.07 6.17
N THR C 144 3.99 -25.92 6.91
CA THR C 144 2.67 -26.39 6.46
C THR C 144 1.71 -25.22 6.58
N CYS C 145 1.11 -24.83 5.46
CA CYS C 145 0.13 -23.77 5.42
C CYS C 145 -1.22 -24.38 5.06
N GLU C 146 -2.22 -24.14 5.88
CA GLU C 146 -3.55 -24.68 5.64
C GLU C 146 -4.43 -23.58 5.05
N ILE C 147 -4.94 -23.82 3.84
CA ILE C 147 -5.84 -22.88 3.18
C ILE C 147 -7.26 -23.34 3.44
N TYR C 148 -8.06 -22.50 4.08
CA TYR C 148 -9.39 -22.88 4.56
C TYR C 148 -10.47 -22.38 3.61
N LEU C 149 -11.44 -23.25 3.34
CA LEU C 149 -12.70 -22.89 2.73
C LEU C 149 -13.80 -23.18 3.72
N CYS C 150 -14.78 -22.28 3.82
CA CYS C 150 -15.87 -22.50 4.76
C CYS C 150 -17.14 -21.85 4.27
N VAL C 151 -18.26 -22.48 4.56
CA VAL C 151 -19.58 -21.91 4.28
C VAL C 151 -19.81 -20.77 5.27
N ALA C 152 -20.13 -19.59 4.74
CA ALA C 152 -20.09 -18.36 5.54
C ALA C 152 -21.02 -18.40 6.74
N LEU C 153 -22.33 -18.45 6.49
CA LEU C 153 -23.31 -18.25 7.56
C LEU C 153 -24.27 -19.41 7.74
N HIS C 154 -24.39 -20.30 6.76
CA HIS C 154 -25.44 -21.29 6.74
C HIS C 154 -25.04 -22.53 7.51
N THR C 155 -26.04 -23.24 8.00
CA THR C 155 -25.82 -24.45 8.77
C THR C 155 -25.50 -25.62 7.83
N ILE C 156 -24.89 -26.67 8.38
CA ILE C 156 -24.63 -27.86 7.59
C ILE C 156 -25.89 -28.52 7.10
N ASN C 157 -27.06 -28.07 7.57
CA ASN C 157 -28.34 -28.57 7.07
C ASN C 157 -28.81 -27.81 5.84
N HIS C 158 -28.15 -26.73 5.46
CA HIS C 158 -28.51 -25.98 4.27
C HIS C 158 -27.46 -26.13 3.18
N THR C 159 -26.20 -25.81 3.47
CA THR C 159 -25.13 -25.86 2.50
C THR C 159 -23.94 -26.58 3.10
N ARG C 160 -23.29 -27.41 2.29
CA ARG C 160 -22.23 -28.28 2.75
C ARG C 160 -21.11 -28.29 1.70
N ILE C 161 -19.89 -28.46 2.17
CA ILE C 161 -18.75 -28.72 1.28
C ILE C 161 -18.61 -30.23 1.21
N LYS C 162 -19.11 -30.82 0.13
CA LYS C 162 -19.01 -32.27 -0.02
C LYS C 162 -17.57 -32.73 -0.04
N GLU C 163 -16.71 -32.00 -0.73
CA GLU C 163 -15.37 -32.45 -1.02
C GLU C 163 -14.52 -31.25 -1.40
N LEU C 164 -13.23 -31.34 -1.08
CA LEU C 164 -12.26 -30.34 -1.48
C LEU C 164 -11.13 -31.07 -2.19
N ILE C 165 -10.99 -30.83 -3.48
CA ILE C 165 -9.93 -31.41 -4.30
C ILE C 165 -8.90 -30.33 -4.51
N TYR C 166 -7.69 -30.54 -4.05
CA TYR C 166 -6.64 -29.53 -4.14
C TYR C 166 -5.42 -30.11 -4.84
N GLU C 167 -4.85 -29.34 -5.75
CA GLU C 167 -3.75 -29.79 -6.59
C GLU C 167 -2.83 -28.60 -6.88
N ASP C 168 -1.72 -28.89 -7.53
CA ASP C 168 -0.81 -27.87 -8.04
C ASP C 168 -0.89 -27.89 -9.56
N SER C 169 -1.19 -26.75 -10.16
CA SER C 169 -1.31 -26.68 -11.61
C SER C 169 0.03 -26.85 -12.31
N LYS C 170 1.13 -26.61 -11.61
CA LYS C 170 2.48 -26.69 -12.17
C LYS C 170 2.71 -25.63 -13.24
N PHE C 171 1.95 -24.54 -13.21
CA PHE C 171 2.09 -23.50 -14.23
C PHE C 171 3.47 -22.87 -14.18
N THR C 172 4.00 -22.62 -13.00
CA THR C 172 5.34 -22.09 -12.82
C THR C 172 6.10 -22.96 -11.83
N GLN C 173 7.42 -22.98 -11.99
CA GLN C 173 8.31 -23.63 -11.05
C GLN C 173 8.92 -22.57 -10.14
N ASN C 174 9.16 -22.95 -8.88
CA ASN C 174 9.47 -21.95 -7.87
C ASN C 174 10.97 -21.73 -7.71
N TYR C 175 11.77 -22.80 -7.66
CA TYR C 175 13.21 -22.70 -7.53
C TYR C 175 13.65 -22.28 -6.13
N LYS C 176 12.71 -21.92 -5.26
CA LYS C 176 13.02 -21.57 -3.89
C LYS C 176 12.32 -22.48 -2.89
N TRP C 177 11.11 -22.91 -3.19
CA TRP C 177 10.36 -23.81 -2.32
C TRP C 177 9.93 -25.03 -3.11
N ASP C 178 10.02 -26.19 -2.49
CA ASP C 178 9.41 -27.40 -2.99
C ASP C 178 7.99 -27.45 -2.44
N ILE C 179 7.01 -27.29 -3.32
CA ILE C 179 5.60 -27.26 -2.95
C ILE C 179 5.02 -28.64 -3.11
N ASN C 180 4.23 -29.06 -2.12
CA ASN C 180 3.51 -30.32 -2.14
C ASN C 180 2.09 -30.00 -1.67
N VAL C 181 1.18 -29.84 -2.62
CA VAL C 181 -0.22 -29.61 -2.31
C VAL C 181 -1.04 -30.46 -3.28
N SER C 182 -1.48 -31.63 -2.82
CA SER C 182 -2.21 -32.54 -3.68
C SER C 182 -2.98 -33.50 -2.81
N GLY C 183 -4.29 -33.58 -3.05
CA GLY C 183 -5.12 -34.44 -2.24
C GLY C 183 -6.59 -34.12 -2.43
N LYS C 184 -7.40 -34.75 -1.60
CA LYS C 184 -8.84 -34.73 -1.74
C LYS C 184 -9.43 -35.10 -0.38
N VAL C 185 -10.10 -34.14 0.25
CA VAL C 185 -10.55 -34.29 1.63
C VAL C 185 -12.04 -34.01 1.71
N ASN C 186 -12.76 -34.81 2.49
CA ASN C 186 -14.16 -34.53 2.77
C ASN C 186 -14.28 -33.29 3.64
N GLY C 187 -15.40 -32.59 3.51
CA GLY C 187 -15.64 -31.43 4.34
C GLY C 187 -15.95 -31.82 5.77
N THR C 188 -15.59 -30.92 6.69
CA THR C 188 -15.84 -31.11 8.11
C THR C 188 -17.11 -30.37 8.49
N ASP C 189 -18.07 -31.10 9.04
CA ASP C 189 -19.40 -30.56 9.36
C ASP C 189 -19.51 -30.40 10.87
N GLU C 190 -19.14 -29.22 11.37
CA GLU C 190 -19.22 -28.88 12.79
C GLU C 190 -19.94 -27.55 12.92
N LEU C 191 -21.27 -27.58 12.89
CA LEU C 191 -22.10 -26.39 13.05
C LEU C 191 -22.03 -25.48 11.83
N PHE C 192 -21.12 -25.77 10.92
CA PHE C 192 -20.99 -25.13 9.62
C PHE C 192 -19.87 -25.85 8.90
N SER C 193 -19.98 -25.97 7.59
CA SER C 193 -19.10 -26.85 6.86
C SER C 193 -17.85 -26.10 6.42
N TYR C 194 -16.70 -26.76 6.56
CA TYR C 194 -15.43 -26.19 6.13
C TYR C 194 -14.49 -27.32 5.78
N ALA C 195 -13.36 -26.94 5.20
CA ALA C 195 -12.30 -27.86 4.82
C ALA C 195 -11.03 -27.04 4.67
N PHE C 196 -9.90 -27.72 4.56
CA PHE C 196 -8.67 -27.00 4.28
C PHE C 196 -7.72 -27.87 3.48
N ALA C 197 -6.97 -27.21 2.60
CA ALA C 197 -5.93 -27.85 1.82
C ALA C 197 -4.58 -27.65 2.51
N PRO C 198 -3.84 -28.71 2.84
CA PRO C 198 -2.51 -28.53 3.43
C PRO C 198 -1.44 -28.40 2.36
N MET C 199 -0.70 -27.31 2.42
CA MET C 199 0.39 -27.01 1.49
C MET C 199 1.68 -27.19 2.25
N TYR C 200 2.49 -28.15 1.84
CA TYR C 200 3.78 -28.41 2.48
C TYR C 200 4.87 -27.75 1.65
N LEU C 201 5.75 -27.01 2.31
CA LEU C 201 6.76 -26.20 1.64
C LEU C 201 8.11 -26.52 2.26
N ARG C 202 9.02 -27.09 1.47
CA ARG C 202 10.36 -27.40 1.91
C ARG C 202 11.34 -26.47 1.19
N ARG C 203 12.12 -25.70 1.94
CA ARG C 203 13.04 -24.79 1.29
C ARG C 203 14.06 -25.58 0.46
N LYS C 204 14.26 -25.16 -0.77
CA LYS C 204 15.21 -25.81 -1.65
C LYS C 204 16.62 -25.35 -1.34
N LEU C 205 17.55 -26.31 -1.31
CA LEU C 205 18.93 -26.03 -0.92
C LEU C 205 19.69 -25.47 -2.13
N THR C 206 19.33 -24.25 -2.49
CA THR C 206 20.09 -23.52 -3.50
C THR C 206 21.43 -23.10 -2.94
N VAL C 207 22.46 -23.13 -3.78
CA VAL C 207 23.80 -22.81 -3.30
C VAL C 207 23.95 -21.36 -2.88
N GLY C 208 22.93 -20.53 -3.11
CA GLY C 208 22.90 -19.24 -2.45
C GLY C 208 22.81 -19.39 -0.94
N ILE C 209 22.04 -20.37 -0.49
CA ILE C 209 22.02 -20.69 0.93
C ILE C 209 23.43 -21.06 1.37
N ILE C 210 24.13 -21.87 0.58
CA ILE C 210 25.48 -22.29 0.94
C ILE C 210 26.39 -21.08 1.02
N ALA C 211 26.24 -20.13 0.10
CA ALA C 211 27.02 -18.91 0.17
C ALA C 211 26.75 -18.15 1.45
N MET C 212 25.48 -18.10 1.87
CA MET C 212 25.15 -17.43 3.13
C MET C 212 25.79 -18.15 4.31
N LEU C 213 25.89 -19.47 4.25
CA LEU C 213 26.47 -20.22 5.36
C LEU C 213 28.00 -20.14 5.42
N ILE C 214 28.70 -20.08 4.28
CA ILE C 214 30.17 -20.09 4.31
C ILE C 214 30.72 -19.09 5.32
N PRO C 215 30.30 -17.83 5.34
CA PRO C 215 30.83 -16.92 6.37
C PRO C 215 30.64 -17.44 7.77
N THR C 216 29.50 -18.06 8.07
CA THR C 216 29.25 -18.55 9.42
C THR C 216 30.26 -19.62 9.81
N VAL C 217 30.47 -20.61 8.94
CA VAL C 217 31.38 -21.70 9.29
C VAL C 217 32.82 -21.20 9.39
N MET C 218 33.26 -20.40 8.42
CA MET C 218 34.64 -19.95 8.48
C MET C 218 34.86 -19.03 9.67
N MET C 219 33.85 -18.24 10.04
CA MET C 219 33.97 -17.42 11.23
C MET C 219 33.98 -18.26 12.49
N THR C 220 33.28 -19.40 12.49
CA THR C 220 33.42 -20.33 13.61
C THR C 220 34.86 -20.79 13.74
N ILE C 221 35.48 -21.16 12.62
CA ILE C 221 36.87 -21.62 12.65
C ILE C 221 37.77 -20.50 13.16
N LEU C 222 37.58 -19.29 12.64
CA LEU C 222 38.43 -18.17 13.01
C LEU C 222 38.27 -17.83 14.49
N THR C 223 37.04 -17.86 15.00
CA THR C 223 36.81 -17.63 16.42
C THR C 223 37.48 -18.71 17.26
N ILE C 224 37.43 -19.96 16.79
CA ILE C 224 38.09 -21.02 17.53
C ILE C 224 39.58 -20.77 17.65
N PHE C 225 40.23 -20.39 16.55
CA PHE C 225 41.66 -20.06 16.65
C PHE C 225 41.92 -18.86 17.54
N VAL C 226 41.16 -17.77 17.38
CA VAL C 226 41.46 -16.58 18.18
C VAL C 226 41.28 -16.88 19.66
N PHE C 227 40.28 -17.69 20.00
CA PHE C 227 40.13 -18.14 21.38
C PHE C 227 41.29 -19.04 21.78
N LEU C 228 41.85 -19.78 20.83
CA LEU C 228 43.01 -20.63 21.08
C LEU C 228 44.33 -19.88 20.95
N LEU C 229 44.30 -18.66 20.43
CA LEU C 229 45.54 -17.91 20.22
C LEU C 229 46.33 -17.84 21.53
N PRO C 230 47.66 -17.83 21.46
CA PRO C 230 48.47 -17.79 22.69
C PRO C 230 48.11 -16.57 23.53
N PRO C 231 48.19 -16.68 24.86
CA PRO C 231 47.78 -15.54 25.71
C PRO C 231 48.52 -14.25 25.39
N GLU C 232 49.80 -14.33 25.06
CA GLU C 232 50.60 -13.15 24.75
C GLU C 232 51.13 -13.15 23.32
N SER C 233 50.34 -13.59 22.35
CA SER C 233 50.76 -13.61 20.97
C SER C 233 51.21 -12.23 20.50
N GLY C 234 50.42 -11.21 20.81
CA GLY C 234 50.77 -9.84 20.47
C GLY C 234 49.64 -9.08 19.80
N GLU C 235 48.84 -9.78 18.99
CA GLU C 235 47.70 -9.19 18.32
C GLU C 235 46.37 -9.71 18.87
N LYS C 236 46.38 -10.36 20.04
CA LYS C 236 45.18 -10.95 20.60
C LYS C 236 44.05 -9.94 20.74
N VAL C 237 44.34 -8.77 21.31
CA VAL C 237 43.31 -7.80 21.66
C VAL C 237 42.55 -7.35 20.41
N SER C 238 43.27 -6.78 19.45
CA SER C 238 42.61 -6.23 18.26
C SER C 238 41.92 -7.33 17.46
N LEU C 239 42.58 -8.47 17.30
CA LEU C 239 41.97 -9.58 16.55
C LEU C 239 40.66 -10.02 17.18
N ALA C 240 40.69 -10.26 18.50
CA ALA C 240 39.47 -10.68 19.19
C ALA C 240 38.39 -9.61 19.10
N THR C 241 38.79 -8.33 19.21
CA THR C 241 37.81 -7.25 19.13
C THR C 241 37.10 -7.27 17.78
N THR C 242 37.87 -7.34 16.70
CA THR C 242 37.26 -7.37 15.37
C THR C 242 36.40 -8.61 15.17
N ILE C 243 36.88 -9.76 15.66
CA ILE C 243 36.09 -10.99 15.52
C ILE C 243 34.77 -10.86 16.25
N PHE C 244 34.78 -10.33 17.46
CA PHE C 244 33.54 -10.16 18.20
C PHE C 244 32.63 -9.14 17.52
N LEU C 245 33.20 -8.09 16.96
CA LEU C 245 32.36 -7.12 16.24
C LEU C 245 31.65 -7.78 15.07
N SER C 246 32.38 -8.58 14.29
CA SER C 246 31.75 -9.28 13.17
C SER C 246 30.69 -10.26 13.67
N ASN C 247 30.97 -10.96 14.77
CA ASN C 247 30.00 -11.90 15.32
C ASN C 247 28.72 -11.17 15.74
N VAL C 248 28.87 -10.01 16.39
CA VAL C 248 27.70 -9.24 16.81
C VAL C 248 26.92 -8.78 15.59
N LEU C 249 27.61 -8.34 14.55
CA LEU C 249 26.92 -7.92 13.34
C LEU C 249 26.12 -9.07 12.73
N TYR C 250 26.71 -10.26 12.68
CA TYR C 250 25.99 -11.42 12.14
C TYR C 250 24.78 -11.78 13.02
N LEU C 251 24.97 -11.78 14.35
CA LEU C 251 23.87 -12.11 15.24
C LEU C 251 22.74 -11.10 15.11
N VAL C 252 23.07 -9.83 14.88
CA VAL C 252 22.05 -8.81 14.69
C VAL C 252 21.34 -9.01 13.37
N GLN C 253 22.09 -9.32 12.30
CA GLN C 253 21.47 -9.41 10.98
C GLN C 253 20.59 -10.65 10.86
N ILE C 254 20.96 -11.75 11.51
CA ILE C 254 20.14 -12.96 11.40
C ILE C 254 18.79 -12.75 12.06
N ASP C 255 18.75 -12.01 13.17
CA ASP C 255 17.49 -11.80 13.87
C ASP C 255 16.49 -11.05 12.99
N LYS C 256 16.97 -10.07 12.23
CA LYS C 256 16.09 -9.29 11.37
C LYS C 256 15.48 -10.12 10.26
N THR C 257 15.98 -11.32 10.01
CA THR C 257 15.44 -12.21 8.98
C THR C 257 14.60 -13.34 9.56
N THR C 258 15.00 -13.91 10.68
CA THR C 258 14.23 -15.01 11.26
C THR C 258 12.95 -14.47 11.89
N PRO C 259 11.84 -15.20 11.79
CA PRO C 259 10.57 -14.71 12.36
C PRO C 259 10.59 -14.74 13.88
N THR C 260 9.89 -13.78 14.46
CA THR C 260 9.76 -13.67 15.91
C THR C 260 8.52 -14.38 16.44
N ASN C 261 7.66 -14.90 15.57
CA ASN C 261 6.46 -15.63 15.93
C ASN C 261 6.64 -17.07 15.45
N THR C 262 7.31 -17.88 16.27
CA THR C 262 7.69 -19.24 15.89
C THR C 262 7.45 -20.18 17.05
N LYS C 263 7.07 -21.42 16.72
CA LYS C 263 6.87 -22.42 17.75
C LYS C 263 8.16 -22.68 18.53
N TYR C 264 9.27 -22.81 17.81
CA TYR C 264 10.59 -22.97 18.41
C TYR C 264 11.57 -22.03 17.71
N PRO C 265 12.67 -21.68 18.38
CA PRO C 265 13.65 -20.78 17.76
C PRO C 265 14.46 -21.48 16.68
N SER C 266 15.08 -20.68 15.82
CA SER C 266 16.00 -21.20 14.83
C SER C 266 17.27 -21.68 15.51
N LEU C 267 17.73 -22.87 15.14
CA LEU C 267 18.96 -23.41 15.71
C LEU C 267 20.17 -22.57 15.30
N LEU C 268 20.15 -22.00 14.09
CA LEU C 268 21.27 -21.18 13.65
C LEU C 268 21.41 -19.94 14.53
N MET C 269 20.30 -19.34 14.94
CA MET C 269 20.36 -18.19 15.82
C MET C 269 21.01 -18.55 17.15
N LEU C 270 20.63 -19.69 17.73
CA LEU C 270 21.24 -20.12 18.98
C LEU C 270 22.72 -20.40 18.79
N TYR C 271 23.08 -21.02 17.67
CA TYR C 271 24.49 -21.31 17.40
C TYR C 271 25.30 -20.03 17.32
N LEU C 272 24.79 -19.02 16.61
CA LEU C 272 25.52 -17.77 16.51
C LEU C 272 25.55 -17.03 17.84
N MET C 273 24.49 -17.13 18.64
CA MET C 273 24.51 -16.55 19.98
C MET C 273 25.61 -17.18 20.83
N LEU C 274 25.70 -18.51 20.81
CA LEU C 274 26.75 -19.19 21.57
C LEU C 274 28.12 -18.81 21.05
N LEU C 275 28.28 -18.70 19.74
CA LEU C 275 29.57 -18.29 19.18
C LEU C 275 29.95 -16.89 19.63
N SER C 276 29.00 -15.96 19.63
CA SER C 276 29.29 -14.61 20.09
C SER C 276 29.64 -14.61 21.58
N MET C 277 28.95 -15.44 22.37
CA MET C 277 29.29 -15.54 23.79
C MET C 277 30.71 -16.04 23.97
N LEU C 278 31.11 -17.06 23.19
CA LEU C 278 32.49 -17.56 23.31
C LEU C 278 33.50 -16.53 22.84
N SER C 279 33.17 -15.75 21.81
CA SER C 279 34.07 -14.68 21.39
C SER C 279 34.23 -13.64 22.49
N GLY C 280 33.12 -13.28 23.15
CA GLY C 280 33.21 -12.35 24.28
C GLY C 280 34.04 -12.91 25.41
N ILE C 281 33.89 -14.21 25.69
CA ILE C 281 34.70 -14.83 26.74
C ILE C 281 36.17 -14.82 26.36
N ALA C 282 36.47 -15.03 25.07
CA ALA C 282 37.86 -14.96 24.62
C ALA C 282 38.42 -13.56 24.82
N THR C 283 37.64 -12.53 24.48
CA THR C 283 38.09 -11.16 24.72
C THR C 283 38.29 -10.90 26.21
N LEU C 284 37.40 -11.42 27.04
CA LEU C 284 37.55 -11.29 28.48
C LEU C 284 38.84 -11.94 28.97
N GLY C 285 39.14 -13.14 28.47
CA GLY C 285 40.38 -13.80 28.84
C GLY C 285 41.60 -13.02 28.39
N SER C 286 41.53 -12.43 27.19
CA SER C 286 42.63 -11.58 26.73
C SER C 286 42.81 -10.38 27.62
N VAL C 287 41.71 -9.77 28.07
CA VAL C 287 41.79 -8.63 28.98
C VAL C 287 42.45 -9.06 30.29
N VAL C 288 42.03 -10.21 30.82
CA VAL C 288 42.62 -10.71 32.06
C VAL C 288 44.11 -10.95 31.88
N ILE C 289 44.50 -11.53 30.75
CA ILE C 289 45.91 -11.77 30.49
C ILE C 289 46.68 -10.46 30.44
N SER C 290 46.12 -9.45 29.77
CA SER C 290 46.78 -8.15 29.72
C SER C 290 46.92 -7.56 31.11
N LYS C 291 45.93 -7.79 31.98
CA LYS C 291 46.06 -7.35 33.36
C LYS C 291 47.25 -8.01 34.04
N LEU C 292 47.42 -9.31 33.83
CA LEU C 292 48.53 -10.05 34.43
C LEU C 292 49.82 -9.83 33.63
N THR D 1 -43.64 -30.88 3.95
CA THR D 1 -42.40 -30.13 4.14
C THR D 1 -42.45 -28.81 3.38
N PRO D 2 -41.71 -27.82 3.85
CA PRO D 2 -41.68 -26.54 3.13
C PRO D 2 -40.98 -26.68 1.78
N THR D 3 -41.39 -25.86 0.84
CA THR D 3 -40.89 -25.93 -0.53
C THR D 3 -40.37 -24.56 -0.96
N TYR D 4 -39.88 -24.52 -2.20
CA TYR D 4 -39.35 -23.29 -2.76
C TYR D 4 -40.46 -22.24 -2.89
N GLY D 5 -41.64 -22.65 -3.33
CA GLY D 5 -42.74 -21.71 -3.46
C GLY D 5 -43.20 -21.15 -2.13
N ASP D 6 -43.19 -21.97 -1.08
CA ASP D 6 -43.58 -21.50 0.23
C ASP D 6 -42.66 -20.39 0.71
N GLU D 7 -41.35 -20.55 0.52
CA GLU D 7 -40.42 -19.51 0.93
C GLU D 7 -40.51 -18.30 0.02
N ARG D 8 -40.83 -18.49 -1.26
CA ARG D 8 -41.03 -17.33 -2.13
C ARG D 8 -42.22 -16.52 -1.63
N LEU D 9 -43.32 -17.19 -1.26
CA LEU D 9 -44.47 -16.50 -0.68
C LEU D 9 -44.11 -15.79 0.62
N LEU D 10 -43.36 -16.45 1.49
CA LEU D 10 -43.00 -15.85 2.77
C LEU D 10 -42.18 -14.59 2.56
N ARG D 11 -41.14 -14.67 1.71
CA ARG D 11 -40.31 -13.50 1.44
C ARG D 11 -41.10 -12.41 0.76
N GLU D 12 -42.13 -12.78 -0.01
CA GLU D 12 -42.98 -11.76 -0.61
C GLU D 12 -43.80 -11.02 0.45
N LYS D 13 -44.34 -11.75 1.43
CA LYS D 13 -45.18 -11.12 2.43
C LYS D 13 -44.36 -10.30 3.42
N LEU D 14 -43.16 -10.77 3.76
CA LEU D 14 -42.38 -10.10 4.80
C LEU D 14 -42.01 -8.68 4.38
N LEU D 15 -41.61 -8.50 3.12
CA LEU D 15 -41.04 -7.25 2.66
C LEU D 15 -42.07 -6.33 2.02
N THR D 16 -43.36 -6.64 2.13
CA THR D 16 -44.38 -5.89 1.41
C THR D 16 -44.43 -4.42 1.82
N ASN D 17 -44.72 -4.12 3.08
CA ASN D 17 -44.81 -2.76 3.57
C ASN D 17 -43.64 -2.43 4.49
N TYR D 18 -42.48 -2.96 4.17
CA TYR D 18 -41.29 -2.82 5.00
C TYR D 18 -40.41 -1.71 4.45
N SER D 19 -39.95 -0.83 5.34
CA SER D 19 -39.03 0.23 4.99
C SER D 19 -37.68 -0.07 5.62
N LYS D 20 -36.65 -0.21 4.78
CA LYS D 20 -35.32 -0.51 5.25
C LYS D 20 -34.74 0.59 6.12
N SER D 21 -35.19 1.83 5.96
CA SER D 21 -34.60 2.97 6.65
C SER D 21 -35.34 3.36 7.92
N ILE D 22 -36.49 2.78 8.18
CA ILE D 22 -37.21 3.03 9.43
C ILE D 22 -36.79 1.99 10.45
N ARG D 23 -36.52 2.45 11.65
CA ARG D 23 -36.09 1.57 12.72
C ARG D 23 -37.20 0.58 13.06
N PRO D 24 -36.89 -0.72 13.20
CA PRO D 24 -37.95 -1.76 13.15
C PRO D 24 -38.66 -1.98 14.48
N VAL D 25 -39.47 -1.00 14.88
CA VAL D 25 -40.28 -1.07 16.09
C VAL D 25 -41.69 -0.64 15.75
N ILE D 26 -42.67 -1.28 16.37
CA ILE D 26 -44.06 -0.88 16.15
C ILE D 26 -44.27 0.54 16.65
N ASN D 27 -43.83 0.81 17.87
CA ASN D 27 -43.91 2.15 18.46
C ASN D 27 -42.53 2.77 18.42
N LEU D 28 -42.44 3.97 17.86
CA LEU D 28 -41.13 4.60 17.69
C LEU D 28 -40.50 5.01 19.01
N THR D 29 -41.23 4.96 20.11
CA THR D 29 -40.67 5.28 21.41
C THR D 29 -39.81 4.16 21.99
N LYS D 30 -39.85 2.97 21.41
CA LYS D 30 -39.08 1.84 21.90
C LYS D 30 -37.68 1.84 21.31
N VAL D 31 -36.72 1.37 22.11
CA VAL D 31 -35.34 1.25 21.65
C VAL D 31 -35.16 -0.15 21.07
N VAL D 32 -34.20 -0.27 20.16
CA VAL D 32 -33.75 -1.58 19.70
C VAL D 32 -32.47 -1.88 20.45
N ASP D 33 -32.47 -2.95 21.23
CA ASP D 33 -31.31 -3.39 21.98
C ASP D 33 -30.52 -4.37 21.13
N VAL D 34 -29.29 -4.02 20.81
CA VAL D 34 -28.41 -4.85 20.01
C VAL D 34 -27.39 -5.47 20.95
N THR D 35 -27.20 -6.78 20.85
CA THR D 35 -26.13 -7.45 21.59
C THR D 35 -25.05 -7.84 20.59
N ALA D 36 -23.82 -7.46 20.91
CA ALA D 36 -22.68 -7.68 20.04
C ALA D 36 -21.77 -8.75 20.61
N LEU D 37 -21.23 -9.59 19.73
CA LEU D 37 -20.35 -10.69 20.11
C LEU D 37 -19.10 -10.61 19.24
N LEU D 38 -17.97 -10.31 19.87
CA LEU D 38 -16.71 -10.14 19.16
C LEU D 38 -15.77 -11.27 19.55
N TYR D 39 -15.43 -12.13 18.59
CA TYR D 39 -14.55 -13.26 18.82
C TYR D 39 -13.27 -13.07 18.03
N LEU D 40 -12.14 -13.04 18.71
CA LEU D 40 -10.87 -12.95 18.00
C LEU D 40 -10.59 -14.26 17.29
N GLN D 41 -10.23 -14.18 16.01
CA GLN D 41 -9.79 -15.36 15.28
C GLN D 41 -8.27 -15.49 15.35
N THR D 42 -7.55 -14.52 14.80
CA THR D 42 -6.11 -14.47 14.90
C THR D 42 -5.66 -13.05 15.15
N LEU D 43 -4.60 -12.90 15.93
CA LEU D 43 -3.93 -11.61 16.12
C LEU D 43 -2.76 -11.57 15.15
N TYR D 44 -2.92 -10.83 14.07
CA TYR D 44 -1.90 -10.82 13.03
C TYR D 44 -0.62 -10.18 13.54
N ASP D 45 -0.72 -8.98 14.12
CA ASP D 45 0.51 -8.30 14.52
C ASP D 45 0.17 -7.22 15.54
N LEU D 46 1.21 -6.75 16.22
CA LEU D 46 1.13 -5.65 17.17
C LEU D 46 2.27 -4.70 16.80
N ASP D 47 1.97 -3.70 15.99
CA ASP D 47 2.96 -2.79 15.44
C ASP D 47 3.29 -1.71 16.47
N PHE D 48 4.54 -1.74 16.96
CA PHE D 48 4.97 -0.80 17.99
C PHE D 48 5.20 0.59 17.41
N VAL D 49 5.85 0.68 16.26
CA VAL D 49 6.20 2.00 15.72
C VAL D 49 4.95 2.78 15.38
N ASN D 50 3.94 2.11 14.85
CA ASN D 50 2.70 2.77 14.47
C ASN D 50 1.65 2.74 15.56
N ASN D 51 1.92 2.10 16.69
CA ASN D 51 0.97 2.05 17.80
C ASN D 51 -0.33 1.38 17.40
N PHE D 52 -0.27 0.37 16.54
CA PHE D 52 -1.47 -0.29 16.04
C PHE D 52 -1.44 -1.76 16.41
N ILE D 53 -2.61 -2.39 16.38
CA ILE D 53 -2.70 -3.84 16.47
C ILE D 53 -3.61 -4.31 15.35
N MET D 54 -3.10 -5.25 14.56
CA MET D 54 -3.84 -5.82 13.44
C MET D 54 -4.35 -7.20 13.84
N ALA D 55 -5.67 -7.38 13.76
CA ALA D 55 -6.25 -8.67 14.10
C ALA D 55 -7.47 -8.92 13.21
N ARG D 56 -7.96 -10.15 13.28
CA ARG D 56 -9.14 -10.59 12.57
C ARG D 56 -10.18 -11.03 13.59
N TYR D 57 -11.42 -10.60 13.40
CA TYR D 57 -12.49 -10.90 14.35
C TYR D 57 -13.70 -11.42 13.61
N TYR D 58 -14.49 -12.21 14.32
CA TYR D 58 -15.84 -12.57 13.94
C TYR D 58 -16.78 -11.75 14.80
N LEU D 59 -17.51 -10.82 14.18
CA LEU D 59 -18.43 -9.93 14.87
C LEU D 59 -19.85 -10.34 14.53
N GLY D 60 -20.64 -10.57 15.56
CA GLY D 60 -22.04 -10.91 15.38
C GLY D 60 -22.97 -9.99 16.14
N LEU D 61 -23.96 -9.45 15.46
CA LEU D 61 -24.95 -8.58 16.06
C LEU D 61 -26.28 -9.31 16.11
N ILE D 62 -26.93 -9.27 17.26
CA ILE D 62 -28.21 -9.92 17.45
C ILE D 62 -29.22 -8.88 17.91
N TRP D 63 -30.36 -8.83 17.26
CA TRP D 63 -31.42 -7.91 17.66
C TRP D 63 -32.76 -8.51 17.27
N ILE D 64 -33.84 -7.77 17.53
CA ILE D 64 -35.18 -8.25 17.24
C ILE D 64 -35.89 -7.25 16.35
N ASP D 65 -36.47 -7.75 15.25
CA ASP D 65 -37.28 -6.96 14.34
C ASP D 65 -38.75 -7.31 14.57
N GLU D 66 -39.58 -6.29 14.78
CA GLU D 66 -40.98 -6.49 15.05
C GLU D 66 -41.86 -6.46 13.80
N LYS D 67 -41.33 -5.95 12.68
CA LYS D 67 -42.00 -6.02 11.39
C LYS D 67 -41.83 -7.36 10.69
N LEU D 68 -40.88 -8.19 11.12
CA LEU D 68 -40.52 -9.38 10.38
C LEU D 68 -40.83 -10.65 11.14
N THR D 69 -42.01 -10.73 11.74
CA THR D 69 -42.49 -11.93 12.41
C THR D 69 -43.51 -12.62 11.52
N TRP D 70 -43.65 -13.93 11.71
CA TRP D 70 -44.65 -14.69 10.97
C TRP D 70 -45.00 -15.94 11.75
N ASN D 71 -46.11 -16.57 11.36
CA ASN D 71 -46.55 -17.81 11.97
C ASN D 71 -46.07 -18.97 11.12
N PRO D 72 -45.17 -19.83 11.61
CA PRO D 72 -44.63 -20.88 10.73
C PRO D 72 -45.68 -21.86 10.23
N LEU D 73 -46.81 -22.00 10.92
CA LEU D 73 -47.83 -22.92 10.44
C LEU D 73 -48.53 -22.43 9.19
N ASP D 74 -48.46 -21.14 8.88
CA ASP D 74 -49.04 -20.62 7.65
C ASP D 74 -48.12 -20.76 6.45
N TYR D 75 -46.91 -21.29 6.64
CA TYR D 75 -45.93 -21.39 5.57
C TYR D 75 -45.26 -22.75 5.60
N ASN D 76 -46.05 -23.80 5.84
CA ASN D 76 -45.54 -25.16 5.84
C ASN D 76 -44.39 -25.32 6.81
N ASN D 77 -44.46 -24.60 7.93
CA ASN D 77 -43.53 -24.81 9.04
C ASN D 77 -42.13 -24.28 8.73
N ILE D 78 -42.04 -23.13 8.05
CA ILE D 78 -40.77 -22.44 7.90
C ILE D 78 -40.52 -21.62 9.16
N THR D 79 -39.41 -21.89 9.83
CA THR D 79 -39.09 -21.22 11.10
C THR D 79 -37.96 -20.21 10.99
N SER D 80 -37.21 -20.20 9.89
CA SER D 80 -36.14 -19.23 9.75
C SER D 80 -35.77 -19.12 8.29
N ILE D 81 -35.40 -17.92 7.86
CA ILE D 81 -34.98 -17.64 6.50
C ILE D 81 -33.69 -16.85 6.54
N TYR D 82 -33.06 -16.72 5.38
CA TYR D 82 -31.84 -15.94 5.22
C TYR D 82 -32.11 -14.82 4.22
N LEU D 83 -31.94 -13.59 4.66
CA LEU D 83 -32.19 -12.43 3.83
C LEU D 83 -30.89 -11.72 3.49
N PRO D 84 -30.81 -11.06 2.34
CA PRO D 84 -29.66 -10.20 2.07
C PRO D 84 -29.63 -9.05 3.06
N LYS D 85 -28.42 -8.71 3.50
CA LYS D 85 -28.26 -7.72 4.56
C LYS D 85 -28.76 -6.34 4.15
N ASP D 86 -28.81 -6.04 2.86
CA ASP D 86 -29.14 -4.70 2.38
C ASP D 86 -30.62 -4.51 2.09
N LYS D 87 -31.46 -5.50 2.37
CA LYS D 87 -32.90 -5.35 2.21
C LYS D 87 -33.60 -5.01 3.52
N ILE D 88 -32.91 -5.10 4.65
CA ILE D 88 -33.50 -5.04 5.97
C ILE D 88 -32.76 -3.97 6.76
N TRP D 89 -33.44 -3.43 7.77
CA TRP D 89 -32.78 -2.53 8.69
C TRP D 89 -31.70 -3.26 9.46
N THR D 90 -30.57 -2.59 9.66
CA THR D 90 -29.42 -3.15 10.33
C THR D 90 -28.88 -2.07 11.26
N PRO D 91 -28.51 -2.42 12.49
CA PRO D 91 -28.04 -1.40 13.41
C PRO D 91 -26.80 -0.71 12.88
N PRO D 92 -26.68 0.60 13.06
CA PRO D 92 -25.51 1.32 12.53
C PRO D 92 -24.32 1.26 13.50
N ILE D 93 -23.80 0.06 13.72
CA ILE D 93 -22.67 -0.16 14.61
C ILE D 93 -21.39 0.06 13.82
N LYS D 94 -20.44 0.75 14.45
CA LYS D 94 -19.17 1.08 13.82
C LYS D 94 -18.03 0.67 14.73
N MET D 95 -16.89 0.34 14.13
CA MET D 95 -15.66 0.15 14.87
C MET D 95 -14.94 1.50 14.89
N CYS D 96 -15.42 2.36 15.78
CA CYS D 96 -15.06 3.78 15.78
C CYS D 96 -13.77 4.07 16.52
N ASN D 97 -12.90 3.08 16.62
CA ASN D 97 -11.55 3.24 17.12
C ASN D 97 -10.54 2.58 16.19
N SER D 98 -10.99 2.04 15.06
CA SER D 98 -10.21 1.13 14.23
C SER D 98 -10.32 1.55 12.76
N MET D 99 -9.35 1.11 11.97
CA MET D 99 -9.47 1.10 10.52
C MET D 99 -9.98 -0.27 10.09
N ASP D 100 -11.16 -0.31 9.50
CA ASP D 100 -11.78 -1.54 9.05
C ASP D 100 -11.24 -1.85 7.65
N LYS D 101 -10.23 -2.71 7.58
CA LYS D 101 -9.56 -3.03 6.33
C LYS D 101 -10.11 -4.28 5.68
N SER D 102 -11.39 -4.57 5.90
CA SER D 102 -12.02 -5.73 5.31
C SER D 102 -12.33 -5.50 3.83
N GLU D 103 -12.34 -6.57 3.06
CA GLU D 103 -12.74 -6.51 1.66
C GLU D 103 -14.18 -6.97 1.50
N GLU D 104 -14.71 -6.74 0.29
CA GLU D 104 -16.02 -7.28 -0.06
C GLU D 104 -15.95 -8.79 -0.27
N ASN D 105 -14.77 -9.32 -0.55
CA ASN D 105 -14.62 -10.76 -0.70
C ASN D 105 -14.74 -11.48 0.64
N ASP D 106 -14.48 -10.80 1.75
CA ASP D 106 -14.67 -11.33 3.08
C ASP D 106 -15.97 -10.84 3.71
N GLY D 107 -16.87 -10.27 2.91
CA GLY D 107 -18.14 -9.78 3.39
C GLY D 107 -19.25 -10.78 3.16
N VAL D 108 -19.91 -11.18 4.25
CA VAL D 108 -20.96 -12.19 4.15
C VAL D 108 -22.15 -11.64 3.37
N GLY D 109 -22.62 -10.46 3.73
CA GLY D 109 -23.76 -9.88 3.04
C GLY D 109 -25.03 -10.69 3.16
N GLU D 110 -25.35 -11.15 4.37
CA GLU D 110 -26.55 -11.97 4.55
C GLU D 110 -26.78 -12.13 6.05
N LEU D 111 -28.05 -12.28 6.42
CA LEU D 111 -28.42 -12.43 7.83
C LEU D 111 -29.51 -13.47 7.96
N MET D 112 -29.64 -14.02 9.16
CA MET D 112 -30.63 -15.05 9.47
C MET D 112 -31.74 -14.43 10.30
N LEU D 113 -32.98 -14.59 9.85
CA LEU D 113 -34.15 -14.10 10.55
C LEU D 113 -35.00 -15.28 11.00
N THR D 114 -35.46 -15.23 12.24
CA THR D 114 -36.28 -16.28 12.83
C THR D 114 -37.73 -15.82 12.91
N TYR D 115 -38.65 -16.78 12.96
CA TYR D 115 -40.07 -16.45 12.92
C TYR D 115 -40.49 -15.58 14.09
N THR D 116 -39.72 -15.57 15.17
CA THR D 116 -40.03 -14.73 16.32
C THR D 116 -39.53 -13.30 16.16
N GLY D 117 -38.83 -13.00 15.07
CA GLY D 117 -38.31 -11.67 14.82
C GLY D 117 -36.83 -11.52 15.06
N TRP D 118 -36.16 -12.51 15.64
CA TRP D 118 -34.77 -12.36 16.03
C TRP D 118 -33.84 -12.50 14.83
N ILE D 119 -32.95 -11.53 14.67
CA ILE D 119 -31.95 -11.51 13.61
C ILE D 119 -30.58 -11.75 14.22
N ASN D 120 -29.83 -12.67 13.62
CA ASN D 120 -28.41 -12.89 13.83
C ASN D 120 -27.67 -12.48 12.58
N MET D 121 -26.69 -11.59 12.71
CA MET D 121 -25.91 -11.13 11.57
C MET D 121 -24.43 -11.23 11.92
N TRP D 122 -23.71 -12.07 11.18
CA TRP D 122 -22.31 -12.36 11.48
C TRP D 122 -21.42 -11.92 10.33
N SER D 123 -20.19 -11.53 10.66
CA SER D 123 -19.27 -11.05 9.64
C SER D 123 -17.84 -11.22 10.13
N PHE D 124 -16.91 -11.28 9.18
CA PHE D 124 -15.48 -11.27 9.46
C PHE D 124 -14.98 -9.85 9.26
N ARG D 125 -14.14 -9.38 10.17
CA ARG D 125 -13.61 -8.03 10.07
C ARG D 125 -12.13 -8.01 10.42
N LEU D 126 -11.33 -7.50 9.49
CA LEU D 126 -9.92 -7.28 9.72
C LEU D 126 -9.75 -5.84 10.21
N LEU D 127 -9.27 -5.69 11.44
CA LEU D 127 -9.21 -4.38 12.09
C LEU D 127 -7.78 -4.01 12.39
N HIS D 128 -7.43 -2.77 12.05
CA HIS D 128 -6.21 -2.09 12.46
C HIS D 128 -6.62 -1.12 13.55
N THR D 129 -6.55 -1.53 14.81
CA THR D 129 -7.07 -0.71 15.89
C THR D 129 -5.94 -0.06 16.67
N TYR D 130 -6.09 1.23 16.93
CA TYR D 130 -5.05 2.03 17.56
C TYR D 130 -4.89 1.67 19.03
N CYS D 131 -3.64 1.50 19.45
CA CYS D 131 -3.31 1.12 20.81
C CYS D 131 -2.23 2.04 21.33
N GLN D 132 -2.34 2.41 22.61
CA GLN D 132 -1.27 3.14 23.29
C GLN D 132 -0.30 2.11 23.85
N ILE D 133 0.83 1.97 23.19
CA ILE D 133 1.77 0.88 23.46
C ILE D 133 2.84 1.41 24.41
N ASN D 134 2.82 0.94 25.65
CA ASN D 134 3.75 1.39 26.70
C ASN D 134 4.90 0.40 26.77
N ALA D 135 6.03 0.76 26.16
CA ALA D 135 7.21 -0.09 26.12
C ALA D 135 8.13 0.13 27.31
N TYR D 136 7.57 0.54 28.45
CA TYR D 136 8.40 0.87 29.61
C TYR D 136 9.20 -0.32 30.09
N THR D 137 8.57 -1.49 30.17
CA THR D 137 9.20 -2.68 30.71
C THR D 137 9.68 -3.63 29.62
N TYR D 138 10.09 -3.09 28.48
CA TYR D 138 10.52 -3.95 27.39
C TYR D 138 11.75 -4.76 27.82
N PRO D 139 11.86 -6.04 27.42
CA PRO D 139 10.92 -6.86 26.65
C PRO D 139 9.92 -7.64 27.49
N PHE D 140 9.82 -7.32 28.77
CA PHE D 140 8.80 -7.92 29.63
C PHE D 140 7.57 -7.03 29.73
N ASP D 141 7.04 -6.64 28.57
CA ASP D 141 6.02 -5.60 28.50
C ASP D 141 4.63 -6.19 28.36
N GLU D 142 3.65 -5.48 28.93
CA GLU D 142 2.25 -5.83 28.85
C GLU D 142 1.49 -4.64 28.30
N HIS D 143 0.49 -4.89 27.47
CA HIS D 143 -0.28 -3.84 26.83
C HIS D 143 -1.75 -4.13 26.92
N THR D 144 -2.55 -3.08 26.87
CA THR D 144 -4.01 -3.18 26.82
C THR D 144 -4.51 -2.41 25.62
N CYS D 145 -5.18 -3.11 24.71
CA CYS D 145 -5.78 -2.50 23.54
C CYS D 145 -7.30 -2.62 23.67
N GLU D 146 -7.99 -1.49 23.57
CA GLU D 146 -9.44 -1.46 23.70
C GLU D 146 -10.06 -1.37 22.32
N ILE D 147 -10.86 -2.36 21.95
CA ILE D 147 -11.56 -2.35 20.67
C ILE D 147 -12.96 -1.84 20.91
N TYR D 148 -13.31 -0.71 20.29
CA TYR D 148 -14.55 0.00 20.54
C TYR D 148 -15.60 -0.36 19.51
N LEU D 149 -16.82 -0.61 19.98
CA LEU D 149 -18.01 -0.63 19.16
C LEU D 149 -18.91 0.52 19.59
N CYS D 150 -19.57 1.16 18.64
CA CYS D 150 -20.43 2.27 18.99
C CYS D 150 -21.53 2.42 17.95
N VAL D 151 -22.67 2.92 18.40
CA VAL D 151 -23.78 3.24 17.50
C VAL D 151 -23.46 4.56 16.80
N ALA D 152 -23.49 4.55 15.48
CA ALA D 152 -22.92 5.62 14.69
C ALA D 152 -23.51 6.99 15.00
N LEU D 153 -24.79 7.19 14.71
CA LEU D 153 -25.40 8.50 14.75
C LEU D 153 -26.62 8.60 15.64
N HIS D 154 -27.21 7.48 16.05
CA HIS D 154 -28.49 7.49 16.72
C HIS D 154 -28.33 7.66 18.22
N THR D 155 -29.32 8.30 18.82
CA THR D 155 -29.33 8.54 20.25
C THR D 155 -29.58 7.23 20.99
N ILE D 156 -29.21 7.20 22.27
CA ILE D 156 -29.47 6.03 23.09
C ILE D 156 -30.95 5.75 23.24
N ASN D 157 -31.81 6.65 22.78
CA ASN D 157 -33.26 6.44 22.79
C ASN D 157 -33.75 5.71 21.56
N HIS D 158 -32.89 5.47 20.57
CA HIS D 158 -33.26 4.77 19.35
C HIS D 158 -32.58 3.42 19.25
N THR D 159 -31.26 3.37 19.34
CA THR D 159 -30.50 2.14 19.25
C THR D 159 -29.48 2.10 20.36
N ARG D 160 -29.36 0.94 20.98
CA ARG D 160 -28.53 0.75 22.16
C ARG D 160 -27.73 -0.53 22.01
N ILE D 161 -26.47 -0.49 22.43
CA ILE D 161 -25.68 -1.70 22.58
C ILE D 161 -26.02 -2.26 23.96
N LYS D 162 -26.90 -3.25 23.99
CA LYS D 162 -27.28 -3.85 25.26
C LYS D 162 -26.09 -4.47 25.95
N GLU D 163 -25.22 -5.13 25.20
CA GLU D 163 -24.21 -5.98 25.80
C GLU D 163 -23.17 -6.33 24.75
N LEU D 164 -21.93 -6.46 25.18
CA LEU D 164 -20.81 -6.83 24.32
C LEU D 164 -20.16 -8.04 24.95
N ILE D 165 -20.23 -9.18 24.26
CA ILE D 165 -19.64 -10.43 24.70
C ILE D 165 -18.39 -10.63 23.86
N TYR D 166 -17.22 -10.61 24.47
CA TYR D 166 -15.97 -10.70 23.74
C TYR D 166 -15.16 -11.87 24.24
N GLU D 167 -14.63 -12.65 23.31
CA GLU D 167 -13.94 -13.89 23.62
C GLU D 167 -12.80 -14.09 22.66
N ASP D 168 -12.03 -15.15 22.87
CA ASP D 168 -10.98 -15.58 21.97
C ASP D 168 -11.38 -16.92 21.39
N SER D 169 -11.40 -17.02 20.06
CA SER D 169 -11.82 -18.25 19.43
C SER D 169 -10.78 -19.36 19.55
N LYS D 170 -9.53 -19.01 19.83
CA LYS D 170 -8.44 -19.96 19.95
C LYS D 170 -8.15 -20.66 18.62
N PHE D 171 -8.51 -20.04 17.50
CA PHE D 171 -8.30 -20.67 16.21
C PHE D 171 -6.82 -20.88 15.95
N THR D 172 -5.98 -19.91 16.30
CA THR D 172 -4.54 -20.02 16.15
C THR D 172 -3.87 -19.65 17.47
N GLN D 173 -2.69 -20.20 17.68
CA GLN D 173 -1.84 -19.82 18.80
C GLN D 173 -0.77 -18.86 18.30
N ASN D 174 -0.37 -17.95 19.18
CA ASN D 174 0.45 -16.83 18.70
C ASN D 174 1.95 -17.08 18.87
N TYR D 175 2.37 -17.61 20.01
CA TYR D 175 3.78 -17.93 20.25
C TYR D 175 4.63 -16.68 20.46
N LYS D 176 4.04 -15.50 20.32
CA LYS D 176 4.74 -14.25 20.58
C LYS D 176 4.05 -13.40 21.64
N TRP D 177 2.72 -13.38 21.64
CA TRP D 177 1.93 -12.66 22.63
C TRP D 177 1.00 -13.63 23.33
N ASP D 178 0.87 -13.47 24.63
CA ASP D 178 -0.18 -14.13 25.40
C ASP D 178 -1.38 -13.19 25.39
N ILE D 179 -2.45 -13.63 24.74
CA ILE D 179 -3.66 -12.83 24.56
C ILE D 179 -4.66 -13.21 25.64
N ASN D 180 -5.28 -12.20 26.23
CA ASN D 180 -6.32 -12.39 27.23
C ASN D 180 -7.43 -11.42 26.84
N VAL D 181 -8.44 -11.93 26.15
CA VAL D 181 -9.60 -11.14 25.78
C VAL D 181 -10.83 -12.01 26.00
N SER D 182 -11.48 -11.86 27.15
CA SER D 182 -12.62 -12.69 27.49
C SER D 182 -13.44 -11.97 28.53
N GLY D 183 -14.73 -11.82 28.29
CA GLY D 183 -15.59 -11.11 29.20
C GLY D 183 -16.88 -10.69 28.54
N LYS D 184 -17.62 -9.87 29.27
CA LYS D 184 -18.98 -9.52 28.90
C LYS D 184 -19.32 -8.22 29.62
N VAL D 185 -19.54 -7.15 28.87
CA VAL D 185 -19.71 -5.82 29.44
C VAL D 185 -21.01 -5.20 28.93
N ASN D 186 -21.71 -4.49 29.80
CA ASN D 186 -22.87 -3.74 29.37
C ASN D 186 -22.43 -2.53 28.55
N GLY D 187 -23.34 -2.03 27.73
CA GLY D 187 -23.04 -0.84 26.94
C GLY D 187 -23.07 0.42 27.79
N THR D 188 -22.30 1.40 27.36
CA THR D 188 -22.22 2.70 28.03
C THR D 188 -23.08 3.70 27.26
N ASP D 189 -24.10 4.22 27.93
CA ASP D 189 -25.09 5.10 27.29
C ASP D 189 -24.80 6.53 27.71
N GLU D 190 -23.97 7.22 26.92
CA GLU D 190 -23.63 8.63 27.15
C GLU D 190 -23.86 9.38 25.84
N LEU D 191 -25.11 9.76 25.59
CA LEU D 191 -25.50 10.52 24.40
C LEU D 191 -25.43 9.67 23.13
N PHE D 192 -24.89 8.47 23.24
CA PHE D 192 -24.87 7.46 22.20
C PHE D 192 -24.20 6.24 22.80
N SER D 193 -24.65 5.06 22.39
CA SER D 193 -24.24 3.85 23.08
C SER D 193 -22.96 3.29 22.48
N TYR D 194 -22.04 2.89 23.35
CA TYR D 194 -20.81 2.29 22.92
C TYR D 194 -20.34 1.31 23.98
N ALA D 195 -19.29 0.57 23.64
CA ALA D 195 -18.66 -0.39 24.53
C ALA D 195 -17.28 -0.68 23.97
N PHE D 196 -16.46 -1.37 24.76
CA PHE D 196 -15.19 -1.82 24.22
C PHE D 196 -14.74 -3.10 24.89
N ALA D 197 -14.03 -3.91 24.11
CA ALA D 197 -13.40 -5.13 24.59
C ALA D 197 -11.96 -4.82 24.98
N PRO D 198 -11.54 -5.07 26.22
CA PRO D 198 -10.13 -4.90 26.57
C PRO D 198 -9.33 -6.16 26.26
N MET D 199 -8.30 -6.01 25.44
CA MET D 199 -7.43 -7.10 25.02
C MET D 199 -6.10 -6.89 25.73
N TYR D 200 -5.73 -7.83 26.59
CA TYR D 200 -4.46 -7.76 27.31
C TYR D 200 -3.44 -8.64 26.61
N LEU D 201 -2.26 -8.08 26.35
CA LEU D 201 -1.24 -8.75 25.55
C LEU D 201 0.06 -8.73 26.34
N ARG D 202 0.55 -9.90 26.72
CA ARG D 202 1.80 -10.02 27.47
C ARG D 202 2.83 -10.69 26.57
N ARG D 203 3.96 -10.03 26.34
CA ARG D 203 4.95 -10.62 25.47
C ARG D 203 5.47 -11.92 26.08
N LYS D 204 5.52 -12.97 25.26
CA LYS D 204 6.01 -14.26 25.72
C LYS D 204 7.53 -14.26 25.71
N LEU D 205 8.12 -14.85 26.75
CA LEU D 205 9.57 -14.86 26.91
C LEU D 205 10.17 -16.01 26.10
N THR D 206 10.10 -15.84 24.78
CA THR D 206 10.79 -16.75 23.88
C THR D 206 12.28 -16.54 23.99
N VAL D 207 13.05 -17.64 23.92
CA VAL D 207 14.49 -17.54 24.09
C VAL D 207 15.15 -16.77 22.97
N GLY D 208 14.41 -16.39 21.92
CA GLY D 208 14.91 -15.39 21.00
C GLY D 208 15.13 -14.06 21.68
N ILE D 209 14.21 -13.70 22.60
CA ILE D 209 14.42 -12.53 23.43
C ILE D 209 15.71 -12.69 24.22
N ILE D 210 15.94 -13.87 24.78
CA ILE D 210 17.15 -14.11 25.56
C ILE D 210 18.38 -13.94 24.68
N ALA D 211 18.31 -14.44 23.44
CA ALA D 211 19.43 -14.25 22.51
C ALA D 211 19.68 -12.77 22.27
N MET D 212 18.61 -11.99 22.13
CA MET D 212 18.78 -10.55 21.96
C MET D 212 19.45 -9.91 23.18
N LEU D 213 19.11 -10.40 24.38
CA LEU D 213 19.67 -9.81 25.60
C LEU D 213 21.12 -10.22 25.86
N ILE D 214 21.53 -11.44 25.51
CA ILE D 214 22.90 -11.88 25.82
C ILE D 214 23.94 -10.85 25.42
N PRO D 215 23.93 -10.29 24.20
CA PRO D 215 24.93 -9.28 23.88
C PRO D 215 24.91 -8.11 24.84
N THR D 216 23.74 -7.67 25.29
CA THR D 216 23.67 -6.53 26.18
C THR D 216 24.37 -6.82 27.51
N VAL D 217 24.06 -7.97 28.11
CA VAL D 217 24.65 -8.28 29.42
C VAL D 217 26.16 -8.50 29.29
N MET D 218 26.59 -9.24 28.28
CA MET D 218 28.03 -9.49 28.18
C MET D 218 28.77 -8.20 27.86
N MET D 219 28.17 -7.32 27.07
CA MET D 219 28.78 -6.02 26.80
C MET D 219 28.85 -5.17 28.05
N THR D 220 27.85 -5.26 28.92
CA THR D 220 27.94 -4.58 30.21
C THR D 220 29.13 -5.09 31.00
N ILE D 221 29.31 -6.41 31.05
CA ILE D 221 30.44 -6.97 31.78
C ILE D 221 31.76 -6.49 31.18
N LEU D 222 31.86 -6.55 29.86
CA LEU D 222 33.12 -6.17 29.20
C LEU D 222 33.41 -4.69 29.39
N THR D 223 32.38 -3.85 29.33
CA THR D 223 32.57 -2.42 29.58
C THR D 223 33.02 -2.18 31.01
N ILE D 224 32.48 -2.96 31.95
CA ILE D 224 32.92 -2.82 33.34
C ILE D 224 34.41 -3.11 33.45
N PHE D 225 34.87 -4.20 32.82
CA PHE D 225 36.31 -4.46 32.85
C PHE D 225 37.12 -3.36 32.16
N VAL D 226 36.71 -2.93 30.96
CA VAL D 226 37.54 -1.96 30.25
C VAL D 226 37.62 -0.65 31.03
N PHE D 227 36.50 -0.25 31.67
CA PHE D 227 36.55 0.89 32.57
C PHE D 227 37.44 0.60 33.78
N LEU D 228 37.52 -0.66 34.19
CA LEU D 228 38.41 -1.07 35.28
C LEU D 228 39.82 -1.37 34.81
N LEU D 229 40.05 -1.44 33.51
CA LEU D 229 41.36 -1.79 32.98
C LEU D 229 42.42 -0.85 33.57
N PRO D 230 43.63 -1.33 33.81
CA PRO D 230 44.67 -0.47 34.41
C PRO D 230 44.90 0.77 33.55
N PRO D 231 45.24 1.91 34.18
CA PRO D 231 45.40 3.14 33.40
C PRO D 231 46.39 3.03 32.25
N GLU D 232 47.49 2.29 32.45
CA GLU D 232 48.51 2.13 31.42
C GLU D 232 48.68 0.69 30.99
N SER D 233 47.60 -0.07 30.86
CA SER D 233 47.67 -1.46 30.45
C SER D 233 48.40 -1.58 29.11
N GLY D 234 48.03 -0.75 28.14
CA GLY D 234 48.70 -0.74 26.85
C GLY D 234 47.74 -0.75 25.68
N GLU D 235 46.60 -1.44 25.84
CA GLU D 235 45.55 -1.50 24.83
C GLU D 235 44.29 -0.75 25.24
N LYS D 236 44.38 0.09 26.27
CA LYS D 236 43.20 0.79 26.78
C LYS D 236 42.49 1.59 25.68
N VAL D 237 43.25 2.36 24.91
CA VAL D 237 42.67 3.31 23.97
C VAL D 237 41.83 2.59 22.93
N SER D 238 42.44 1.67 22.18
CA SER D 238 41.74 0.99 21.10
C SER D 238 40.57 0.16 21.63
N LEU D 239 40.79 -0.55 22.73
CA LEU D 239 39.73 -1.37 23.31
C LEU D 239 38.53 -0.51 23.68
N ALA D 240 38.76 0.57 24.43
CA ALA D 240 37.67 1.44 24.84
C ALA D 240 36.99 2.06 23.61
N THR D 241 37.77 2.44 22.60
CA THR D 241 37.18 3.02 21.40
C THR D 241 36.22 2.04 20.73
N THR D 242 36.68 0.82 20.48
CA THR D 242 35.82 -0.17 19.84
C THR D 242 34.60 -0.49 20.68
N ILE D 243 34.77 -0.56 22.00
CA ILE D 243 33.64 -0.93 22.85
C ILE D 243 32.62 0.21 22.88
N PHE D 244 33.08 1.46 22.91
CA PHE D 244 32.14 2.57 22.82
C PHE D 244 31.44 2.57 21.47
N LEU D 245 32.15 2.24 20.40
CA LEU D 245 31.50 2.16 19.10
C LEU D 245 30.38 1.13 19.11
N SER D 246 30.64 -0.05 19.69
CA SER D 246 29.62 -1.08 19.77
C SER D 246 28.44 -0.62 20.63
N ASN D 247 28.73 0.05 21.75
CA ASN D 247 27.66 0.56 22.61
C ASN D 247 26.80 1.57 21.86
N VAL D 248 27.43 2.46 21.10
CA VAL D 248 26.67 3.44 20.33
C VAL D 248 25.81 2.75 19.29
N LEU D 249 26.36 1.73 18.63
CA LEU D 249 25.57 0.99 17.65
C LEU D 249 24.34 0.36 18.29
N TYR D 250 24.52 -0.25 19.47
CA TYR D 250 23.38 -0.86 20.15
C TYR D 250 22.36 0.20 20.57
N LEU D 251 22.83 1.32 21.10
CA LEU D 251 21.92 2.38 21.52
C LEU D 251 21.13 2.93 20.34
N VAL D 252 21.78 3.03 19.17
CA VAL D 252 21.09 3.50 17.99
C VAL D 252 20.07 2.47 17.51
N GLN D 253 20.45 1.19 17.53
CA GLN D 253 19.55 0.17 16.99
C GLN D 253 18.34 -0.05 17.88
N ILE D 254 18.49 0.07 19.19
CA ILE D 254 17.34 -0.15 20.07
C ILE D 254 16.29 0.94 19.87
N ASP D 255 16.73 2.18 19.63
CA ASP D 255 15.78 3.27 19.45
C ASP D 255 14.89 3.03 18.24
N LYS D 256 15.46 2.50 17.15
CA LYS D 256 14.68 2.25 15.95
C LYS D 256 13.61 1.19 16.15
N THR D 257 13.67 0.43 17.24
CA THR D 257 12.67 -0.60 17.54
C THR D 257 11.68 -0.17 18.60
N THR D 258 12.13 0.53 19.64
CA THR D 258 11.21 0.95 20.69
C THR D 258 10.32 2.09 20.17
N PRO D 259 9.06 2.13 20.56
CA PRO D 259 8.17 3.19 20.08
C PRO D 259 8.52 4.54 20.70
N THR D 260 8.28 5.59 19.91
CA THR D 260 8.51 6.96 20.34
C THR D 260 7.27 7.61 20.95
N ASN D 261 6.13 6.93 20.91
CA ASN D 261 4.86 7.42 21.47
C ASN D 261 4.49 6.48 22.62
N THR D 262 5.06 6.74 23.80
CA THR D 262 4.90 5.86 24.95
C THR D 262 4.65 6.69 26.20
N LYS D 263 3.85 6.14 27.11
CA LYS D 263 3.60 6.82 28.37
C LYS D 263 4.90 7.03 29.15
N TYR D 264 5.74 5.99 29.23
CA TYR D 264 7.05 6.07 29.85
C TYR D 264 8.08 5.42 28.93
N PRO D 265 9.35 5.78 29.08
CA PRO D 265 10.39 5.18 28.22
C PRO D 265 10.68 3.74 28.63
N SER D 266 11.30 3.01 27.70
CA SER D 266 11.77 1.67 28.00
C SER D 266 12.96 1.74 28.94
N LEU D 267 12.95 0.89 29.98
CA LEU D 267 14.07 0.86 30.91
C LEU D 267 15.34 0.37 30.24
N LEU D 268 15.23 -0.54 29.27
CA LEU D 268 16.41 -1.02 28.58
C LEU D 268 17.11 0.10 27.81
N MET D 269 16.34 1.00 27.22
CA MET D 269 16.96 2.12 26.50
C MET D 269 17.74 3.01 27.47
N LEU D 270 17.17 3.31 28.63
CA LEU D 270 17.89 4.10 29.63
C LEU D 270 19.14 3.37 30.10
N TYR D 271 19.03 2.06 30.31
CA TYR D 271 20.19 1.28 30.76
C TYR D 271 21.31 1.34 29.74
N LEU D 272 20.98 1.18 28.46
CA LEU D 272 22.02 1.24 27.42
C LEU D 272 22.57 2.66 27.27
N MET D 273 21.73 3.68 27.46
CA MET D 273 22.23 5.05 27.45
C MET D 273 23.26 5.26 28.55
N LEU D 274 22.94 4.80 29.77
CA LEU D 274 23.87 4.93 30.87
C LEU D 274 25.15 4.13 30.60
N LEU D 275 25.01 2.96 30.00
CA LEU D 275 26.18 2.15 29.68
C LEU D 275 27.08 2.86 28.68
N SER D 276 26.49 3.46 27.65
CA SER D 276 27.28 4.22 26.68
C SER D 276 27.94 5.43 27.33
N MET D 277 27.22 6.10 28.24
CA MET D 277 27.81 7.23 28.94
C MET D 277 29.03 6.79 29.76
N LEU D 278 28.92 5.66 30.45
CA LEU D 278 30.06 5.17 31.22
C LEU D 278 31.21 4.76 30.32
N SER D 279 30.90 4.17 29.16
CA SER D 279 31.96 3.85 28.21
C SER D 279 32.67 5.11 27.73
N GLY D 280 31.90 6.16 27.44
CA GLY D 280 32.51 7.42 27.06
C GLY D 280 33.36 8.02 28.16
N ILE D 281 32.91 7.92 29.40
CA ILE D 281 33.69 8.42 30.52
C ILE D 281 34.97 7.60 30.67
N ALA D 282 34.91 6.30 30.43
CA ALA D 282 36.11 5.48 30.47
C ALA D 282 37.11 5.91 29.40
N THR D 283 36.61 6.17 28.18
CA THR D 283 37.49 6.67 27.13
C THR D 283 38.09 8.02 27.50
N LEU D 284 37.29 8.89 28.11
CA LEU D 284 37.80 10.18 28.57
C LEU D 284 38.90 10.01 29.61
N GLY D 285 38.71 9.09 30.56
CA GLY D 285 39.74 8.82 31.54
C GLY D 285 41.00 8.28 30.89
N SER D 286 40.85 7.41 29.90
CA SER D 286 42.02 6.91 29.18
C SER D 286 42.75 8.03 28.47
N VAL D 287 42.01 8.96 27.87
CA VAL D 287 42.64 10.11 27.21
C VAL D 287 43.40 10.94 28.22
N VAL D 288 42.80 11.20 29.38
CA VAL D 288 43.47 11.96 30.42
C VAL D 288 44.74 11.26 30.87
N ILE D 289 44.68 9.94 31.04
CA ILE D 289 45.85 9.19 31.44
C ILE D 289 46.95 9.31 30.39
N SER D 290 46.58 9.19 29.12
CA SER D 290 47.56 9.34 28.05
C SER D 290 48.20 10.72 28.08
N LYS D 291 47.40 11.75 28.42
CA LYS D 291 47.96 13.09 28.58
C LYS D 291 49.02 13.11 29.67
N LEU D 292 48.74 12.46 30.80
CA LEU D 292 49.69 12.41 31.90
C LEU D 292 50.77 11.36 31.67
N THR E 1 -48.86 7.74 20.68
CA THR E 1 -47.46 7.76 20.32
C THR E 1 -47.29 7.52 18.83
N PRO E 2 -46.20 8.03 18.24
CA PRO E 2 -45.95 7.77 16.82
C PRO E 2 -45.65 6.29 16.59
N THR E 3 -46.02 5.83 15.40
CA THR E 3 -45.85 4.43 15.03
C THR E 3 -45.06 4.33 13.73
N TYR E 4 -44.83 3.08 13.33
CA TYR E 4 -44.06 2.81 12.11
C TYR E 4 -44.77 3.36 10.88
N GLY E 5 -46.09 3.18 10.81
CA GLY E 5 -46.84 3.68 9.67
C GLY E 5 -46.85 5.20 9.60
N ASP E 6 -46.86 5.86 10.75
CA ASP E 6 -46.80 7.32 10.75
C ASP E 6 -45.50 7.82 10.11
N GLU E 7 -44.38 7.20 10.45
CA GLU E 7 -43.12 7.61 9.86
C GLU E 7 -43.04 7.21 8.39
N ARG E 8 -43.67 6.11 8.00
CA ARG E 8 -43.76 5.81 6.56
C ARG E 8 -44.52 6.91 5.83
N LEU E 9 -45.64 7.37 6.40
CA LEU E 9 -46.40 8.45 5.77
C LEU E 9 -45.55 9.72 5.69
N LEU E 10 -44.85 10.05 6.77
CA LEU E 10 -44.01 11.24 6.78
C LEU E 10 -42.93 11.17 5.72
N ARG E 11 -42.19 10.06 5.66
CA ARG E 11 -41.13 9.93 4.67
C ARG E 11 -41.68 9.91 3.26
N GLU E 12 -42.89 9.37 3.07
CA GLU E 12 -43.51 9.41 1.76
C GLU E 12 -43.82 10.84 1.35
N LYS E 13 -44.32 11.66 2.28
CA LYS E 13 -44.69 13.02 1.91
C LYS E 13 -43.45 13.89 1.71
N LEU E 14 -42.41 13.70 2.51
CA LEU E 14 -41.26 14.59 2.44
C LEU E 14 -40.58 14.53 1.08
N LEU E 15 -40.43 13.34 0.53
CA LEU E 15 -39.64 13.12 -0.68
C LEU E 15 -40.46 13.17 -1.95
N THR E 16 -41.73 13.59 -1.88
CA THR E 16 -42.63 13.48 -3.02
C THR E 16 -42.14 14.30 -4.21
N ASN E 17 -42.03 15.62 -4.07
CA ASN E 17 -41.57 16.49 -5.14
C ASN E 17 -40.19 17.05 -4.83
N TYR E 18 -39.36 16.26 -4.17
CA TYR E 18 -38.04 16.68 -3.75
C TYR E 18 -37.01 16.27 -4.79
N SER E 19 -36.12 17.20 -5.15
CA SER E 19 -35.04 16.94 -6.07
C SER E 19 -33.72 16.99 -5.32
N LYS E 20 -33.01 15.86 -5.31
CA LYS E 20 -31.75 15.77 -4.58
C LYS E 20 -30.69 16.69 -5.15
N SER E 21 -30.77 17.06 -6.42
CA SER E 21 -29.73 17.83 -7.08
C SER E 21 -30.01 19.32 -7.12
N ILE E 22 -31.19 19.76 -6.70
CA ILE E 22 -31.50 21.18 -6.61
C ILE E 22 -31.15 21.66 -5.21
N ARG E 23 -30.48 22.78 -5.14
CA ARG E 23 -30.10 23.36 -3.86
C ARG E 23 -31.36 23.72 -3.08
N PRO E 24 -31.44 23.40 -1.78
CA PRO E 24 -32.73 23.36 -1.09
C PRO E 24 -33.18 24.70 -0.51
N VAL E 25 -33.54 25.62 -1.39
CA VAL E 25 -34.06 26.92 -0.99
C VAL E 25 -35.32 27.19 -1.80
N ILE E 26 -36.31 27.80 -1.15
CA ILE E 26 -37.53 28.17 -1.87
C ILE E 26 -37.19 29.12 -3.01
N ASN E 27 -36.40 30.15 -2.70
CA ASN E 27 -35.94 31.12 -3.68
C ASN E 27 -34.48 30.83 -4.00
N LEU E 28 -34.17 30.67 -5.27
CA LEU E 28 -32.83 30.29 -5.67
C LEU E 28 -31.81 31.38 -5.42
N THR E 29 -32.24 32.59 -5.06
CA THR E 29 -31.33 33.68 -4.76
C THR E 29 -30.73 33.57 -3.36
N LYS E 30 -31.27 32.71 -2.50
CA LYS E 30 -30.77 32.57 -1.14
C LYS E 30 -29.61 31.59 -1.09
N VAL E 31 -28.68 31.85 -0.19
CA VAL E 31 -27.53 30.99 -0.01
C VAL E 31 -27.83 29.97 1.06
N VAL E 32 -27.14 28.83 0.99
CA VAL E 32 -27.20 27.81 2.02
C VAL E 32 -25.99 28.03 2.92
N ASP E 33 -26.22 28.41 4.17
CA ASP E 33 -25.16 28.62 5.14
C ASP E 33 -24.92 27.32 5.88
N VAL E 34 -23.74 26.74 5.69
CA VAL E 34 -23.35 25.48 6.32
C VAL E 34 -22.39 25.83 7.44
N THR E 35 -22.58 25.21 8.61
CA THR E 35 -21.62 25.32 9.70
C THR E 35 -20.97 23.97 9.90
N ALA E 36 -19.64 23.97 9.89
CA ALA E 36 -18.86 22.76 10.01
C ALA E 36 -18.25 22.66 11.41
N LEU E 37 -18.15 21.44 11.91
CA LEU E 37 -17.57 21.15 13.22
C LEU E 37 -16.56 20.04 13.04
N LEU E 38 -15.29 20.33 13.28
CA LEU E 38 -14.21 19.36 13.12
C LEU E 38 -13.63 19.05 14.48
N TYR E 39 -13.77 17.81 14.93
CA TYR E 39 -13.23 17.38 16.22
C TYR E 39 -12.15 16.35 16.00
N LEU E 40 -10.94 16.62 16.45
CA LEU E 40 -9.89 15.62 16.38
C LEU E 40 -10.22 14.49 17.33
N GLN E 41 -10.14 13.24 16.85
CA GLN E 41 -10.26 12.08 17.72
C GLN E 41 -8.89 11.59 18.17
N THR E 42 -8.06 11.15 17.23
CA THR E 42 -6.69 10.78 17.53
C THR E 42 -5.79 11.27 16.42
N LEU E 43 -4.62 11.77 16.80
CA LEU E 43 -3.57 12.14 15.87
C LEU E 43 -2.68 10.92 15.69
N TYR E 44 -2.84 10.23 14.57
CA TYR E 44 -2.12 8.99 14.37
C TYR E 44 -0.63 9.22 14.25
N ASP E 45 -0.23 10.15 13.38
CA ASP E 45 1.20 10.31 13.14
C ASP E 45 1.46 11.66 12.50
N LEU E 46 2.72 12.07 12.53
CA LEU E 46 3.18 13.28 11.87
C LEU E 46 4.44 12.89 11.10
N ASP E 47 4.27 12.59 9.82
CA ASP E 47 5.35 12.05 8.99
C ASP E 47 6.22 13.20 8.48
N PHE E 48 7.47 13.22 8.92
CA PHE E 48 8.38 14.30 8.55
C PHE E 48 8.88 14.15 7.12
N VAL E 49 9.24 12.93 6.71
CA VAL E 49 9.85 12.77 5.40
C VAL E 49 8.83 13.04 4.31
N ASN E 50 7.58 12.64 4.52
CA ASN E 50 6.51 12.92 3.57
C ASN E 50 5.83 14.24 3.80
N ASN E 51 6.15 14.96 4.87
CA ASN E 51 5.54 16.25 5.16
C ASN E 51 4.03 16.13 5.36
N PHE E 52 3.57 15.02 5.91
CA PHE E 52 2.14 14.79 6.09
C PHE E 52 1.82 14.69 7.57
N ILE E 53 0.55 14.85 7.90
CA ILE E 53 0.05 14.49 9.22
C ILE E 53 -1.17 13.60 9.02
N MET E 54 -1.15 12.45 9.66
CA MET E 54 -2.24 11.49 9.59
C MET E 54 -3.06 11.58 10.87
N ALA E 55 -4.36 11.84 10.73
CA ALA E 55 -5.21 11.96 11.89
C ALA E 55 -6.60 11.46 11.55
N ARG E 56 -7.40 11.30 12.61
CA ARG E 56 -8.80 10.90 12.51
C ARG E 56 -9.65 12.02 13.10
N TYR E 57 -10.69 12.41 12.37
CA TYR E 57 -11.55 13.50 12.79
C TYR E 57 -13.00 13.05 12.74
N TYR E 58 -13.82 13.74 13.52
CA TYR E 58 -15.27 13.60 13.48
C TYR E 58 -15.78 14.92 12.93
N LEU E 59 -16.36 14.88 11.73
CA LEU E 59 -16.78 16.06 11.02
C LEU E 59 -18.30 16.10 10.97
N GLY E 60 -18.86 17.23 11.36
CA GLY E 60 -20.29 17.42 11.34
C GLY E 60 -20.67 18.65 10.56
N LEU E 61 -21.62 18.51 9.63
CA LEU E 61 -22.13 19.63 8.86
C LEU E 61 -23.56 19.87 9.28
N ILE E 62 -23.89 21.13 9.55
CA ILE E 62 -25.23 21.51 9.96
C ILE E 62 -25.74 22.56 8.98
N TRP E 63 -26.94 22.34 8.47
CA TRP E 63 -27.55 23.33 7.58
C TRP E 63 -29.06 23.21 7.70
N ILE E 64 -29.79 24.02 6.94
CA ILE E 64 -31.24 24.05 7.00
C ILE E 64 -31.81 23.78 5.62
N ASP E 65 -32.76 22.86 5.55
CA ASP E 65 -33.47 22.51 4.33
C ASP E 65 -34.87 23.07 4.41
N GLU E 66 -35.27 23.83 3.38
CA GLU E 66 -36.59 24.44 3.37
C GLU E 66 -37.66 23.60 2.68
N LYS E 67 -37.27 22.57 1.94
CA LYS E 67 -38.21 21.62 1.36
C LYS E 67 -38.63 20.51 2.32
N LEU E 68 -37.89 20.30 3.40
CA LEU E 68 -38.13 19.15 4.27
C LEU E 68 -38.57 19.58 5.66
N THR E 69 -39.54 20.49 5.74
CA THR E 69 -40.18 20.84 6.99
C THR E 69 -41.55 20.17 7.08
N TRP E 70 -42.03 19.99 8.31
CA TRP E 70 -43.34 19.41 8.51
C TRP E 70 -43.87 19.81 9.87
N ASN E 71 -45.17 19.61 10.07
CA ASN E 71 -45.81 19.91 11.34
C ASN E 71 -45.90 18.64 12.16
N PRO E 72 -45.23 18.54 13.31
CA PRO E 72 -45.26 17.27 14.05
C PRO E 72 -46.64 16.86 14.51
N LEU E 73 -47.58 17.79 14.66
CA LEU E 73 -48.92 17.41 15.11
C LEU E 73 -49.70 16.65 14.05
N ASP E 74 -49.29 16.73 12.79
CA ASP E 74 -49.95 15.98 11.73
C ASP E 74 -49.41 14.56 11.58
N TYR E 75 -48.40 14.19 12.37
CA TYR E 75 -47.77 12.88 12.25
C TYR E 75 -47.55 12.28 13.62
N ASN E 76 -48.53 12.41 14.51
CA ASN E 76 -48.47 11.84 15.83
C ASN E 76 -47.23 12.32 16.58
N ASN E 77 -46.84 13.57 16.34
CA ASN E 77 -45.82 14.22 17.13
C ASN E 77 -44.41 13.68 16.84
N ILE E 78 -44.14 13.39 15.57
CA ILE E 78 -42.78 13.05 15.15
C ILE E 78 -42.02 14.35 14.93
N THR E 79 -40.92 14.53 15.66
CA THR E 79 -40.14 15.76 15.59
C THR E 79 -38.82 15.62 14.85
N SER E 80 -38.36 14.40 14.59
CA SER E 80 -37.13 14.23 13.82
C SER E 80 -37.11 12.83 13.24
N ILE E 81 -36.47 12.71 12.07
CA ILE E 81 -36.30 11.44 11.39
C ILE E 81 -34.84 11.31 10.97
N TYR E 82 -34.50 10.13 10.48
CA TYR E 82 -33.15 9.84 10.00
C TYR E 82 -33.27 9.36 8.56
N LEU E 83 -32.60 10.04 7.64
CA LEU E 83 -32.69 9.71 6.23
C LEU E 83 -31.34 9.24 5.70
N PRO E 84 -31.34 8.37 4.70
CA PRO E 84 -30.07 8.05 4.02
C PRO E 84 -29.49 9.30 3.38
N LYS E 85 -28.17 9.44 3.46
CA LYS E 85 -27.51 10.64 3.00
C LYS E 85 -27.64 10.84 1.50
N ASP E 86 -27.88 9.78 0.74
CA ASP E 86 -27.88 9.85 -0.72
C ASP E 86 -29.25 10.10 -1.31
N LYS E 87 -30.28 10.33 -0.48
CA LYS E 87 -31.60 10.70 -0.96
C LYS E 87 -31.84 12.19 -0.92
N ILE E 88 -30.99 12.95 -0.25
CA ILE E 88 -31.23 14.35 0.08
C ILE E 88 -30.04 15.16 -0.41
N TRP E 89 -30.28 16.44 -0.67
CA TRP E 89 -29.19 17.34 -1.00
C TRP E 89 -28.24 17.47 0.18
N THR E 90 -26.95 17.43 -0.10
CA THR E 90 -25.92 17.53 0.89
C THR E 90 -24.89 18.54 0.40
N PRO E 91 -24.40 19.42 1.27
CA PRO E 91 -23.45 20.43 0.80
C PRO E 91 -22.21 19.79 0.24
N PRO E 92 -21.66 20.33 -0.84
CA PRO E 92 -20.48 19.71 -1.48
C PRO E 92 -19.16 20.17 -0.82
N ILE E 93 -19.00 19.85 0.46
CA ILE E 93 -17.82 20.23 1.20
C ILE E 93 -16.73 19.20 0.97
N LYS E 94 -15.52 19.68 0.71
CA LYS E 94 -14.37 18.83 0.42
C LYS E 94 -13.23 19.17 1.34
N MET E 95 -12.46 18.15 1.72
CA MET E 95 -11.19 18.34 2.41
C MET E 95 -10.12 18.55 1.33
N CYS E 96 -10.09 19.77 0.82
CA CYS E 96 -9.30 20.11 -0.36
C CYS E 96 -7.85 20.45 -0.04
N ASN E 97 -7.33 19.91 1.05
CA ASN E 97 -5.93 19.99 1.40
C ASN E 97 -5.42 18.64 1.89
N SER E 98 -6.22 17.58 1.78
CA SER E 98 -5.97 16.30 2.41
C SER E 98 -6.26 15.18 1.43
N MET E 99 -5.64 14.03 1.69
CA MET E 99 -6.07 12.77 1.10
C MET E 99 -7.05 12.12 2.07
N ASP E 100 -8.29 11.92 1.62
CA ASP E 100 -9.33 11.35 2.45
C ASP E 100 -9.26 9.83 2.31
N LYS E 101 -8.62 9.19 3.29
CA LYS E 101 -8.37 7.75 3.25
C LYS E 101 -9.42 6.97 4.03
N SER E 102 -10.64 7.48 4.09
CA SER E 102 -11.70 6.80 4.79
C SER E 102 -12.25 5.64 3.96
N GLU E 103 -12.79 4.63 4.64
CA GLU E 103 -13.43 3.50 3.98
C GLU E 103 -14.93 3.68 3.98
N GLU E 104 -15.61 2.81 3.23
CA GLU E 104 -17.06 2.73 3.30
C GLU E 104 -17.53 2.03 4.57
N ASN E 105 -16.65 1.27 5.21
CA ASN E 105 -16.97 0.65 6.49
C ASN E 105 -16.98 1.66 7.63
N ASP E 106 -16.28 2.79 7.45
CA ASP E 106 -16.28 3.88 8.42
C ASP E 106 -17.22 5.02 8.01
N GLY E 107 -18.09 4.77 7.03
CA GLY E 107 -19.00 5.78 6.55
C GLY E 107 -20.39 5.62 7.16
N VAL E 108 -20.86 6.69 7.79
CA VAL E 108 -22.17 6.64 8.45
C VAL E 108 -23.28 6.49 7.41
N GLY E 109 -23.27 7.31 6.38
CA GLY E 109 -24.29 7.23 5.35
C GLY E 109 -25.70 7.49 5.85
N GLU E 110 -25.87 8.49 6.71
CA GLU E 110 -27.18 8.80 7.25
C GLU E 110 -27.13 10.14 7.96
N LEU E 111 -28.24 10.88 7.88
CA LEU E 111 -28.31 12.21 8.47
C LEU E 111 -29.61 12.34 9.26
N MET E 112 -29.62 13.29 10.19
CA MET E 112 -30.75 13.48 11.09
C MET E 112 -31.43 14.78 10.72
N LEU E 113 -32.73 14.71 10.42
CA LEU E 113 -33.52 15.85 9.99
C LEU E 113 -34.56 16.17 11.04
N THR E 114 -34.72 17.45 11.33
CA THR E 114 -35.66 17.93 12.33
C THR E 114 -36.84 18.60 11.63
N TYR E 115 -37.96 18.69 12.36
CA TYR E 115 -39.19 19.19 11.73
C TYR E 115 -39.06 20.64 11.30
N THR E 116 -38.13 21.39 11.88
CA THR E 116 -37.91 22.78 11.50
C THR E 116 -37.08 22.91 10.22
N GLY E 117 -36.53 21.82 9.71
CA GLY E 117 -35.71 21.84 8.52
C GLY E 117 -34.22 21.70 8.77
N TRP E 118 -33.79 21.53 10.01
CA TRP E 118 -32.37 21.51 10.33
C TRP E 118 -31.80 20.10 10.17
N ILE E 119 -30.74 19.99 9.38
CA ILE E 119 -30.04 18.73 9.16
C ILE E 119 -28.70 18.77 9.86
N ASN E 120 -28.41 17.72 10.63
CA ASN E 120 -27.10 17.41 11.17
C ASN E 120 -26.57 16.18 10.44
N MET E 121 -25.36 16.26 9.92
CA MET E 121 -24.76 15.12 9.23
C MET E 121 -23.35 14.93 9.77
N TRP E 122 -23.11 13.79 10.42
CA TRP E 122 -21.84 13.52 11.08
C TRP E 122 -21.14 12.34 10.42
N SER E 123 -19.81 12.34 10.47
CA SER E 123 -19.03 11.30 9.81
C SER E 123 -17.66 11.24 10.45
N PHE E 124 -17.01 10.08 10.30
CA PHE E 124 -15.62 9.90 10.69
C PHE E 124 -14.76 9.98 9.44
N ARG E 125 -13.65 10.71 9.52
CA ARG E 125 -12.77 10.88 8.37
C ARG E 125 -11.33 10.71 8.77
N LEU E 126 -10.64 9.80 8.09
CA LEU E 126 -9.21 9.61 8.26
C LEU E 126 -8.50 10.42 7.19
N LEU E 127 -7.72 11.42 7.61
CA LEU E 127 -7.15 12.40 6.70
C LEU E 127 -5.62 12.34 6.75
N HIS E 128 -5.02 12.33 5.57
CA HIS E 128 -3.58 12.51 5.37
C HIS E 128 -3.42 13.93 4.82
N THR E 129 -3.18 14.90 5.69
CA THR E 129 -3.19 16.29 5.28
C THR E 129 -1.78 16.84 5.21
N TYR E 130 -1.48 17.55 4.12
CA TYR E 130 -0.13 18.02 3.85
C TYR E 130 0.22 19.17 4.80
N CYS E 131 1.42 19.07 5.38
CA CYS E 131 1.91 20.06 6.31
C CYS E 131 3.31 20.47 5.90
N GLN E 132 3.61 21.76 6.01
CA GLN E 132 4.98 22.26 5.81
C GLN E 132 5.69 22.16 7.15
N ILE E 133 6.56 21.15 7.27
CA ILE E 133 7.15 20.77 8.54
C ILE E 133 8.51 21.44 8.65
N ASN E 134 8.63 22.41 9.56
CA ASN E 134 9.86 23.19 9.74
C ASN E 134 10.65 22.55 10.89
N ALA E 135 11.68 21.78 10.53
CA ALA E 135 12.54 21.12 11.51
C ALA E 135 13.71 21.98 11.94
N TYR E 136 13.55 23.30 11.89
CA TYR E 136 14.64 24.21 12.23
C TYR E 136 15.15 23.98 13.65
N THR E 137 14.23 23.89 14.62
CA THR E 137 14.58 23.81 16.03
C THR E 137 14.49 22.38 16.55
N TYR E 138 14.79 21.39 15.71
CA TYR E 138 14.70 20.01 16.14
C TYR E 138 15.68 19.76 17.28
N PRO E 139 15.31 18.97 18.30
CA PRO E 139 14.02 18.31 18.55
C PRO E 139 13.05 19.14 19.39
N PHE E 140 13.34 20.42 19.58
CA PHE E 140 12.41 21.34 20.24
C PHE E 140 11.57 22.08 19.22
N ASP E 141 10.92 21.34 18.32
CA ASP E 141 10.30 21.93 17.15
C ASP E 141 8.79 22.07 17.33
N GLU E 142 8.24 23.11 16.72
CA GLU E 142 6.81 23.39 16.71
C GLU E 142 6.35 23.47 15.26
N HIS E 143 5.14 22.99 14.99
CA HIS E 143 4.59 22.99 13.66
C HIS E 143 3.14 23.44 13.68
N THR E 144 2.70 23.96 12.54
CA THR E 144 1.31 24.35 12.34
C THR E 144 0.81 23.66 11.08
N CYS E 145 -0.24 22.86 11.22
CA CYS E 145 -0.87 22.19 10.09
C CYS E 145 -2.27 22.75 9.93
N GLU E 146 -2.59 23.23 8.74
CA GLU E 146 -3.90 23.80 8.46
C GLU E 146 -4.74 22.78 7.73
N ILE E 147 -5.87 22.40 8.31
CA ILE E 147 -6.80 21.46 7.68
C ILE E 147 -7.89 22.28 7.02
N TYR E 148 -8.05 22.14 5.71
CA TYR E 148 -8.93 22.98 4.93
C TYR E 148 -10.26 22.29 4.66
N LEU E 149 -11.35 23.05 4.80
CA LEU E 149 -12.65 22.68 4.27
C LEU E 149 -13.02 23.71 3.22
N CYS E 150 -13.63 23.27 2.13
CA CYS E 150 -14.02 24.22 1.10
C CYS E 150 -15.21 23.67 0.33
N VAL E 151 -16.05 24.58 -0.14
CA VAL E 151 -17.18 24.23 -0.99
C VAL E 151 -16.64 23.89 -2.37
N ALA E 152 -16.98 22.71 -2.87
CA ALA E 152 -16.30 22.13 -4.02
C ALA E 152 -16.35 23.02 -5.25
N LEU E 153 -17.55 23.23 -5.80
CA LEU E 153 -17.71 23.86 -7.10
C LEU E 153 -18.59 25.09 -7.10
N HIS E 154 -19.42 25.27 -6.08
CA HIS E 154 -20.45 26.29 -6.10
C HIS E 154 -19.89 27.63 -5.65
N THR E 155 -20.52 28.69 -6.12
CA THR E 155 -20.11 30.05 -5.79
C THR E 155 -20.60 30.42 -4.39
N ILE E 156 -19.96 31.43 -3.80
CA ILE E 156 -20.40 31.89 -2.49
C ILE E 156 -21.82 32.43 -2.51
N ASN E 157 -22.41 32.59 -3.68
CA ASN E 157 -23.80 33.00 -3.81
C ASN E 157 -24.76 31.82 -3.73
N HIS E 158 -24.25 30.59 -3.69
CA HIS E 158 -25.08 29.39 -3.59
C HIS E 158 -24.88 28.68 -2.27
N THR E 159 -23.64 28.31 -1.95
CA THR E 159 -23.34 27.60 -0.72
C THR E 159 -22.16 28.28 -0.05
N ARG E 160 -22.23 28.37 1.28
CA ARG E 160 -21.26 29.12 2.06
C ARG E 160 -20.96 28.35 3.33
N ILE E 161 -19.69 28.38 3.75
CA ILE E 161 -19.30 27.88 5.06
C ILE E 161 -19.49 29.04 6.02
N LYS E 162 -20.61 29.06 6.73
CA LYS E 162 -20.87 30.14 7.67
C LYS E 162 -19.81 30.18 8.75
N GLU E 163 -19.36 29.02 9.22
CA GLU E 163 -18.53 28.97 10.41
C GLU E 163 -17.82 27.62 10.42
N LEU E 164 -16.68 27.58 11.09
CA LEU E 164 -15.95 26.33 11.29
C LEU E 164 -15.54 26.29 12.76
N ILE E 165 -16.07 25.32 13.49
CA ILE E 165 -15.77 25.12 14.90
C ILE E 165 -14.88 23.90 14.99
N TYR E 166 -13.66 24.08 15.48
CA TYR E 166 -12.70 23.00 15.54
C TYR E 166 -12.20 22.83 16.95
N GLU E 167 -12.15 21.59 17.41
CA GLU E 167 -11.80 21.28 18.79
C GLU E 167 -11.00 19.98 18.82
N ASP E 168 -10.56 19.62 20.02
CA ASP E 168 -9.90 18.34 20.28
C ASP E 168 -10.83 17.53 21.18
N SER E 169 -11.17 16.32 20.73
CA SER E 169 -12.09 15.50 21.51
C SER E 169 -11.44 14.93 22.76
N LYS E 170 -10.11 14.89 22.82
CA LYS E 170 -9.37 14.34 23.94
C LYS E 170 -9.63 12.85 24.12
N PHE E 171 -10.01 12.15 23.05
CA PHE E 171 -10.30 10.73 23.14
C PHE E 171 -9.04 9.96 23.55
N THR E 172 -7.89 10.32 22.99
CA THR E 172 -6.62 9.71 23.34
C THR E 172 -5.61 10.79 23.65
N GLN E 173 -4.63 10.44 24.48
CA GLN E 173 -3.48 11.30 24.74
C GLN E 173 -2.31 10.81 23.90
N ASN E 174 -1.47 11.74 23.46
CA ASN E 174 -0.49 11.39 22.44
C ASN E 174 0.87 11.02 23.03
N TYR E 175 1.33 11.73 24.05
CA TYR E 175 2.60 11.42 24.72
C TYR E 175 3.81 11.75 23.85
N LYS E 176 3.59 12.16 22.62
CA LYS E 176 4.68 12.56 21.73
C LYS E 176 4.54 13.98 21.23
N TRP E 177 3.33 14.41 20.91
CA TRP E 177 3.04 15.77 20.48
C TRP E 177 2.03 16.39 21.43
N ASP E 178 2.25 17.65 21.76
CA ASP E 178 1.27 18.47 22.43
C ASP E 178 0.43 19.13 21.34
N ILE E 179 -0.84 18.74 21.26
CA ILE E 179 -1.76 19.22 20.24
C ILE E 179 -2.56 20.37 20.80
N ASN E 180 -2.71 21.42 20.00
CA ASN E 180 -3.51 22.59 20.35
C ASN E 180 -4.32 22.90 19.10
N VAL E 181 -5.57 22.43 19.07
CA VAL E 181 -6.49 22.71 17.99
C VAL E 181 -7.83 23.03 18.61
N SER E 182 -8.13 24.31 18.78
CA SER E 182 -9.37 24.72 19.42
C SER E 182 -9.67 26.14 19.00
N GLY E 183 -10.87 26.36 18.48
CA GLY E 183 -11.23 27.67 18.00
C GLY E 183 -12.48 27.63 17.13
N LYS E 184 -12.74 28.77 16.52
CA LYS E 184 -13.99 28.99 15.80
C LYS E 184 -13.75 30.16 14.84
N VAL E 185 -13.83 29.90 13.54
CA VAL E 185 -13.45 30.86 12.52
C VAL E 185 -14.56 31.00 11.50
N ASN E 186 -14.85 32.23 11.09
CA ASN E 186 -15.79 32.45 9.99
C ASN E 186 -15.17 31.98 8.68
N GLY E 187 -16.04 31.55 7.76
CA GLY E 187 -15.57 31.13 6.47
C GLY E 187 -15.08 32.30 5.64
N THR E 188 -14.16 32.01 4.73
CA THR E 188 -13.57 33.00 3.85
C THR E 188 -14.23 32.90 2.47
N ASP E 189 -14.79 34.00 1.99
CA ASP E 189 -15.59 34.02 0.77
C ASP E 189 -14.80 34.76 -0.31
N GLU E 190 -14.02 34.01 -1.09
CA GLU E 190 -13.28 34.54 -2.24
C GLU E 190 -13.56 33.63 -3.44
N LEU E 191 -14.68 33.88 -4.12
CA LEU E 191 -15.06 33.15 -5.33
C LEU E 191 -15.53 31.74 -5.02
N PHE E 192 -15.34 31.31 -3.78
CA PHE E 192 -15.87 30.05 -3.25
C PHE E 192 -15.47 30.02 -1.79
N SER E 193 -16.33 29.44 -0.96
CA SER E 193 -16.17 29.56 0.48
C SER E 193 -15.27 28.45 1.00
N TYR E 194 -14.38 28.81 1.92
CA TYR E 194 -13.50 27.84 2.54
C TYR E 194 -13.11 28.36 3.92
N ALA E 195 -12.45 27.48 4.68
CA ALA E 195 -11.94 27.80 6.00
C ALA E 195 -10.91 26.75 6.35
N PHE E 196 -10.15 26.99 7.40
CA PHE E 196 -9.20 25.97 7.84
C PHE E 196 -9.02 26.03 9.35
N ALA E 197 -8.76 24.87 9.91
CA ALA E 197 -8.45 24.72 11.33
C ALA E 197 -6.94 24.68 11.49
N PRO E 198 -6.34 25.56 12.29
CA PRO E 198 -4.90 25.47 12.57
C PRO E 198 -4.65 24.53 13.74
N MET E 199 -3.82 23.52 13.50
CA MET E 199 -3.42 22.54 14.50
C MET E 199 -1.98 22.84 14.85
N TYR E 200 -1.73 23.27 16.08
CA TYR E 200 -0.39 23.55 16.55
C TYR E 200 0.15 22.33 17.29
N LEU E 201 1.34 21.88 16.91
CA LEU E 201 1.92 20.65 17.42
C LEU E 201 3.30 20.96 17.96
N ARG E 202 3.50 20.76 19.26
CA ARG E 202 4.78 20.98 19.91
C ARG E 202 5.34 19.65 20.38
N ARG E 203 6.55 19.30 19.93
CA ARG E 203 7.12 18.03 20.36
C ARG E 203 7.31 18.01 21.86
N LYS E 204 6.86 16.93 22.49
CA LYS E 204 7.01 16.76 23.93
C LYS E 204 8.42 16.26 24.23
N LEU E 205 9.02 16.85 25.27
CA LEU E 205 10.41 16.54 25.63
C LEU E 205 10.44 15.26 26.45
N THR E 206 10.13 14.15 25.79
CA THR E 206 10.32 12.85 26.39
C THR E 206 11.81 12.55 26.55
N VAL E 207 12.15 11.88 27.64
CA VAL E 207 13.56 11.59 27.90
C VAL E 207 14.16 10.62 26.90
N GLY E 208 13.34 10.04 26.02
CA GLY E 208 13.90 9.37 24.86
C GLY E 208 14.65 10.32 23.96
N ILE E 209 14.12 11.54 23.81
CA ILE E 209 14.85 12.58 23.12
C ILE E 209 16.18 12.82 23.82
N ILE E 210 16.16 12.89 25.15
CA ILE E 210 17.38 13.12 25.90
C ILE E 210 18.38 11.99 25.67
N ALA E 211 17.89 10.75 25.62
CA ALA E 211 18.78 9.63 25.32
C ALA E 211 19.40 9.79 23.94
N MET E 212 18.60 10.25 22.97
CA MET E 212 19.16 10.49 21.64
C MET E 212 20.24 11.56 21.67
N LEU E 213 20.06 12.60 22.50
CA LEU E 213 21.03 13.69 22.54
C LEU E 213 22.31 13.34 23.30
N ILE E 214 22.24 12.52 24.36
CA ILE E 214 23.45 12.24 25.15
C ILE E 214 24.63 11.86 24.27
N PRO E 215 24.51 10.94 23.31
CA PRO E 215 25.68 10.65 22.46
C PRO E 215 26.22 11.87 21.77
N THR E 216 25.36 12.78 21.31
CA THR E 216 25.84 13.97 20.60
C THR E 216 26.70 14.84 21.52
N VAL E 217 26.21 15.13 22.72
CA VAL E 217 26.95 16.03 23.61
C VAL E 217 28.24 15.37 24.07
N MET E 218 28.19 14.09 24.45
CA MET E 218 29.43 13.47 24.92
C MET E 218 30.44 13.34 23.79
N MET E 219 29.97 13.09 22.56
CA MET E 219 30.88 13.05 21.42
C MET E 219 31.47 14.42 21.15
N THR E 220 30.71 15.49 21.35
CA THR E 220 31.29 16.83 21.24
C THR E 220 32.42 17.00 22.25
N ILE E 221 32.19 16.59 23.49
CA ILE E 221 33.24 16.71 24.50
C ILE E 221 34.47 15.91 24.10
N LEU E 222 34.26 14.66 23.66
CA LEU E 222 35.40 13.80 23.34
C LEU E 222 36.15 14.33 22.14
N THR E 223 35.44 14.85 21.14
CA THR E 223 36.10 15.45 19.99
C THR E 223 36.90 16.67 20.40
N ILE E 224 36.38 17.45 21.34
CA ILE E 224 37.14 18.60 21.83
C ILE E 224 38.46 18.14 22.44
N PHE E 225 38.41 17.09 23.27
CA PHE E 225 39.68 16.58 23.81
C PHE E 225 40.60 16.04 22.73
N VAL E 226 40.10 15.23 21.79
CA VAL E 226 41.00 14.64 20.82
C VAL E 226 41.64 15.72 19.95
N PHE E 227 40.87 16.76 19.62
CA PHE E 227 41.45 17.91 18.95
C PHE E 227 42.46 18.62 19.84
N LEU E 228 42.24 18.58 21.16
CA LEU E 228 43.18 19.15 22.11
C LEU E 228 44.30 18.20 22.50
N LEU E 229 44.19 16.93 22.11
CA LEU E 229 45.19 15.94 22.48
C LEU E 229 46.58 16.42 22.08
N PRO E 230 47.63 16.10 22.85
CA PRO E 230 48.97 16.57 22.50
C PRO E 230 49.37 16.13 21.10
N PRO E 231 50.16 16.93 20.38
CA PRO E 231 50.50 16.56 19.00
C PRO E 231 51.13 15.19 18.87
N GLU E 232 51.98 14.79 19.82
CA GLU E 232 52.65 13.50 19.78
C GLU E 232 52.28 12.61 20.96
N SER E 233 51.01 12.61 21.37
CA SER E 233 50.57 11.77 22.48
C SER E 233 50.92 10.31 22.23
N GLY E 234 50.62 9.81 21.03
CA GLY E 234 50.94 8.44 20.67
C GLY E 234 49.78 7.71 20.04
N GLU E 235 48.56 7.99 20.49
CA GLU E 235 47.35 7.39 19.95
C GLU E 235 46.50 8.38 19.17
N LYS E 236 47.06 9.55 18.83
CA LYS E 236 46.29 10.59 18.15
C LYS E 236 45.62 10.08 16.88
N VAL E 237 46.38 9.38 16.04
CA VAL E 237 45.91 9.02 14.71
C VAL E 237 44.69 8.12 14.80
N SER E 238 44.82 6.98 15.48
CA SER E 238 43.72 6.03 15.54
C SER E 238 42.50 6.61 16.24
N LEU E 239 42.73 7.32 17.35
CA LEU E 239 41.63 7.92 18.09
C LEU E 239 40.86 8.90 17.22
N ALA E 240 41.58 9.82 16.56
CA ALA E 240 40.91 10.80 15.71
C ALA E 240 40.21 10.11 14.55
N THR E 241 40.81 9.06 13.98
CA THR E 241 40.19 8.35 12.88
C THR E 241 38.85 7.76 13.31
N THR E 242 38.84 7.02 14.41
CA THR E 242 37.61 6.41 14.88
C THR E 242 36.57 7.47 15.24
N ILE E 243 36.98 8.57 15.86
CA ILE E 243 36.03 9.60 16.26
C ILE E 243 35.44 10.30 15.04
N PHE E 244 36.24 10.56 14.02
CA PHE E 244 35.68 11.11 12.79
C PHE E 244 34.73 10.12 12.14
N LEU E 245 35.05 8.83 12.18
CA LEU E 245 34.13 7.84 11.62
C LEU E 245 32.79 7.91 12.35
N SER E 246 32.82 7.97 13.68
CA SER E 246 31.57 8.04 14.43
C SER E 246 30.81 9.33 14.13
N ASN E 247 31.52 10.46 14.01
CA ASN E 247 30.87 11.71 13.68
C ASN E 247 30.21 11.64 12.31
N VAL E 248 30.89 11.04 11.34
CA VAL E 248 30.31 10.88 10.00
C VAL E 248 29.07 10.00 10.06
N LEU E 249 29.13 8.92 10.84
CA LEU E 249 27.96 8.06 10.95
C LEU E 249 26.78 8.82 11.53
N TYR E 250 27.01 9.62 12.58
CA TYR E 250 25.92 10.41 13.16
C TYR E 250 25.39 11.43 12.15
N LEU E 251 26.28 12.11 11.44
CA LEU E 251 25.84 13.11 10.47
C LEU E 251 25.02 12.46 9.36
N VAL E 252 25.38 11.24 8.96
CA VAL E 252 24.62 10.53 7.95
C VAL E 252 23.26 10.11 8.49
N GLN E 253 23.22 9.62 9.73
CA GLN E 253 21.97 9.10 10.26
C GLN E 253 20.97 10.22 10.56
N ILE E 254 21.44 11.40 10.96
CA ILE E 254 20.52 12.49 11.26
C ILE E 254 19.83 12.97 9.99
N ASP E 255 20.55 12.98 8.87
CA ASP E 255 19.97 13.46 7.62
C ASP E 255 18.81 12.59 7.20
N LYS E 256 18.93 11.27 7.38
CA LYS E 256 17.87 10.35 6.99
C LYS E 256 16.59 10.54 7.81
N THR E 257 16.66 11.27 8.93
CA THR E 257 15.50 11.53 9.76
C THR E 257 14.94 12.94 9.58
N THR E 258 15.80 13.94 9.45
CA THR E 258 15.32 15.30 9.27
C THR E 258 14.73 15.47 7.87
N PRO E 259 13.66 16.25 7.73
CA PRO E 259 13.05 16.40 6.41
C PRO E 259 13.89 17.27 5.49
N THR E 260 13.81 16.97 4.20
CA THR E 260 14.53 17.70 3.16
C THR E 260 13.70 18.83 2.57
N ASN E 261 12.43 18.94 2.94
CA ASN E 261 11.54 20.00 2.46
C ASN E 261 11.17 20.86 3.67
N THR E 262 12.03 21.81 3.99
CA THR E 262 11.90 22.63 5.19
C THR E 262 12.18 24.07 4.87
N LYS E 263 11.48 24.97 5.57
CA LYS E 263 11.74 26.39 5.40
C LYS E 263 13.17 26.74 5.77
N TYR E 264 13.65 26.22 6.89
CA TYR E 264 15.03 26.38 7.34
C TYR E 264 15.59 25.03 7.76
N PRO E 265 16.92 24.88 7.75
CA PRO E 265 17.52 23.60 8.16
C PRO E 265 17.44 23.40 9.66
N SER E 266 17.61 22.15 10.07
CA SER E 266 17.70 21.84 11.50
C SER E 266 19.03 22.34 12.05
N LEU E 267 18.97 23.03 13.19
CA LEU E 267 20.20 23.51 13.81
C LEU E 267 21.09 22.35 14.26
N LEU E 268 20.49 21.24 14.69
CA LEU E 268 21.30 20.10 15.11
C LEU E 268 22.11 19.55 13.95
N MET E 269 21.54 19.54 12.75
CA MET E 269 22.28 19.07 11.59
C MET E 269 23.49 19.96 11.32
N LEU E 270 23.32 21.27 11.39
CA LEU E 270 24.44 22.18 11.20
C LEU E 270 25.49 21.99 12.29
N TYR E 271 25.04 21.80 13.53
CA TYR E 271 25.98 21.58 14.63
C TYR E 271 26.81 20.33 14.40
N LEU E 272 26.17 19.24 14.00
CA LEU E 272 26.91 18.01 13.76
C LEU E 272 27.81 18.13 12.53
N MET E 273 27.39 18.88 11.52
CA MET E 273 28.26 19.13 10.37
C MET E 273 29.52 19.87 10.81
N LEU E 274 29.37 20.92 11.62
CA LEU E 274 30.53 21.64 12.12
C LEU E 274 31.40 20.75 12.98
N LEU E 275 30.78 19.90 13.80
CA LEU E 275 31.55 18.99 14.64
C LEU E 275 32.38 18.03 13.79
N SER E 276 31.78 17.48 12.73
CA SER E 276 32.53 16.60 11.85
C SER E 276 33.64 17.35 11.13
N MET E 277 33.38 18.60 10.74
CA MET E 277 34.43 19.39 10.09
C MET E 277 35.61 19.60 11.04
N LEU E 278 35.32 19.90 12.31
CA LEU E 278 36.40 20.09 13.27
C LEU E 278 37.14 18.78 13.53
N SER E 279 36.42 17.65 13.55
CA SER E 279 37.10 16.36 13.68
C SER E 279 38.03 16.11 12.51
N GLY E 280 37.57 16.43 11.30
CA GLY E 280 38.42 16.27 10.12
C GLY E 280 39.64 17.18 10.18
N ILE E 281 39.46 18.41 10.65
CA ILE E 281 40.59 19.32 10.79
C ILE E 281 41.57 18.80 11.84
N ALA E 282 41.07 18.19 12.91
CA ALA E 282 41.95 17.60 13.90
C ALA E 282 42.76 16.46 13.31
N THR E 283 42.10 15.61 12.51
CA THR E 283 42.83 14.52 11.85
C THR E 283 43.88 15.08 10.88
N LEU E 284 43.53 16.16 10.17
CA LEU E 284 44.49 16.81 9.28
C LEU E 284 45.69 17.33 10.06
N GLY E 285 45.45 17.97 11.20
CA GLY E 285 46.55 18.44 12.03
C GLY E 285 47.41 17.30 12.53
N SER E 286 46.79 16.18 12.91
CA SER E 286 47.55 15.01 13.32
C SER E 286 48.43 14.49 12.18
N VAL E 287 47.87 14.47 10.96
CA VAL E 287 48.65 14.04 9.80
C VAL E 287 49.85 14.96 9.59
N VAL E 288 49.61 16.27 9.68
CA VAL E 288 50.70 17.22 9.51
C VAL E 288 51.77 17.01 10.57
N ILE E 289 51.35 16.78 11.82
CA ILE E 289 52.30 16.53 12.90
C ILE E 289 53.12 15.29 12.60
N SER E 290 52.46 14.22 12.15
CA SER E 290 53.18 13.00 11.80
C SER E 290 54.18 13.25 10.69
N LYS E 291 53.84 14.13 9.73
CA LYS E 291 54.79 14.50 8.70
C LYS E 291 56.03 15.16 9.30
N LEU E 292 55.82 16.05 10.27
CA LEU E 292 56.93 16.74 10.93
C LEU E 292 57.57 15.86 11.99
#